data_6DY5
# 
_entry.id   6DY5 
# 
_audit_conform.dict_name       mmcif_pdbx.dic 
_audit_conform.dict_version    5.387 
_audit_conform.dict_location   http://mmcif.pdb.org/dictionaries/ascii/mmcif_pdbx.dic 
# 
loop_
_database_2.database_id 
_database_2.database_code 
_database_2.pdbx_database_accession 
_database_2.pdbx_DOI 
PDB   6DY5         pdb_00006dy5 10.2210/pdb6dy5/pdb 
WWPDB D_1000235405 ?            ?                   
# 
loop_
_pdbx_audit_revision_history.ordinal 
_pdbx_audit_revision_history.data_content_type 
_pdbx_audit_revision_history.major_revision 
_pdbx_audit_revision_history.minor_revision 
_pdbx_audit_revision_history.revision_date 
1 'Structure model' 1 0 2019-01-23 
2 'Structure model' 1 1 2019-12-04 
3 'Structure model' 1 2 2024-03-13 
# 
_pdbx_audit_revision_details.ordinal             1 
_pdbx_audit_revision_details.revision_ordinal    1 
_pdbx_audit_revision_details.data_content_type   'Structure model' 
_pdbx_audit_revision_details.provider            repository 
_pdbx_audit_revision_details.type                'Initial release' 
_pdbx_audit_revision_details.description         ? 
_pdbx_audit_revision_details.details             ? 
# 
loop_
_pdbx_audit_revision_group.ordinal 
_pdbx_audit_revision_group.revision_ordinal 
_pdbx_audit_revision_group.data_content_type 
_pdbx_audit_revision_group.group 
1 2 'Structure model' 'Author supporting evidence' 
2 3 'Structure model' 'Data collection'            
3 3 'Structure model' 'Database references'        
4 3 'Structure model' 'Derived calculations'       
# 
loop_
_pdbx_audit_revision_category.ordinal 
_pdbx_audit_revision_category.revision_ordinal 
_pdbx_audit_revision_category.data_content_type 
_pdbx_audit_revision_category.category 
1 2 'Structure model' pdbx_audit_support     
2 3 'Structure model' chem_comp_atom         
3 3 'Structure model' chem_comp_bond         
4 3 'Structure model' database_2             
5 3 'Structure model' pdbx_struct_conn_angle 
6 3 'Structure model' struct_conn            
# 
loop_
_pdbx_audit_revision_item.ordinal 
_pdbx_audit_revision_item.revision_ordinal 
_pdbx_audit_revision_item.data_content_type 
_pdbx_audit_revision_item.item 
1  2 'Structure model' '_pdbx_audit_support.funding_organization'  
2  2 'Structure model' '_pdbx_audit_support.grant_number'          
3  3 'Structure model' '_database_2.pdbx_DOI'                      
4  3 'Structure model' '_database_2.pdbx_database_accession'       
5  3 'Structure model' '_pdbx_struct_conn_angle.ptnr1_auth_seq_id' 
6  3 'Structure model' '_pdbx_struct_conn_angle.ptnr3_auth_seq_id' 
7  3 'Structure model' '_pdbx_struct_conn_angle.value'             
8  3 'Structure model' '_struct_conn.pdbx_dist_value'              
9  3 'Structure model' '_struct_conn.ptnr1_auth_asym_id'           
10 3 'Structure model' '_struct_conn.ptnr1_auth_comp_id'           
11 3 'Structure model' '_struct_conn.ptnr1_auth_seq_id'            
12 3 'Structure model' '_struct_conn.ptnr1_label_asym_id'          
13 3 'Structure model' '_struct_conn.ptnr1_label_atom_id'          
14 3 'Structure model' '_struct_conn.ptnr1_label_comp_id'          
15 3 'Structure model' '_struct_conn.ptnr1_label_seq_id'           
16 3 'Structure model' '_struct_conn.ptnr2_auth_asym_id'           
17 3 'Structure model' '_struct_conn.ptnr2_auth_comp_id'           
18 3 'Structure model' '_struct_conn.ptnr2_auth_seq_id'            
19 3 'Structure model' '_struct_conn.ptnr2_label_asym_id'          
20 3 'Structure model' '_struct_conn.ptnr2_label_atom_id'          
21 3 'Structure model' '_struct_conn.ptnr2_label_comp_id'          
# 
_pdbx_database_status.status_code                     REL 
_pdbx_database_status.status_code_sf                  REL 
_pdbx_database_status.status_code_mr                  ? 
_pdbx_database_status.entry_id                        6DY5 
_pdbx_database_status.recvd_initial_deposition_date   2018-07-01 
_pdbx_database_status.SG_entry                        N 
_pdbx_database_status.deposit_site                    RCSB 
_pdbx_database_status.process_site                    RCSB 
_pdbx_database_status.status_code_cs                  ? 
_pdbx_database_status.methods_development_category    ? 
_pdbx_database_status.pdb_format_compatible           Y 
_pdbx_database_status.status_code_nmr_data            ? 
# 
loop_
_audit_author.name 
_audit_author.pdbx_ordinal 
_audit_author.identifier_ORCID 
'Hou, C.'        1 ? 
'Tsodikov, O.V.' 2 ? 
# 
_citation.abstract                  ? 
_citation.abstract_id_CAS           ? 
_citation.book_id_ISBN              ? 
_citation.book_publisher            ? 
_citation.book_publisher_city       ? 
_citation.book_title                ? 
_citation.coordinate_linkage        ? 
_citation.country                   DK 
_citation.database_id_Medline       ? 
_citation.details                   ? 
_citation.id                        primary 
_citation.journal_abbrev            'Acta Crystallogr.,Sect.D' 
_citation.journal_id_ASTM           ABCRE6 
_citation.journal_id_CSD            0766 
_citation.journal_id_ISSN           0907-4449 
_citation.journal_full              ? 
_citation.journal_issue             ? 
_citation.journal_volume            75 
_citation.language                  ? 
_citation.page_first                32 
_citation.page_last                 ? 
_citation.title                     
'Utilizing guanine coordinated Zn2+ to determine DNA crystal structures by single-wavelength anomalous diffraction' 
_citation.year                      2019 
_citation.database_id_CSD           ? 
_citation.pdbx_database_id_DOI      ? 
_citation.pdbx_database_id_PubMed   ? 
_citation.unpublished_flag          ? 
# 
loop_
_citation_author.citation_id 
_citation_author.name 
_citation_author.ordinal 
_citation_author.identifier_ORCID 
primary 'Hou, C.'        1 ? 
primary 'Tsodikov, O.V.' 2 ? 
# 
loop_
_entity.id 
_entity.type 
_entity.src_method 
_entity.pdbx_description 
_entity.formula_weight 
_entity.pdbx_number_of_molecules 
_entity.pdbx_ec 
_entity.pdbx_mutation 
_entity.pdbx_fragment 
_entity.details 
1 polymer     syn 
;DNA (5'-D(*AP*GP*GP*GP*AP*TP*CP*CP*CP*T)-3')
;
3045.005 2  ? ? ? ? 
2 non-polymer syn SPERMIDINE                                     145.246  1  ? ? ? ? 
3 non-polymer syn 'ZINC ION'                                     65.409   3  ? ? ? ? 
4 water       nat water                                          18.015   96 ? ? ? ? 
# 
_entity_poly.entity_id                      1 
_entity_poly.type                           polydeoxyribonucleotide 
_entity_poly.nstd_linkage                   no 
_entity_poly.nstd_monomer                   no 
_entity_poly.pdbx_seq_one_letter_code       '(DA)(DG)(DG)(DG)(DA)(DT)(DC)(DC)(DC)(DT)' 
_entity_poly.pdbx_seq_one_letter_code_can   AGGGATCCCT 
_entity_poly.pdbx_strand_id                 A,B 
_entity_poly.pdbx_target_identifier         ? 
# 
loop_
_pdbx_entity_nonpoly.entity_id 
_pdbx_entity_nonpoly.name 
_pdbx_entity_nonpoly.comp_id 
2 SPERMIDINE SPD 
3 'ZINC ION' ZN  
4 water      HOH 
# 
loop_
_entity_poly_seq.entity_id 
_entity_poly_seq.num 
_entity_poly_seq.mon_id 
_entity_poly_seq.hetero 
1 1  DA n 
1 2  DG n 
1 3  DG n 
1 4  DG n 
1 5  DA n 
1 6  DT n 
1 7  DC n 
1 8  DC n 
1 9  DC n 
1 10 DT n 
# 
_pdbx_entity_src_syn.entity_id              1 
_pdbx_entity_src_syn.pdbx_src_id            1 
_pdbx_entity_src_syn.pdbx_alt_source_flag   sample 
_pdbx_entity_src_syn.pdbx_beg_seq_num       1 
_pdbx_entity_src_syn.pdbx_end_seq_num       10 
_pdbx_entity_src_syn.organism_scientific    'synthetic construct' 
_pdbx_entity_src_syn.organism_common_name   ? 
_pdbx_entity_src_syn.ncbi_taxonomy_id       32630 
_pdbx_entity_src_syn.details                ? 
# 
loop_
_chem_comp.id 
_chem_comp.type 
_chem_comp.mon_nstd_flag 
_chem_comp.name 
_chem_comp.pdbx_synonyms 
_chem_comp.formula 
_chem_comp.formula_weight 
DA  'DNA linking' y "2'-DEOXYADENOSINE-5'-MONOPHOSPHATE" ?                                              'C10 H14 N5 O6 P' 331.222 
DC  'DNA linking' y "2'-DEOXYCYTIDINE-5'-MONOPHOSPHATE"  ?                                              'C9 H14 N3 O7 P'  307.197 
DG  'DNA linking' y "2'-DEOXYGUANOSINE-5'-MONOPHOSPHATE" ?                                              'C10 H14 N5 O7 P' 347.221 
DT  'DNA linking' y "THYMIDINE-5'-MONOPHOSPHATE"         ?                                              'C10 H15 N2 O8 P' 322.208 
HOH non-polymer   . WATER                                ?                                              'H2 O'            18.015  
SPD non-polymer   . SPERMIDINE                           'N-(2-AMINO-PROPYL)-1,4-DIAMINOBUTANE; PA(34)' 'C7 H19 N3'       145.246 
ZN  non-polymer   . 'ZINC ION'                           ?                                              'Zn 2'            65.409  
# 
loop_
_pdbx_poly_seq_scheme.asym_id 
_pdbx_poly_seq_scheme.entity_id 
_pdbx_poly_seq_scheme.seq_id 
_pdbx_poly_seq_scheme.mon_id 
_pdbx_poly_seq_scheme.ndb_seq_num 
_pdbx_poly_seq_scheme.pdb_seq_num 
_pdbx_poly_seq_scheme.auth_seq_num 
_pdbx_poly_seq_scheme.pdb_mon_id 
_pdbx_poly_seq_scheme.auth_mon_id 
_pdbx_poly_seq_scheme.pdb_strand_id 
_pdbx_poly_seq_scheme.pdb_ins_code 
_pdbx_poly_seq_scheme.hetero 
A 1 1  DA 1  0  0  DA DA A . n 
A 1 2  DG 2  1  1  DG DG A . n 
A 1 3  DG 3  2  2  DG DG A . n 
A 1 4  DG 4  3  3  DG DG A . n 
A 1 5  DA 5  4  4  DA DA A . n 
A 1 6  DT 6  5  5  DT DT A . n 
A 1 7  DC 7  6  6  DC DC A . n 
A 1 8  DC 8  7  7  DC DC A . n 
A 1 9  DC 9  8  8  DC DC A . n 
A 1 10 DT 10 9  9  DT DT A . n 
B 1 1  DA 1  8  8  DA DA B . n 
B 1 2  DG 2  9  9  DG DG B . n 
B 1 3  DG 3  10 10 DG DG B . n 
B 1 4  DG 4  11 11 DG DG B . n 
B 1 5  DA 5  12 12 DA DA B . n 
B 1 6  DT 6  13 13 DT DT B . n 
B 1 7  DC 7  14 14 DC DC B . n 
B 1 8  DC 8  15 15 DC DC B . n 
B 1 9  DC 9  16 16 DC DC B . n 
B 1 10 DT 10 17 17 DT DT B . n 
# 
loop_
_pdbx_nonpoly_scheme.asym_id 
_pdbx_nonpoly_scheme.entity_id 
_pdbx_nonpoly_scheme.mon_id 
_pdbx_nonpoly_scheme.ndb_seq_num 
_pdbx_nonpoly_scheme.pdb_seq_num 
_pdbx_nonpoly_scheme.auth_seq_num 
_pdbx_nonpoly_scheme.pdb_mon_id 
_pdbx_nonpoly_scheme.auth_mon_id 
_pdbx_nonpoly_scheme.pdb_strand_id 
_pdbx_nonpoly_scheme.pdb_ins_code 
C 2 SPD 1  101 500 SPD SPD A . 
D 3 ZN  1  102 1   ZN  ZN  A . 
E 3 ZN  1  101 1   ZN  ZN  B . 
F 3 ZN  1  102 1   ZN  ZN  B . 
G 4 HOH 1  201 8   HOH HOH A . 
G 4 HOH 2  202 23  HOH HOH A . 
G 4 HOH 3  203 106 HOH HOH A . 
G 4 HOH 4  204 66  HOH HOH A . 
G 4 HOH 5  205 103 HOH HOH A . 
G 4 HOH 6  206 7   HOH HOH A . 
G 4 HOH 7  207 83  HOH HOH A . 
G 4 HOH 8  208 80  HOH HOH A . 
G 4 HOH 9  209 105 HOH HOH A . 
G 4 HOH 10 210 122 HOH HOH A . 
G 4 HOH 11 211 81  HOH HOH A . 
G 4 HOH 12 212 51  HOH HOH A . 
G 4 HOH 13 213 19  HOH HOH A . 
G 4 HOH 14 214 30  HOH HOH A . 
G 4 HOH 15 215 12  HOH HOH A . 
G 4 HOH 16 216 36  HOH HOH A . 
G 4 HOH 17 217 111 HOH HOH A . 
G 4 HOH 18 218 25  HOH HOH A . 
G 4 HOH 19 219 24  HOH HOH A . 
G 4 HOH 20 220 68  HOH HOH A . 
G 4 HOH 21 221 91  HOH HOH A . 
G 4 HOH 22 222 4   HOH HOH A . 
G 4 HOH 23 223 90  HOH HOH A . 
G 4 HOH 24 224 39  HOH HOH A . 
G 4 HOH 25 225 6   HOH HOH A . 
G 4 HOH 26 226 57  HOH HOH A . 
G 4 HOH 27 227 89  HOH HOH A . 
G 4 HOH 28 228 58  HOH HOH A . 
G 4 HOH 29 229 28  HOH HOH A . 
G 4 HOH 30 230 29  HOH HOH A . 
G 4 HOH 31 231 104 HOH HOH A . 
G 4 HOH 32 232 42  HOH HOH A . 
G 4 HOH 33 233 69  HOH HOH A . 
G 4 HOH 34 234 72  HOH HOH A . 
G 4 HOH 35 235 108 HOH HOH A . 
G 4 HOH 36 236 61  HOH HOH A . 
G 4 HOH 37 237 71  HOH HOH A . 
G 4 HOH 38 238 20  HOH HOH A . 
G 4 HOH 39 239 45  HOH HOH A . 
G 4 HOH 40 240 34  HOH HOH A . 
G 4 HOH 41 241 63  HOH HOH A . 
G 4 HOH 42 242 88  HOH HOH A . 
G 4 HOH 43 243 49  HOH HOH A . 
G 4 HOH 44 244 82  HOH HOH A . 
G 4 HOH 45 245 31  HOH HOH A . 
G 4 HOH 46 246 75  HOH HOH A . 
G 4 HOH 47 247 43  HOH HOH A . 
G 4 HOH 48 248 107 HOH HOH A . 
G 4 HOH 49 249 112 HOH HOH A . 
G 4 HOH 50 250 73  HOH HOH A . 
G 4 HOH 51 251 53  HOH HOH A . 
H 4 HOH 1  201 84  HOH HOH B . 
H 4 HOH 2  202 85  HOH HOH B . 
H 4 HOH 3  203 98  HOH HOH B . 
H 4 HOH 4  204 115 HOH HOH B . 
H 4 HOH 5  205 14  HOH HOH B . 
H 4 HOH 6  206 114 HOH HOH B . 
H 4 HOH 7  207 67  HOH HOH B . 
H 4 HOH 8  208 101 HOH HOH B . 
H 4 HOH 9  209 2   HOH HOH B . 
H 4 HOH 10 210 17  HOH HOH B . 
H 4 HOH 11 211 120 HOH HOH B . 
H 4 HOH 12 212 95  HOH HOH B . 
H 4 HOH 13 213 10  HOH HOH B . 
H 4 HOH 14 214 21  HOH HOH B . 
H 4 HOH 15 215 119 HOH HOH B . 
H 4 HOH 16 216 16  HOH HOH B . 
H 4 HOH 17 217 32  HOH HOH B . 
H 4 HOH 18 218 48  HOH HOH B . 
H 4 HOH 19 219 94  HOH HOH B . 
H 4 HOH 20 220 99  HOH HOH B . 
H 4 HOH 21 221 54  HOH HOH B . 
H 4 HOH 22 222 93  HOH HOH B . 
H 4 HOH 23 223 109 HOH HOH B . 
H 4 HOH 24 224 38  HOH HOH B . 
H 4 HOH 25 225 92  HOH HOH B . 
H 4 HOH 26 226 102 HOH HOH B . 
H 4 HOH 27 227 37  HOH HOH B . 
H 4 HOH 28 228 121 HOH HOH B . 
H 4 HOH 29 229 117 HOH HOH B . 
H 4 HOH 30 230 27  HOH HOH B . 
H 4 HOH 31 231 5   HOH HOH B . 
H 4 HOH 32 232 1   HOH HOH B . 
H 4 HOH 33 233 113 HOH HOH B . 
H 4 HOH 34 234 110 HOH HOH B . 
H 4 HOH 35 235 70  HOH HOH B . 
H 4 HOH 36 236 116 HOH HOH B . 
H 4 HOH 37 237 100 HOH HOH B . 
H 4 HOH 38 238 118 HOH HOH B . 
H 4 HOH 39 239 22  HOH HOH B . 
H 4 HOH 40 240 55  HOH HOH B . 
H 4 HOH 41 241 26  HOH HOH B . 
H 4 HOH 42 242 52  HOH HOH B . 
H 4 HOH 43 243 78  HOH HOH B . 
H 4 HOH 44 244 97  HOH HOH B . 
H 4 HOH 45 245 76  HOH HOH B . 
# 
_pdbx_unobs_or_zero_occ_atoms.id               1 
_pdbx_unobs_or_zero_occ_atoms.PDB_model_num    1 
_pdbx_unobs_or_zero_occ_atoms.polymer_flag     N 
_pdbx_unobs_or_zero_occ_atoms.occupancy_flag   1 
_pdbx_unobs_or_zero_occ_atoms.auth_asym_id     A 
_pdbx_unobs_or_zero_occ_atoms.auth_comp_id     SPD 
_pdbx_unobs_or_zero_occ_atoms.auth_seq_id      101 
_pdbx_unobs_or_zero_occ_atoms.PDB_ins_code     ? 
_pdbx_unobs_or_zero_occ_atoms.auth_atom_id     N1 
_pdbx_unobs_or_zero_occ_atoms.label_alt_id     ? 
_pdbx_unobs_or_zero_occ_atoms.label_asym_id    C 
_pdbx_unobs_or_zero_occ_atoms.label_comp_id    SPD 
_pdbx_unobs_or_zero_occ_atoms.label_seq_id     1 
_pdbx_unobs_or_zero_occ_atoms.label_atom_id    N1 
# 
loop_
_software.citation_id 
_software.classification 
_software.compiler_name 
_software.compiler_version 
_software.contact_author 
_software.contact_author_email 
_software.date 
_software.description 
_software.dependencies 
_software.hardware 
_software.language 
_software.location 
_software.mods 
_software.name 
_software.os 
_software.os_version 
_software.type 
_software.version 
_software.pdbx_ordinal 
? refinement       ? ? ? ? ? ? ? ? ? ? ? REFMAC   ? ? ? 5.8.0135 1 
? 'data reduction' ? ? ? ? ? ? ? ? ? ? ? HKL-2000 ? ? ? .        2 
? 'data scaling'   ? ? ? ? ? ? ? ? ? ? ? HKL-2000 ? ? ? .        3 
? phasing          ? ? ? ? ? ? ? ? ? ? ? AutoSol  ? ? ? .        4 
# 
_cell.angle_alpha                  90.00 
_cell.angle_alpha_esd              ? 
_cell.angle_beta                   90.00 
_cell.angle_beta_esd               ? 
_cell.angle_gamma                  90.00 
_cell.angle_gamma_esd              ? 
_cell.entry_id                     6DY5 
_cell.details                      ? 
_cell.formula_units_Z              ? 
_cell.length_a                     25.567 
_cell.length_a_esd                 ? 
_cell.length_b                     42.451 
_cell.length_b_esd                 ? 
_cell.length_c                     49.212 
_cell.length_c_esd                 ? 
_cell.volume                       ? 
_cell.volume_esd                   ? 
_cell.Z_PDB                        8 
_cell.reciprocal_angle_alpha       ? 
_cell.reciprocal_angle_beta        ? 
_cell.reciprocal_angle_gamma       ? 
_cell.reciprocal_angle_alpha_esd   ? 
_cell.reciprocal_angle_beta_esd    ? 
_cell.reciprocal_angle_gamma_esd   ? 
_cell.reciprocal_length_a          ? 
_cell.reciprocal_length_b          ? 
_cell.reciprocal_length_c          ? 
_cell.reciprocal_length_a_esd      ? 
_cell.reciprocal_length_b_esd      ? 
_cell.reciprocal_length_c_esd      ? 
_cell.pdbx_unique_axis             ? 
# 
_symmetry.entry_id                         6DY5 
_symmetry.cell_setting                     ? 
_symmetry.Int_Tables_number                19 
_symmetry.space_group_name_Hall            ? 
_symmetry.space_group_name_H-M             'P 21 21 21' 
_symmetry.pdbx_full_space_group_name_H-M   ? 
# 
_exptl.absorpt_coefficient_mu     ? 
_exptl.absorpt_correction_T_max   ? 
_exptl.absorpt_correction_T_min   ? 
_exptl.absorpt_correction_type    ? 
_exptl.absorpt_process_details    ? 
_exptl.entry_id                   6DY5 
_exptl.crystals_number            1 
_exptl.details                    ? 
_exptl.method                     'X-RAY DIFFRACTION' 
_exptl.method_details             ? 
# 
_exptl_crystal.colour                      ? 
_exptl_crystal.density_diffrn              ? 
_exptl_crystal.density_Matthews            2.19 
_exptl_crystal.density_method              ? 
_exptl_crystal.density_percent_sol         43.90 
_exptl_crystal.description                 ? 
_exptl_crystal.F_000                       ? 
_exptl_crystal.id                          1 
_exptl_crystal.preparation                 ? 
_exptl_crystal.size_max                    ? 
_exptl_crystal.size_mid                    ? 
_exptl_crystal.size_min                    ? 
_exptl_crystal.size_rad                    ? 
_exptl_crystal.colour_lustre               ? 
_exptl_crystal.colour_modifier             ? 
_exptl_crystal.colour_primary              ? 
_exptl_crystal.density_meas                ? 
_exptl_crystal.density_meas_esd            ? 
_exptl_crystal.density_meas_gt             ? 
_exptl_crystal.density_meas_lt             ? 
_exptl_crystal.density_meas_temp           ? 
_exptl_crystal.density_meas_temp_esd       ? 
_exptl_crystal.density_meas_temp_gt        ? 
_exptl_crystal.density_meas_temp_lt        ? 
_exptl_crystal.pdbx_crystal_image_url      ? 
_exptl_crystal.pdbx_crystal_image_format   ? 
_exptl_crystal.pdbx_mosaicity              ? 
_exptl_crystal.pdbx_mosaicity_esd          ? 
# 
_exptl_crystal_grow.apparatus       ? 
_exptl_crystal_grow.atmosphere      ? 
_exptl_crystal_grow.crystal_id      1 
_exptl_crystal_grow.details         ? 
_exptl_crystal_grow.method          'VAPOR DIFFUSION, HANGING DROP' 
_exptl_crystal_grow.method_ref      ? 
_exptl_crystal_grow.pH              ? 
_exptl_crystal_grow.pressure        ? 
_exptl_crystal_grow.pressure_esd    ? 
_exptl_crystal_grow.seeding         ? 
_exptl_crystal_grow.seeding_ref     ? 
_exptl_crystal_grow.temp            294 
_exptl_crystal_grow.temp_details    ? 
_exptl_crystal_grow.temp_esd        ? 
_exptl_crystal_grow.time            ? 
_exptl_crystal_grow.pdbx_details    
;1 mM ds DNA containing 5 mM zinc acetate, 2 mM spermine and 50 mM NaCl,
incubated against 55% (v/v) 2-methyl-2,4-pentanediol (MPD)
;
_exptl_crystal_grow.pdbx_pH_range   ? 
# 
_diffrn.ambient_environment              ? 
_diffrn.ambient_temp                     100 
_diffrn.ambient_temp_details             ? 
_diffrn.ambient_temp_esd                 ? 
_diffrn.crystal_id                       1 
_diffrn.crystal_support                  ? 
_diffrn.crystal_treatment                ? 
_diffrn.details                          ? 
_diffrn.id                               1 
_diffrn.ambient_pressure                 ? 
_diffrn.ambient_pressure_esd             ? 
_diffrn.ambient_pressure_gt              ? 
_diffrn.ambient_pressure_lt              ? 
_diffrn.ambient_temp_gt                  ? 
_diffrn.ambient_temp_lt                  ? 
_diffrn.pdbx_serial_crystal_experiment   ? 
# 
_diffrn_detector.details                      ? 
_diffrn_detector.detector                     CCD 
_diffrn_detector.diffrn_id                    1 
_diffrn_detector.type                         'MARMOSAIC 300 mm CCD' 
_diffrn_detector.area_resol_mean              ? 
_diffrn_detector.dtime                        ? 
_diffrn_detector.pdbx_frames_total            ? 
_diffrn_detector.pdbx_collection_time_total   ? 
_diffrn_detector.pdbx_collection_date         2014-07-12 
_diffrn_detector.pdbx_frequency               ? 
# 
_diffrn_radiation.collimation                      ? 
_diffrn_radiation.diffrn_id                        1 
_diffrn_radiation.filter_edge                      ? 
_diffrn_radiation.inhomogeneity                    ? 
_diffrn_radiation.monochromator                    ? 
_diffrn_radiation.polarisn_norm                    ? 
_diffrn_radiation.polarisn_ratio                   ? 
_diffrn_radiation.probe                            ? 
_diffrn_radiation.type                             ? 
_diffrn_radiation.xray_symbol                      ? 
_diffrn_radiation.wavelength_id                    1 
_diffrn_radiation.pdbx_monochromatic_or_laue_m_l   M 
_diffrn_radiation.pdbx_wavelength_list             ? 
_diffrn_radiation.pdbx_wavelength                  ? 
_diffrn_radiation.pdbx_diffrn_protocol             'SINGLE WAVELENGTH' 
_diffrn_radiation.pdbx_analyzer                    ? 
_diffrn_radiation.pdbx_scattering_type             x-ray 
# 
_diffrn_radiation_wavelength.id           1 
_diffrn_radiation_wavelength.wavelength   0.9786 
_diffrn_radiation_wavelength.wt           1.0 
# 
_diffrn_source.current                     ? 
_diffrn_source.details                     ? 
_diffrn_source.diffrn_id                   1 
_diffrn_source.power                       ? 
_diffrn_source.size                        ? 
_diffrn_source.source                      SYNCHROTRON 
_diffrn_source.target                      ? 
_diffrn_source.type                        'APS BEAMLINE 21-ID-G' 
_diffrn_source.voltage                     ? 
_diffrn_source.take-off_angle              ? 
_diffrn_source.pdbx_wavelength_list        0.9786 
_diffrn_source.pdbx_wavelength             ? 
_diffrn_source.pdbx_synchrotron_beamline   21-ID-G 
_diffrn_source.pdbx_synchrotron_site       APS 
# 
_reflns.B_iso_Wilson_estimate            ? 
_reflns.entry_id                         6DY5 
_reflns.data_reduction_details           ? 
_reflns.data_reduction_method            ? 
_reflns.d_resolution_high                1.25 
_reflns.d_resolution_low                 50.00 
_reflns.details                          ? 
_reflns.limit_h_max                      ? 
_reflns.limit_h_min                      ? 
_reflns.limit_k_max                      ? 
_reflns.limit_k_min                      ? 
_reflns.limit_l_max                      ? 
_reflns.limit_l_min                      ? 
_reflns.number_all                       ? 
_reflns.number_obs                       14675 
_reflns.observed_criterion               ? 
_reflns.observed_criterion_F_max         ? 
_reflns.observed_criterion_F_min         ? 
_reflns.observed_criterion_I_max         ? 
_reflns.observed_criterion_I_min         ? 
_reflns.observed_criterion_sigma_F       ? 
_reflns.observed_criterion_sigma_I       ? 
_reflns.percent_possible_obs             97.3 
_reflns.R_free_details                   ? 
_reflns.Rmerge_F_all                     ? 
_reflns.Rmerge_F_obs                     ? 
_reflns.Friedel_coverage                 ? 
_reflns.number_gt                        ? 
_reflns.threshold_expression             ? 
_reflns.pdbx_redundancy                  6.8 
_reflns.pdbx_Rmerge_I_obs                0.06 
_reflns.pdbx_Rmerge_I_all                ? 
_reflns.pdbx_Rsym_value                  ? 
_reflns.pdbx_netI_over_av_sigmaI         ? 
_reflns.pdbx_netI_over_sigmaI            54 
_reflns.pdbx_res_netI_over_av_sigmaI_2   ? 
_reflns.pdbx_res_netI_over_sigmaI_2      ? 
_reflns.pdbx_chi_squared                 ? 
_reflns.pdbx_scaling_rejects             ? 
_reflns.pdbx_d_res_high_opt              ? 
_reflns.pdbx_d_res_low_opt               ? 
_reflns.pdbx_d_res_opt_method            ? 
_reflns.phase_calculation_details        ? 
_reflns.pdbx_Rrim_I_all                  ? 
_reflns.pdbx_Rpim_I_all                  ? 
_reflns.pdbx_d_opt                       ? 
_reflns.pdbx_number_measured_all         ? 
_reflns.pdbx_diffrn_id                   1 
_reflns.pdbx_ordinal                     1 
_reflns.pdbx_CC_half                     ? 
_reflns.pdbx_R_split                     ? 
# 
_reflns_shell.d_res_high                  1.25 
_reflns_shell.d_res_low                   1.27 
_reflns_shell.meanI_over_sigI_all         ? 
_reflns_shell.meanI_over_sigI_obs         ? 
_reflns_shell.number_measured_all         ? 
_reflns_shell.number_measured_obs         ? 
_reflns_shell.number_possible             ? 
_reflns_shell.number_unique_all           ? 
_reflns_shell.number_unique_obs           705 
_reflns_shell.percent_possible_all        94.1 
_reflns_shell.percent_possible_obs        ? 
_reflns_shell.Rmerge_F_all                ? 
_reflns_shell.Rmerge_F_obs                ? 
_reflns_shell.Rmerge_I_all                ? 
_reflns_shell.Rmerge_I_obs                0.62 
_reflns_shell.meanI_over_sigI_gt          ? 
_reflns_shell.meanI_over_uI_all           ? 
_reflns_shell.meanI_over_uI_gt            ? 
_reflns_shell.number_measured_gt          ? 
_reflns_shell.number_unique_gt            ? 
_reflns_shell.percent_possible_gt         ? 
_reflns_shell.Rmerge_F_gt                 ? 
_reflns_shell.Rmerge_I_gt                 ? 
_reflns_shell.pdbx_redundancy             5.1 
_reflns_shell.pdbx_Rsym_value             ? 
_reflns_shell.pdbx_chi_squared            ? 
_reflns_shell.pdbx_netI_over_sigmaI_all   ? 
_reflns_shell.pdbx_netI_over_sigmaI_obs   ? 
_reflns_shell.pdbx_Rrim_I_all             ? 
_reflns_shell.pdbx_Rpim_I_all             ? 
_reflns_shell.pdbx_rejects                ? 
_reflns_shell.pdbx_ordinal                1 
_reflns_shell.pdbx_diffrn_id              1 
_reflns_shell.pdbx_CC_half                ? 
_reflns_shell.pdbx_R_split                ? 
# 
_refine.aniso_B[1][1]                            4.50 
_refine.aniso_B[1][2]                            0.00 
_refine.aniso_B[1][3]                            0.00 
_refine.aniso_B[2][2]                            -2.23 
_refine.aniso_B[2][3]                            0.00 
_refine.aniso_B[3][3]                            -2.27 
_refine.B_iso_max                                ? 
_refine.B_iso_mean                               25.919 
_refine.B_iso_min                                ? 
_refine.correlation_coeff_Fo_to_Fc               0.955 
_refine.correlation_coeff_Fo_to_Fc_free          0.943 
_refine.details                                  'HYDROGENS HAVE BEEN ADDED IN THE RIDING POSITIONS' 
_refine.diff_density_max                         ? 
_refine.diff_density_max_esd                     ? 
_refine.diff_density_min                         ? 
_refine.diff_density_min_esd                     ? 
_refine.diff_density_rms                         ? 
_refine.diff_density_rms_esd                     ? 
_refine.entry_id                                 6DY5 
_refine.pdbx_refine_id                           'X-RAY DIFFRACTION' 
_refine.ls_abs_structure_details                 ? 
_refine.ls_abs_structure_Flack                   ? 
_refine.ls_abs_structure_Flack_esd               ? 
_refine.ls_abs_structure_Rogers                  ? 
_refine.ls_abs_structure_Rogers_esd              ? 
_refine.ls_d_res_high                            1.26 
_refine.ls_d_res_low                             30.00 
_refine.ls_extinction_coef                       ? 
_refine.ls_extinction_coef_esd                   ? 
_refine.ls_extinction_expression                 ? 
_refine.ls_extinction_method                     ? 
_refine.ls_goodness_of_fit_all                   ? 
_refine.ls_goodness_of_fit_all_esd               ? 
_refine.ls_goodness_of_fit_obs                   ? 
_refine.ls_goodness_of_fit_obs_esd               ? 
_refine.ls_hydrogen_treatment                    ? 
_refine.ls_matrix_type                           ? 
_refine.ls_number_constraints                    ? 
_refine.ls_number_parameters                     ? 
_refine.ls_number_reflns_all                     ? 
_refine.ls_number_reflns_obs                     13820 
_refine.ls_number_reflns_R_free                  791 
_refine.ls_number_reflns_R_work                  ? 
_refine.ls_number_restraints                     ? 
_refine.ls_percent_reflns_obs                    96.99 
_refine.ls_percent_reflns_R_free                 5.4 
_refine.ls_R_factor_all                          ? 
_refine.ls_R_factor_obs                          0.21649 
_refine.ls_R_factor_R_free                       0.25374 
_refine.ls_R_factor_R_free_error                 ? 
_refine.ls_R_factor_R_free_error_details         ? 
_refine.ls_R_factor_R_work                       0.21430 
_refine.ls_R_Fsqd_factor_obs                     ? 
_refine.ls_R_I_factor_obs                        ? 
_refine.ls_redundancy_reflns_all                 ? 
_refine.ls_redundancy_reflns_obs                 ? 
_refine.ls_restrained_S_all                      ? 
_refine.ls_restrained_S_obs                      ? 
_refine.ls_shift_over_esd_max                    ? 
_refine.ls_shift_over_esd_mean                   ? 
_refine.ls_structure_factor_coef                 ? 
_refine.ls_weighting_details                     ? 
_refine.ls_weighting_scheme                      ? 
_refine.ls_wR_factor_all                         ? 
_refine.ls_wR_factor_obs                         ? 
_refine.ls_wR_factor_R_free                      ? 
_refine.ls_wR_factor_R_work                      ? 
_refine.occupancy_max                            ? 
_refine.occupancy_min                            ? 
_refine.solvent_model_details                    ? 
_refine.solvent_model_param_bsol                 ? 
_refine.solvent_model_param_ksol                 ? 
_refine.ls_R_factor_gt                           ? 
_refine.ls_goodness_of_fit_gt                    ? 
_refine.ls_goodness_of_fit_ref                   ? 
_refine.ls_shift_over_su_max                     ? 
_refine.ls_shift_over_su_max_lt                  ? 
_refine.ls_shift_over_su_mean                    ? 
_refine.ls_shift_over_su_mean_lt                 ? 
_refine.pdbx_ls_sigma_I                          ? 
_refine.pdbx_ls_sigma_F                          ? 
_refine.pdbx_ls_sigma_Fsqd                       ? 
_refine.pdbx_data_cutoff_high_absF               ? 
_refine.pdbx_data_cutoff_high_rms_absF           ? 
_refine.pdbx_data_cutoff_low_absF                ? 
_refine.pdbx_isotropic_thermal_model             ? 
_refine.pdbx_ls_cross_valid_method               THROUGHOUT 
_refine.pdbx_method_to_determine_struct          SAD 
_refine.pdbx_starting_model                      ? 
_refine.pdbx_stereochemistry_target_values       ? 
_refine.pdbx_R_Free_selection_details            RANDOM 
_refine.pdbx_stereochem_target_val_spec_case     ? 
_refine.pdbx_overall_ESU_R                       0.066 
_refine.pdbx_overall_ESU_R_Free                  0.063 
_refine.pdbx_solvent_vdw_probe_radii             1.20 
_refine.pdbx_solvent_ion_probe_radii             0.80 
_refine.pdbx_solvent_shrinkage_radii             0.80 
_refine.pdbx_real_space_R                        ? 
_refine.pdbx_density_correlation                 ? 
_refine.pdbx_pd_number_of_powder_patterns        ? 
_refine.pdbx_pd_number_of_points                 ? 
_refine.pdbx_pd_meas_number_of_points            ? 
_refine.pdbx_pd_proc_ls_prof_R_factor            ? 
_refine.pdbx_pd_proc_ls_prof_wR_factor           ? 
_refine.pdbx_pd_Marquardt_correlation_coeff      ? 
_refine.pdbx_pd_Fsqrd_R_factor                   ? 
_refine.pdbx_pd_ls_matrix_band_width             ? 
_refine.pdbx_overall_phase_error                 ? 
_refine.pdbx_overall_SU_R_free_Cruickshank_DPI   ? 
_refine.pdbx_overall_SU_R_free_Blow_DPI          ? 
_refine.pdbx_overall_SU_R_Blow_DPI               ? 
_refine.pdbx_TLS_residual_ADP_flag               ? 
_refine.pdbx_diffrn_id                           1 
_refine.overall_SU_B                             4.399 
_refine.overall_SU_ML                            0.076 
_refine.overall_SU_R_Cruickshank_DPI             ? 
_refine.overall_SU_R_free                        ? 
_refine.overall_FOM_free_R_set                   ? 
_refine.overall_FOM_work_R_set                   ? 
_refine.pdbx_average_fsc_overall                 ? 
_refine.pdbx_average_fsc_work                    ? 
_refine.pdbx_average_fsc_free                    ? 
# 
_refine_hist.pdbx_refine_id                   'X-RAY DIFFRACTION' 
_refine_hist.cycle_id                         1 
_refine_hist.pdbx_number_atoms_protein        0 
_refine_hist.pdbx_number_atoms_nucleic_acid   404 
_refine_hist.pdbx_number_atoms_ligand         12 
_refine_hist.number_atoms_solvent             96 
_refine_hist.number_atoms_total               512 
_refine_hist.d_res_high                       1.26 
_refine_hist.d_res_low                        30.00 
# 
loop_
_refine_ls_restr.pdbx_refine_id 
_refine_ls_restr.criterion 
_refine_ls_restr.dev_ideal 
_refine_ls_restr.dev_ideal_target 
_refine_ls_restr.number 
_refine_ls_restr.rejects 
_refine_ls_restr.type 
_refine_ls_restr.weight 
_refine_ls_restr.pdbx_restraint_function 
'X-RAY DIFFRACTION' ? 0.008  0.011  472 ? r_bond_refined_d             ? ? 
'X-RAY DIFFRACTION' ? 0.005  0.020  262 ? r_bond_other_d               ? ? 
'X-RAY DIFFRACTION' ? 1.146  1.183  701 ? r_angle_refined_deg          ? ? 
'X-RAY DIFFRACTION' ? 1.955  3.000  580 ? r_angle_other_deg            ? ? 
'X-RAY DIFFRACTION' ? ?      ?      ?   ? r_dihedral_angle_1_deg       ? ? 
'X-RAY DIFFRACTION' ? ?      ?      ?   ? r_dihedral_angle_2_deg       ? ? 
'X-RAY DIFFRACTION' ? ?      ?      ?   ? r_dihedral_angle_3_deg       ? ? 
'X-RAY DIFFRACTION' ? ?      ?      ?   ? r_dihedral_angle_4_deg       ? ? 
'X-RAY DIFFRACTION' ? 0.071  0.200  60  ? r_chiral_restr               ? ? 
'X-RAY DIFFRACTION' ? 0.017  0.020  243 ? r_gen_planes_refined         ? ? 
'X-RAY DIFFRACTION' ? 0.012  0.020  103 ? r_gen_planes_other           ? ? 
'X-RAY DIFFRACTION' ? ?      ?      ?   ? r_nbd_refined                ? ? 
'X-RAY DIFFRACTION' ? ?      ?      ?   ? r_nbd_other                  ? ? 
'X-RAY DIFFRACTION' ? ?      ?      ?   ? r_nbtor_refined              ? ? 
'X-RAY DIFFRACTION' ? ?      ?      ?   ? r_nbtor_other                ? ? 
'X-RAY DIFFRACTION' ? ?      ?      ?   ? r_xyhbond_nbd_refined        ? ? 
'X-RAY DIFFRACTION' ? ?      ?      ?   ? r_xyhbond_nbd_other          ? ? 
'X-RAY DIFFRACTION' ? ?      ?      ?   ? r_metal_ion_refined          ? ? 
'X-RAY DIFFRACTION' ? ?      ?      ?   ? r_metal_ion_other            ? ? 
'X-RAY DIFFRACTION' ? ?      ?      ?   ? r_symmetry_vdw_refined       ? ? 
'X-RAY DIFFRACTION' ? ?      ?      ?   ? r_symmetry_vdw_other         ? ? 
'X-RAY DIFFRACTION' ? ?      ?      ?   ? r_symmetry_hbond_refined     ? ? 
'X-RAY DIFFRACTION' ? ?      ?      ?   ? r_symmetry_hbond_other       ? ? 
'X-RAY DIFFRACTION' ? ?      ?      ?   ? r_symmetry_metal_ion_refined ? ? 
'X-RAY DIFFRACTION' ? ?      ?      ?   ? r_symmetry_metal_ion_other   ? ? 
'X-RAY DIFFRACTION' ? ?      ?      ?   ? r_mcbond_it                  ? ? 
'X-RAY DIFFRACTION' ? ?      ?      ?   ? r_mcbond_other               ? ? 
'X-RAY DIFFRACTION' ? ?      ?      ?   ? r_mcangle_it                 ? ? 
'X-RAY DIFFRACTION' ? ?      ?      ?   ? r_mcangle_other              ? ? 
'X-RAY DIFFRACTION' ? 1.860  2.394  472 ? r_scbond_it                  ? ? 
'X-RAY DIFFRACTION' ? 1.861  2.394  473 ? r_scbond_other               ? ? 
'X-RAY DIFFRACTION' ? ?      ?      ?   ? r_scangle_it                 ? ? 
'X-RAY DIFFRACTION' ? 2.170  23.043 702 ? r_scangle_other              ? ? 
'X-RAY DIFFRACTION' ? 4.270  25.279 706 ? r_long_range_B_refined       ? ? 
'X-RAY DIFFRACTION' ? 4.186  ?      700 ? r_long_range_B_other         ? ? 
'X-RAY DIFFRACTION' ? 2.084  3.000  724 ? r_rigid_bond_restr           ? ? 
'X-RAY DIFFRACTION' ? 51.989 5.000  18  ? r_sphericity_free            ? ? 
'X-RAY DIFFRACTION' ? 16.842 5.000  746 ? r_sphericity_bonded          ? ? 
# 
_refine_ls_shell.pdbx_refine_id                   'X-RAY DIFFRACTION' 
_refine_ls_shell.d_res_high                       1.260 
_refine_ls_shell.d_res_low                        1.293 
_refine_ls_shell.number_reflns_all                ? 
_refine_ls_shell.number_reflns_obs                ? 
_refine_ls_shell.number_reflns_R_free             66 
_refine_ls_shell.number_reflns_R_work             946 
_refine_ls_shell.percent_reflns_obs               91.58 
_refine_ls_shell.percent_reflns_R_free            ? 
_refine_ls_shell.R_factor_all                     ? 
_refine_ls_shell.R_factor_obs                     ? 
_refine_ls_shell.R_factor_R_free                  0.514 
_refine_ls_shell.R_factor_R_free_error            ? 
_refine_ls_shell.R_factor_R_work                  0.645 
_refine_ls_shell.redundancy_reflns_all            ? 
_refine_ls_shell.redundancy_reflns_obs            ? 
_refine_ls_shell.wR_factor_all                    ? 
_refine_ls_shell.wR_factor_obs                    ? 
_refine_ls_shell.wR_factor_R_free                 ? 
_refine_ls_shell.wR_factor_R_work                 ? 
_refine_ls_shell.pdbx_total_number_of_bins_used   20 
_refine_ls_shell.pdbx_phase_error                 ? 
_refine_ls_shell.pdbx_fsc_work                    ? 
_refine_ls_shell.pdbx_fsc_free                    ? 
# 
_struct.entry_id                     6DY5 
_struct.title                        'Crystal structure of double-stranded DNA AGGGATCCCT in complex with Zn2+' 
_struct.pdbx_model_details           ? 
_struct.pdbx_formula_weight          ? 
_struct.pdbx_formula_weight_method   ? 
_struct.pdbx_model_type_details      ? 
_struct.pdbx_CASP_flag               N 
# 
_struct_keywords.entry_id        6DY5 
_struct_keywords.text            'palindrome, Zn-N7 coordination, mithramycin binding, ETS factor binding, DNA' 
_struct_keywords.pdbx_keywords   DNA 
# 
loop_
_struct_asym.id 
_struct_asym.pdbx_blank_PDB_chainid_flag 
_struct_asym.pdbx_modified 
_struct_asym.entity_id 
_struct_asym.details 
A N N 1 ? 
B N N 1 ? 
C N N 2 ? 
D N N 3 ? 
E N N 3 ? 
F N N 3 ? 
G N N 4 ? 
H N N 4 ? 
# 
_struct_ref.id                         1 
_struct_ref.db_name                    PDB 
_struct_ref.db_code                    6DY5 
_struct_ref.pdbx_db_accession          6DY5 
_struct_ref.pdbx_db_isoform            ? 
_struct_ref.entity_id                  1 
_struct_ref.pdbx_seq_one_letter_code   ? 
_struct_ref.pdbx_align_begin           1 
# 
loop_
_struct_ref_seq.align_id 
_struct_ref_seq.ref_id 
_struct_ref_seq.pdbx_PDB_id_code 
_struct_ref_seq.pdbx_strand_id 
_struct_ref_seq.seq_align_beg 
_struct_ref_seq.pdbx_seq_align_beg_ins_code 
_struct_ref_seq.seq_align_end 
_struct_ref_seq.pdbx_seq_align_end_ins_code 
_struct_ref_seq.pdbx_db_accession 
_struct_ref_seq.db_align_beg 
_struct_ref_seq.pdbx_db_align_beg_ins_code 
_struct_ref_seq.db_align_end 
_struct_ref_seq.pdbx_db_align_end_ins_code 
_struct_ref_seq.pdbx_auth_seq_align_beg 
_struct_ref_seq.pdbx_auth_seq_align_end 
1 1 6DY5 A 1 ? 10 ? 6DY5 0 ? 9  ? 0 9  
2 1 6DY5 B 1 ? 10 ? 6DY5 8 ? 17 ? 8 17 
# 
_pdbx_struct_assembly.id                   1 
_pdbx_struct_assembly.details              author_and_software_defined_assembly 
_pdbx_struct_assembly.method_details       PISA 
_pdbx_struct_assembly.oligomeric_details   dimeric 
_pdbx_struct_assembly.oligomeric_count     2 
# 
loop_
_pdbx_struct_assembly_prop.biol_id 
_pdbx_struct_assembly_prop.type 
_pdbx_struct_assembly_prop.value 
_pdbx_struct_assembly_prop.details 
1 'ABSA (A^2)' 1390 ? 
1 MORE         -77  ? 
1 'SSA (A^2)'  4030 ? 
# 
_pdbx_struct_assembly_gen.assembly_id       1 
_pdbx_struct_assembly_gen.oper_expression   1 
_pdbx_struct_assembly_gen.asym_id_list      A,B,C,D,E,F,G,H 
# 
_pdbx_struct_assembly_auth_evidence.id                     1 
_pdbx_struct_assembly_auth_evidence.assembly_id            1 
_pdbx_struct_assembly_auth_evidence.experimental_support   none 
_pdbx_struct_assembly_auth_evidence.details                'double-stranded DNA' 
# 
_pdbx_struct_oper_list.id                   1 
_pdbx_struct_oper_list.type                 'identity operation' 
_pdbx_struct_oper_list.name                 1_555 
_pdbx_struct_oper_list.symmetry_operation   x,y,z 
_pdbx_struct_oper_list.matrix[1][1]         1.0000000000 
_pdbx_struct_oper_list.matrix[1][2]         0.0000000000 
_pdbx_struct_oper_list.matrix[1][3]         0.0000000000 
_pdbx_struct_oper_list.vector[1]            0.0000000000 
_pdbx_struct_oper_list.matrix[2][1]         0.0000000000 
_pdbx_struct_oper_list.matrix[2][2]         1.0000000000 
_pdbx_struct_oper_list.matrix[2][3]         0.0000000000 
_pdbx_struct_oper_list.vector[2]            0.0000000000 
_pdbx_struct_oper_list.matrix[3][1]         0.0000000000 
_pdbx_struct_oper_list.matrix[3][2]         0.0000000000 
_pdbx_struct_oper_list.matrix[3][3]         1.0000000000 
_pdbx_struct_oper_list.vector[3]            0.0000000000 
# 
loop_
_struct_conn.id 
_struct_conn.conn_type_id 
_struct_conn.pdbx_leaving_atom_flag 
_struct_conn.pdbx_PDB_id 
_struct_conn.ptnr1_label_asym_id 
_struct_conn.ptnr1_label_comp_id 
_struct_conn.ptnr1_label_seq_id 
_struct_conn.ptnr1_label_atom_id 
_struct_conn.pdbx_ptnr1_label_alt_id 
_struct_conn.pdbx_ptnr1_PDB_ins_code 
_struct_conn.pdbx_ptnr1_standard_comp_id 
_struct_conn.ptnr1_symmetry 
_struct_conn.ptnr2_label_asym_id 
_struct_conn.ptnr2_label_comp_id 
_struct_conn.ptnr2_label_seq_id 
_struct_conn.ptnr2_label_atom_id 
_struct_conn.pdbx_ptnr2_label_alt_id 
_struct_conn.pdbx_ptnr2_PDB_ins_code 
_struct_conn.ptnr1_auth_asym_id 
_struct_conn.ptnr1_auth_comp_id 
_struct_conn.ptnr1_auth_seq_id 
_struct_conn.ptnr2_auth_asym_id 
_struct_conn.ptnr2_auth_comp_id 
_struct_conn.ptnr2_auth_seq_id 
_struct_conn.ptnr2_symmetry 
_struct_conn.pdbx_ptnr3_label_atom_id 
_struct_conn.pdbx_ptnr3_label_seq_id 
_struct_conn.pdbx_ptnr3_label_comp_id 
_struct_conn.pdbx_ptnr3_label_asym_id 
_struct_conn.pdbx_ptnr3_label_alt_id 
_struct_conn.pdbx_ptnr3_PDB_ins_code 
_struct_conn.details 
_struct_conn.pdbx_dist_value 
_struct_conn.pdbx_value_order 
_struct_conn.pdbx_role 
metalc1  metalc ? ? A DG 3  N7 ? ? ? 1_555 D ZN  .  ZN ? ? A DG 2   A ZN  102 1_555 ? ? ? ? ? ? ?            2.135 ? ? 
metalc2  metalc ? ? D ZN .  ZN ? ? ? 1_555 G HOH .  O  ? ? A ZN 102 A HOH 204 1_555 ? ? ? ? ? ? ?            2.020 ? ? 
metalc3  metalc ? ? D ZN .  ZN ? ? ? 1_555 G HOH .  O  ? ? A ZN 102 A HOH 221 1_555 ? ? ? ? ? ? ?            2.007 ? ? 
metalc4  metalc ? ? D ZN .  ZN ? ? ? 1_555 G HOH .  O  ? ? A ZN 102 A HOH 223 1_555 ? ? ? ? ? ? ?            2.029 ? ? 
metalc5  metalc ? ? D ZN .  ZN ? ? ? 1_555 G HOH .  O  ? ? A ZN 102 A HOH 227 1_555 ? ? ? ? ? ? ?            2.015 ? ? 
metalc6  metalc ? ? D ZN .  ZN ? ? ? 1_555 G HOH .  O  ? ? A ZN 102 A HOH 242 1_555 ? ? ? ? ? ? ?            2.035 ? ? 
metalc7  metalc ? ? B DG 2  N7 ? ? ? 1_555 E ZN  .  ZN ? ? B DG 9   B ZN  101 1_555 ? ? ? ? ? ? ?            2.117 ? ? 
metalc8  metalc ? ? B DG 4  N7 ? ? ? 1_555 F ZN  .  ZN ? ? B DG 11  B ZN  102 1_555 ? ? ? ? ? ? ?            2.488 ? ? 
metalc9  metalc ? ? E ZN .  ZN ? ? ? 1_555 H HOH .  O  ? ? B ZN 101 B HOH 208 1_555 ? ? ? ? ? ? ?            1.913 ? ? 
metalc10 metalc ? ? E ZN .  ZN ? ? ? 1_555 H HOH .  O  ? ? B ZN 101 B HOH 212 1_555 ? ? ? ? ? ? ?            1.990 ? ? 
metalc11 metalc ? ? E ZN .  ZN ? ? ? 1_555 H HOH .  O  ? ? B ZN 101 B HOH 220 1_555 ? ? ? ? ? ? ?            1.983 ? ? 
metalc12 metalc ? ? E ZN .  ZN ? ? ? 1_555 H HOH .  O  ? ? B ZN 101 B HOH 226 1_555 ? ? ? ? ? ? ?            1.999 ? ? 
metalc13 metalc ? ? E ZN .  ZN ? ? ? 1_555 H HOH .  O  ? ? B ZN 101 B HOH 237 1_555 ? ? ? ? ? ? ?            2.000 ? ? 
metalc14 metalc ? ? F ZN .  ZN ? ? ? 1_555 H HOH .  O  ? ? B ZN 102 B HOH 213 1_555 ? ? ? ? ? ? ?            2.514 ? ? 
metalc15 metalc ? ? F ZN .  ZN ? ? ? 1_555 H HOH .  O  ? ? B ZN 102 B HOH 222 1_555 ? ? ? ? ? ? ?            2.136 ? ? 
metalc16 metalc ? ? F ZN .  ZN ? ? ? 1_555 H HOH .  O  ? ? B ZN 102 B HOH 243 1_555 ? ? ? ? ? ? ?            2.178 ? ? 
hydrog1  hydrog ? ? A DA 1  N1 ? ? ? 1_555 B DT  10 N3 ? ? A DA 0   B DT  17  1_555 ? ? ? ? ? ? WATSON-CRICK ?     ? ? 
hydrog2  hydrog ? ? A DA 1  N6 ? ? ? 1_555 B DT  10 O4 ? ? A DA 0   B DT  17  1_555 ? ? ? ? ? ? WATSON-CRICK ?     ? ? 
hydrog3  hydrog ? ? A DG 2  N1 ? ? ? 1_555 B DC  9  N3 ? ? A DG 1   B DC  16  1_555 ? ? ? ? ? ? WATSON-CRICK ?     ? ? 
hydrog4  hydrog ? ? A DG 2  N2 ? ? ? 1_555 B DC  9  O2 ? ? A DG 1   B DC  16  1_555 ? ? ? ? ? ? WATSON-CRICK ?     ? ? 
hydrog5  hydrog ? ? A DG 2  O6 ? ? ? 1_555 B DC  9  N4 ? ? A DG 1   B DC  16  1_555 ? ? ? ? ? ? WATSON-CRICK ?     ? ? 
hydrog6  hydrog ? ? A DG 3  N1 ? ? ? 1_555 B DC  8  N3 ? ? A DG 2   B DC  15  1_555 ? ? ? ? ? ? WATSON-CRICK ?     ? ? 
hydrog7  hydrog ? ? A DG 3  N2 ? ? ? 1_555 B DC  8  O2 ? ? A DG 2   B DC  15  1_555 ? ? ? ? ? ? WATSON-CRICK ?     ? ? 
hydrog8  hydrog ? ? A DG 3  O6 ? ? ? 1_555 B DC  8  N4 ? ? A DG 2   B DC  15  1_555 ? ? ? ? ? ? WATSON-CRICK ?     ? ? 
hydrog9  hydrog ? ? A DG 4  N1 ? ? ? 1_555 B DC  7  N3 ? ? A DG 3   B DC  14  1_555 ? ? ? ? ? ? WATSON-CRICK ?     ? ? 
hydrog10 hydrog ? ? A DG 4  N2 ? ? ? 1_555 B DC  7  O2 ? ? A DG 3   B DC  14  1_555 ? ? ? ? ? ? WATSON-CRICK ?     ? ? 
hydrog11 hydrog ? ? A DG 4  O6 ? ? ? 1_555 B DC  7  N4 ? ? A DG 3   B DC  14  1_555 ? ? ? ? ? ? WATSON-CRICK ?     ? ? 
hydrog12 hydrog ? ? A DA 5  N1 ? ? ? 1_555 B DT  6  N3 ? ? A DA 4   B DT  13  1_555 ? ? ? ? ? ? WATSON-CRICK ?     ? ? 
hydrog13 hydrog ? ? A DA 5  N6 ? ? ? 1_555 B DT  6  O4 ? ? A DA 4   B DT  13  1_555 ? ? ? ? ? ? WATSON-CRICK ?     ? ? 
hydrog14 hydrog ? ? A DT 6  N3 ? ? ? 1_555 B DA  5  N1 ? ? A DT 5   B DA  12  1_555 ? ? ? ? ? ? WATSON-CRICK ?     ? ? 
hydrog15 hydrog ? ? A DT 6  O4 ? ? ? 1_555 B DA  5  N6 ? ? A DT 5   B DA  12  1_555 ? ? ? ? ? ? WATSON-CRICK ?     ? ? 
hydrog16 hydrog ? ? A DC 7  N3 ? ? ? 1_555 B DG  4  N1 ? ? A DC 6   B DG  11  1_555 ? ? ? ? ? ? WATSON-CRICK ?     ? ? 
hydrog17 hydrog ? ? A DC 7  N4 ? ? ? 1_555 B DG  4  O6 ? ? A DC 6   B DG  11  1_555 ? ? ? ? ? ? WATSON-CRICK ?     ? ? 
hydrog18 hydrog ? ? A DC 7  O2 ? ? ? 1_555 B DG  4  N2 ? ? A DC 6   B DG  11  1_555 ? ? ? ? ? ? WATSON-CRICK ?     ? ? 
hydrog19 hydrog ? ? A DC 8  N3 ? ? ? 1_555 B DG  3  N1 ? ? A DC 7   B DG  10  1_555 ? ? ? ? ? ? WATSON-CRICK ?     ? ? 
hydrog20 hydrog ? ? A DC 8  N4 ? ? ? 1_555 B DG  3  O6 ? ? A DC 7   B DG  10  1_555 ? ? ? ? ? ? WATSON-CRICK ?     ? ? 
hydrog21 hydrog ? ? A DC 8  O2 ? ? ? 1_555 B DG  3  N2 ? ? A DC 7   B DG  10  1_555 ? ? ? ? ? ? WATSON-CRICK ?     ? ? 
hydrog22 hydrog ? ? A DC 9  N3 ? ? ? 1_555 B DG  2  N1 ? ? A DC 8   B DG  9   1_555 ? ? ? ? ? ? WATSON-CRICK ?     ? ? 
hydrog23 hydrog ? ? A DC 9  N4 ? ? ? 1_555 B DG  2  O6 ? ? A DC 8   B DG  9   1_555 ? ? ? ? ? ? WATSON-CRICK ?     ? ? 
hydrog24 hydrog ? ? A DC 9  O2 ? ? ? 1_555 B DG  2  N2 ? ? A DC 8   B DG  9   1_555 ? ? ? ? ? ? WATSON-CRICK ?     ? ? 
hydrog25 hydrog ? ? A DT 10 N3 ? ? ? 1_555 B DA  1  N1 ? ? A DT 9   B DA  8   1_555 ? ? ? ? ? ? WATSON-CRICK ?     ? ? 
hydrog26 hydrog ? ? A DT 10 O4 ? ? ? 1_555 B DA  1  N6 ? ? A DT 9   B DA  8   1_555 ? ? ? ? ? ? WATSON-CRICK ?     ? ? 
# 
loop_
_struct_conn_type.id 
_struct_conn_type.criteria 
_struct_conn_type.reference 
metalc ? ? 
hydrog ? ? 
# 
loop_
_pdbx_struct_conn_angle.id 
_pdbx_struct_conn_angle.ptnr1_label_atom_id 
_pdbx_struct_conn_angle.ptnr1_label_alt_id 
_pdbx_struct_conn_angle.ptnr1_label_asym_id 
_pdbx_struct_conn_angle.ptnr1_label_comp_id 
_pdbx_struct_conn_angle.ptnr1_label_seq_id 
_pdbx_struct_conn_angle.ptnr1_auth_atom_id 
_pdbx_struct_conn_angle.ptnr1_auth_asym_id 
_pdbx_struct_conn_angle.ptnr1_auth_comp_id 
_pdbx_struct_conn_angle.ptnr1_auth_seq_id 
_pdbx_struct_conn_angle.ptnr1_PDB_ins_code 
_pdbx_struct_conn_angle.ptnr1_symmetry 
_pdbx_struct_conn_angle.ptnr2_label_atom_id 
_pdbx_struct_conn_angle.ptnr2_label_alt_id 
_pdbx_struct_conn_angle.ptnr2_label_asym_id 
_pdbx_struct_conn_angle.ptnr2_label_comp_id 
_pdbx_struct_conn_angle.ptnr2_label_seq_id 
_pdbx_struct_conn_angle.ptnr2_auth_atom_id 
_pdbx_struct_conn_angle.ptnr2_auth_asym_id 
_pdbx_struct_conn_angle.ptnr2_auth_comp_id 
_pdbx_struct_conn_angle.ptnr2_auth_seq_id 
_pdbx_struct_conn_angle.ptnr2_PDB_ins_code 
_pdbx_struct_conn_angle.ptnr2_symmetry 
_pdbx_struct_conn_angle.ptnr3_label_atom_id 
_pdbx_struct_conn_angle.ptnr3_label_alt_id 
_pdbx_struct_conn_angle.ptnr3_label_asym_id 
_pdbx_struct_conn_angle.ptnr3_label_comp_id 
_pdbx_struct_conn_angle.ptnr3_label_seq_id 
_pdbx_struct_conn_angle.ptnr3_auth_atom_id 
_pdbx_struct_conn_angle.ptnr3_auth_asym_id 
_pdbx_struct_conn_angle.ptnr3_auth_comp_id 
_pdbx_struct_conn_angle.ptnr3_auth_seq_id 
_pdbx_struct_conn_angle.ptnr3_PDB_ins_code 
_pdbx_struct_conn_angle.ptnr3_symmetry 
_pdbx_struct_conn_angle.value 
_pdbx_struct_conn_angle.value_esd 
1  N7 ? A DG  3 ? A DG  2   ? 1_555 ZN ? D ZN . ? A ZN 102 ? 1_555 O ? G HOH . ? A HOH 204 ? 1_555 89.7  ? 
2  N7 ? A DG  3 ? A DG  2   ? 1_555 ZN ? D ZN . ? A ZN 102 ? 1_555 O ? G HOH . ? A HOH 221 ? 1_555 93.8  ? 
3  O  ? G HOH . ? A HOH 204 ? 1_555 ZN ? D ZN . ? A ZN 102 ? 1_555 O ? G HOH . ? A HOH 221 ? 1_555 97.8  ? 
4  N7 ? A DG  3 ? A DG  2   ? 1_555 ZN ? D ZN . ? A ZN 102 ? 1_555 O ? G HOH . ? A HOH 223 ? 1_555 95.9  ? 
5  O  ? G HOH . ? A HOH 204 ? 1_555 ZN ? D ZN . ? A ZN 102 ? 1_555 O ? G HOH . ? A HOH 223 ? 1_555 174.2 ? 
6  O  ? G HOH . ? A HOH 221 ? 1_555 ZN ? D ZN . ? A ZN 102 ? 1_555 O ? G HOH . ? A HOH 223 ? 1_555 80.7  ? 
7  N7 ? A DG  3 ? A DG  2   ? 1_555 ZN ? D ZN . ? A ZN 102 ? 1_555 O ? G HOH . ? A HOH 227 ? 1_555 90.4  ? 
8  O  ? G HOH . ? A HOH 204 ? 1_555 ZN ? D ZN . ? A ZN 102 ? 1_555 O ? G HOH . ? A HOH 227 ? 1_555 88.6  ? 
9  O  ? G HOH . ? A HOH 221 ? 1_555 ZN ? D ZN . ? A ZN 102 ? 1_555 O ? G HOH . ? A HOH 227 ? 1_555 172.3 ? 
10 O  ? G HOH . ? A HOH 223 ? 1_555 ZN ? D ZN . ? A ZN 102 ? 1_555 O ? G HOH . ? A HOH 227 ? 1_555 92.4  ? 
11 N7 ? A DG  3 ? A DG  2   ? 1_555 ZN ? D ZN . ? A ZN 102 ? 1_555 O ? G HOH . ? A HOH 242 ? 1_555 178.7 ? 
12 O  ? G HOH . ? A HOH 204 ? 1_555 ZN ? D ZN . ? A ZN 102 ? 1_555 O ? G HOH . ? A HOH 242 ? 1_555 89.4  ? 
13 O  ? G HOH . ? A HOH 221 ? 1_555 ZN ? D ZN . ? A ZN 102 ? 1_555 O ? G HOH . ? A HOH 242 ? 1_555 87.3  ? 
14 O  ? G HOH . ? A HOH 223 ? 1_555 ZN ? D ZN . ? A ZN 102 ? 1_555 O ? G HOH . ? A HOH 242 ? 1_555 84.9  ? 
15 O  ? G HOH . ? A HOH 227 ? 1_555 ZN ? D ZN . ? A ZN 102 ? 1_555 O ? G HOH . ? A HOH 242 ? 1_555 88.6  ? 
16 N7 ? B DG  2 ? B DG  9   ? 1_555 ZN ? E ZN . ? B ZN 101 ? 1_555 O ? H HOH . ? B HOH 208 ? 1_555 86.6  ? 
17 N7 ? B DG  2 ? B DG  9   ? 1_555 ZN ? E ZN . ? B ZN 101 ? 1_555 O ? H HOH . ? B HOH 212 ? 1_555 90.9  ? 
18 O  ? H HOH . ? B HOH 208 ? 1_555 ZN ? E ZN . ? B ZN 101 ? 1_555 O ? H HOH . ? B HOH 212 ? 1_555 80.0  ? 
19 N7 ? B DG  2 ? B DG  9   ? 1_555 ZN ? E ZN . ? B ZN 101 ? 1_555 O ? H HOH . ? B HOH 220 ? 1_555 97.5  ? 
20 O  ? H HOH . ? B HOH 208 ? 1_555 ZN ? E ZN . ? B ZN 101 ? 1_555 O ? H HOH . ? B HOH 220 ? 1_555 175.8 ? 
21 O  ? H HOH . ? B HOH 212 ? 1_555 ZN ? E ZN . ? B ZN 101 ? 1_555 O ? H HOH . ? B HOH 220 ? 1_555 100.3 ? 
22 N7 ? B DG  2 ? B DG  9   ? 1_555 ZN ? E ZN . ? B ZN 101 ? 1_555 O ? H HOH . ? B HOH 226 ? 1_555 92.7  ? 
23 O  ? H HOH . ? B HOH 208 ? 1_555 ZN ? E ZN . ? B ZN 101 ? 1_555 O ? H HOH . ? B HOH 226 ? 1_555 88.0  ? 
24 O  ? H HOH . ? B HOH 212 ? 1_555 ZN ? E ZN . ? B ZN 101 ? 1_555 O ? H HOH . ? B HOH 226 ? 1_555 167.2 ? 
25 O  ? H HOH . ? B HOH 220 ? 1_555 ZN ? E ZN . ? B ZN 101 ? 1_555 O ? H HOH . ? B HOH 226 ? 1_555 91.4  ? 
26 N7 ? B DG  2 ? B DG  9   ? 1_555 ZN ? E ZN . ? B ZN 101 ? 1_555 O ? H HOH . ? B HOH 237 ? 1_555 170.9 ? 
27 O  ? H HOH . ? B HOH 208 ? 1_555 ZN ? E ZN . ? B ZN 101 ? 1_555 O ? H HOH . ? B HOH 237 ? 1_555 84.3  ? 
28 O  ? H HOH . ? B HOH 212 ? 1_555 ZN ? E ZN . ? B ZN 101 ? 1_555 O ? H HOH . ? B HOH 237 ? 1_555 87.1  ? 
29 O  ? H HOH . ? B HOH 220 ? 1_555 ZN ? E ZN . ? B ZN 101 ? 1_555 O ? H HOH . ? B HOH 237 ? 1_555 91.6  ? 
30 O  ? H HOH . ? B HOH 226 ? 1_555 ZN ? E ZN . ? B ZN 101 ? 1_555 O ? H HOH . ? B HOH 237 ? 1_555 87.4  ? 
31 N7 ? B DG  4 ? B DG  11  ? 1_555 ZN ? F ZN . ? B ZN 102 ? 1_555 O ? H HOH . ? B HOH 213 ? 1_555 95.8  ? 
32 N7 ? B DG  4 ? B DG  11  ? 1_555 ZN ? F ZN . ? B ZN 102 ? 1_555 O ? H HOH . ? B HOH 222 ? 1_555 98.4  ? 
33 O  ? H HOH . ? B HOH 213 ? 1_555 ZN ? F ZN . ? B ZN 102 ? 1_555 O ? H HOH . ? B HOH 222 ? 1_555 77.7  ? 
34 N7 ? B DG  4 ? B DG  11  ? 1_555 ZN ? F ZN . ? B ZN 102 ? 1_555 O ? H HOH . ? B HOH 243 ? 1_555 172.8 ? 
35 O  ? H HOH . ? B HOH 213 ? 1_555 ZN ? F ZN . ? B ZN 102 ? 1_555 O ? H HOH . ? B HOH 243 ? 1_555 88.7  ? 
36 O  ? H HOH . ? B HOH 222 ? 1_555 ZN ? F ZN . ? B ZN 102 ? 1_555 O ? H HOH . ? B HOH 243 ? 1_555 88.1  ? 
# 
loop_
_struct_site.id 
_struct_site.pdbx_evidence_code 
_struct_site.pdbx_auth_asym_id 
_struct_site.pdbx_auth_comp_id 
_struct_site.pdbx_auth_seq_id 
_struct_site.pdbx_auth_ins_code 
_struct_site.pdbx_num_residues 
_struct_site.details 
AC1 Software A SPD 101 ? 2 'binding site for residue SPD A 101' 
AC2 Software A ZN  102 ? 6 'binding site for residue ZN A 102'  
AC3 Software B ZN  101 ? 6 'binding site for residue ZN B 101'  
AC4 Software B ZN  102 ? 4 'binding site for residue ZN B 102'  
# 
loop_
_struct_site_gen.id 
_struct_site_gen.site_id 
_struct_site_gen.pdbx_num_res 
_struct_site_gen.label_comp_id 
_struct_site_gen.label_asym_id 
_struct_site_gen.label_seq_id 
_struct_site_gen.pdbx_auth_ins_code 
_struct_site_gen.auth_comp_id 
_struct_site_gen.auth_asym_id 
_struct_site_gen.auth_seq_id 
_struct_site_gen.label_atom_id 
_struct_site_gen.label_alt_id 
_struct_site_gen.symmetry 
_struct_site_gen.details 
1  AC1 2 DA  A 5 ? DA  A 4   . ? 1_555 ? 
2  AC1 2 DT  A 6 ? DT  A 5   . ? 1_555 ? 
3  AC2 6 DG  A 3 ? DG  A 2   . ? 1_555 ? 
4  AC2 6 HOH G . ? HOH A 204 . ? 1_555 ? 
5  AC2 6 HOH G . ? HOH A 221 . ? 1_555 ? 
6  AC2 6 HOH G . ? HOH A 223 . ? 1_555 ? 
7  AC2 6 HOH G . ? HOH A 227 . ? 1_555 ? 
8  AC2 6 HOH G . ? HOH A 242 . ? 1_555 ? 
9  AC3 6 DG  B 2 ? DG  B 9   . ? 1_555 ? 
10 AC3 6 HOH H . ? HOH B 208 . ? 1_555 ? 
11 AC3 6 HOH H . ? HOH B 212 . ? 1_555 ? 
12 AC3 6 HOH H . ? HOH B 220 . ? 1_555 ? 
13 AC3 6 HOH H . ? HOH B 226 . ? 1_555 ? 
14 AC3 6 HOH H . ? HOH B 237 . ? 1_555 ? 
15 AC4 4 DG  B 4 ? DG  B 11  . ? 1_555 ? 
16 AC4 4 HOH H . ? HOH B 213 . ? 1_555 ? 
17 AC4 4 HOH H . ? HOH B 222 . ? 1_555 ? 
18 AC4 4 HOH H . ? HOH B 243 . ? 1_555 ? 
# 
_pdbx_distant_solvent_atoms.id                                1 
_pdbx_distant_solvent_atoms.PDB_model_num                     1 
_pdbx_distant_solvent_atoms.auth_atom_id                      O 
_pdbx_distant_solvent_atoms.label_alt_id                      ? 
_pdbx_distant_solvent_atoms.auth_asym_id                      B 
_pdbx_distant_solvent_atoms.auth_comp_id                      HOH 
_pdbx_distant_solvent_atoms.auth_seq_id                       245 
_pdbx_distant_solvent_atoms.PDB_ins_code                      ? 
_pdbx_distant_solvent_atoms.neighbor_macromolecule_distance   6.19 
_pdbx_distant_solvent_atoms.neighbor_ligand_distance          . 
# 
loop_
_chem_comp_atom.comp_id 
_chem_comp_atom.atom_id 
_chem_comp_atom.type_symbol 
_chem_comp_atom.pdbx_aromatic_flag 
_chem_comp_atom.pdbx_stereo_config 
_chem_comp_atom.pdbx_ordinal 
DA  OP3    O  N N 1   
DA  P      P  N N 2   
DA  OP1    O  N N 3   
DA  OP2    O  N N 4   
DA  "O5'"  O  N N 5   
DA  "C5'"  C  N N 6   
DA  "C4'"  C  N R 7   
DA  "O4'"  O  N N 8   
DA  "C3'"  C  N S 9   
DA  "O3'"  O  N N 10  
DA  "C2'"  C  N N 11  
DA  "C1'"  C  N R 12  
DA  N9     N  Y N 13  
DA  C8     C  Y N 14  
DA  N7     N  Y N 15  
DA  C5     C  Y N 16  
DA  C6     C  Y N 17  
DA  N6     N  N N 18  
DA  N1     N  Y N 19  
DA  C2     C  Y N 20  
DA  N3     N  Y N 21  
DA  C4     C  Y N 22  
DA  HOP3   H  N N 23  
DA  HOP2   H  N N 24  
DA  "H5'"  H  N N 25  
DA  "H5''" H  N N 26  
DA  "H4'"  H  N N 27  
DA  "H3'"  H  N N 28  
DA  "HO3'" H  N N 29  
DA  "H2'"  H  N N 30  
DA  "H2''" H  N N 31  
DA  "H1'"  H  N N 32  
DA  H8     H  N N 33  
DA  H61    H  N N 34  
DA  H62    H  N N 35  
DA  H2     H  N N 36  
DC  OP3    O  N N 37  
DC  P      P  N N 38  
DC  OP1    O  N N 39  
DC  OP2    O  N N 40  
DC  "O5'"  O  N N 41  
DC  "C5'"  C  N N 42  
DC  "C4'"  C  N R 43  
DC  "O4'"  O  N N 44  
DC  "C3'"  C  N S 45  
DC  "O3'"  O  N N 46  
DC  "C2'"  C  N N 47  
DC  "C1'"  C  N R 48  
DC  N1     N  N N 49  
DC  C2     C  N N 50  
DC  O2     O  N N 51  
DC  N3     N  N N 52  
DC  C4     C  N N 53  
DC  N4     N  N N 54  
DC  C5     C  N N 55  
DC  C6     C  N N 56  
DC  HOP3   H  N N 57  
DC  HOP2   H  N N 58  
DC  "H5'"  H  N N 59  
DC  "H5''" H  N N 60  
DC  "H4'"  H  N N 61  
DC  "H3'"  H  N N 62  
DC  "HO3'" H  N N 63  
DC  "H2'"  H  N N 64  
DC  "H2''" H  N N 65  
DC  "H1'"  H  N N 66  
DC  H41    H  N N 67  
DC  H42    H  N N 68  
DC  H5     H  N N 69  
DC  H6     H  N N 70  
DG  OP3    O  N N 71  
DG  P      P  N N 72  
DG  OP1    O  N N 73  
DG  OP2    O  N N 74  
DG  "O5'"  O  N N 75  
DG  "C5'"  C  N N 76  
DG  "C4'"  C  N R 77  
DG  "O4'"  O  N N 78  
DG  "C3'"  C  N S 79  
DG  "O3'"  O  N N 80  
DG  "C2'"  C  N N 81  
DG  "C1'"  C  N R 82  
DG  N9     N  Y N 83  
DG  C8     C  Y N 84  
DG  N7     N  Y N 85  
DG  C5     C  Y N 86  
DG  C6     C  N N 87  
DG  O6     O  N N 88  
DG  N1     N  N N 89  
DG  C2     C  N N 90  
DG  N2     N  N N 91  
DG  N3     N  N N 92  
DG  C4     C  Y N 93  
DG  HOP3   H  N N 94  
DG  HOP2   H  N N 95  
DG  "H5'"  H  N N 96  
DG  "H5''" H  N N 97  
DG  "H4'"  H  N N 98  
DG  "H3'"  H  N N 99  
DG  "HO3'" H  N N 100 
DG  "H2'"  H  N N 101 
DG  "H2''" H  N N 102 
DG  "H1'"  H  N N 103 
DG  H8     H  N N 104 
DG  H1     H  N N 105 
DG  H21    H  N N 106 
DG  H22    H  N N 107 
DT  OP3    O  N N 108 
DT  P      P  N N 109 
DT  OP1    O  N N 110 
DT  OP2    O  N N 111 
DT  "O5'"  O  N N 112 
DT  "C5'"  C  N N 113 
DT  "C4'"  C  N R 114 
DT  "O4'"  O  N N 115 
DT  "C3'"  C  N S 116 
DT  "O3'"  O  N N 117 
DT  "C2'"  C  N N 118 
DT  "C1'"  C  N R 119 
DT  N1     N  N N 120 
DT  C2     C  N N 121 
DT  O2     O  N N 122 
DT  N3     N  N N 123 
DT  C4     C  N N 124 
DT  O4     O  N N 125 
DT  C5     C  N N 126 
DT  C7     C  N N 127 
DT  C6     C  N N 128 
DT  HOP3   H  N N 129 
DT  HOP2   H  N N 130 
DT  "H5'"  H  N N 131 
DT  "H5''" H  N N 132 
DT  "H4'"  H  N N 133 
DT  "H3'"  H  N N 134 
DT  "HO3'" H  N N 135 
DT  "H2'"  H  N N 136 
DT  "H2''" H  N N 137 
DT  "H1'"  H  N N 138 
DT  H3     H  N N 139 
DT  H71    H  N N 140 
DT  H72    H  N N 141 
DT  H73    H  N N 142 
DT  H6     H  N N 143 
HOH O      O  N N 144 
HOH H1     H  N N 145 
HOH H2     H  N N 146 
SPD N1     N  N N 147 
SPD C2     C  N N 148 
SPD C3     C  N N 149 
SPD C4     C  N N 150 
SPD C5     C  N N 151 
SPD N6     N  N N 152 
SPD C7     C  N N 153 
SPD C8     C  N N 154 
SPD C9     C  N N 155 
SPD N10    N  N N 156 
SPD HN11   H  N N 157 
SPD HN12   H  N N 158 
SPD H21    H  N N 159 
SPD H22    H  N N 160 
SPD H31    H  N N 161 
SPD H32    H  N N 162 
SPD H41    H  N N 163 
SPD H42    H  N N 164 
SPD H51    H  N N 165 
SPD H52    H  N N 166 
SPD HN6    H  N N 167 
SPD H71    H  N N 168 
SPD H72    H  N N 169 
SPD H81    H  N N 170 
SPD H82    H  N N 171 
SPD H91    H  N N 172 
SPD H92    H  N N 173 
SPD H101   H  N N 174 
SPD H102   H  N N 175 
ZN  ZN     ZN N N 176 
# 
loop_
_chem_comp_bond.comp_id 
_chem_comp_bond.atom_id_1 
_chem_comp_bond.atom_id_2 
_chem_comp_bond.value_order 
_chem_comp_bond.pdbx_aromatic_flag 
_chem_comp_bond.pdbx_stereo_config 
_chem_comp_bond.pdbx_ordinal 
DA  OP3   P      sing N N 1   
DA  OP3   HOP3   sing N N 2   
DA  P     OP1    doub N N 3   
DA  P     OP2    sing N N 4   
DA  P     "O5'"  sing N N 5   
DA  OP2   HOP2   sing N N 6   
DA  "O5'" "C5'"  sing N N 7   
DA  "C5'" "C4'"  sing N N 8   
DA  "C5'" "H5'"  sing N N 9   
DA  "C5'" "H5''" sing N N 10  
DA  "C4'" "O4'"  sing N N 11  
DA  "C4'" "C3'"  sing N N 12  
DA  "C4'" "H4'"  sing N N 13  
DA  "O4'" "C1'"  sing N N 14  
DA  "C3'" "O3'"  sing N N 15  
DA  "C3'" "C2'"  sing N N 16  
DA  "C3'" "H3'"  sing N N 17  
DA  "O3'" "HO3'" sing N N 18  
DA  "C2'" "C1'"  sing N N 19  
DA  "C2'" "H2'"  sing N N 20  
DA  "C2'" "H2''" sing N N 21  
DA  "C1'" N9     sing N N 22  
DA  "C1'" "H1'"  sing N N 23  
DA  N9    C8     sing Y N 24  
DA  N9    C4     sing Y N 25  
DA  C8    N7     doub Y N 26  
DA  C8    H8     sing N N 27  
DA  N7    C5     sing Y N 28  
DA  C5    C6     sing Y N 29  
DA  C5    C4     doub Y N 30  
DA  C6    N6     sing N N 31  
DA  C6    N1     doub Y N 32  
DA  N6    H61    sing N N 33  
DA  N6    H62    sing N N 34  
DA  N1    C2     sing Y N 35  
DA  C2    N3     doub Y N 36  
DA  C2    H2     sing N N 37  
DA  N3    C4     sing Y N 38  
DC  OP3   P      sing N N 39  
DC  OP3   HOP3   sing N N 40  
DC  P     OP1    doub N N 41  
DC  P     OP2    sing N N 42  
DC  P     "O5'"  sing N N 43  
DC  OP2   HOP2   sing N N 44  
DC  "O5'" "C5'"  sing N N 45  
DC  "C5'" "C4'"  sing N N 46  
DC  "C5'" "H5'"  sing N N 47  
DC  "C5'" "H5''" sing N N 48  
DC  "C4'" "O4'"  sing N N 49  
DC  "C4'" "C3'"  sing N N 50  
DC  "C4'" "H4'"  sing N N 51  
DC  "O4'" "C1'"  sing N N 52  
DC  "C3'" "O3'"  sing N N 53  
DC  "C3'" "C2'"  sing N N 54  
DC  "C3'" "H3'"  sing N N 55  
DC  "O3'" "HO3'" sing N N 56  
DC  "C2'" "C1'"  sing N N 57  
DC  "C2'" "H2'"  sing N N 58  
DC  "C2'" "H2''" sing N N 59  
DC  "C1'" N1     sing N N 60  
DC  "C1'" "H1'"  sing N N 61  
DC  N1    C2     sing N N 62  
DC  N1    C6     sing N N 63  
DC  C2    O2     doub N N 64  
DC  C2    N3     sing N N 65  
DC  N3    C4     doub N N 66  
DC  C4    N4     sing N N 67  
DC  C4    C5     sing N N 68  
DC  N4    H41    sing N N 69  
DC  N4    H42    sing N N 70  
DC  C5    C6     doub N N 71  
DC  C5    H5     sing N N 72  
DC  C6    H6     sing N N 73  
DG  OP3   P      sing N N 74  
DG  OP3   HOP3   sing N N 75  
DG  P     OP1    doub N N 76  
DG  P     OP2    sing N N 77  
DG  P     "O5'"  sing N N 78  
DG  OP2   HOP2   sing N N 79  
DG  "O5'" "C5'"  sing N N 80  
DG  "C5'" "C4'"  sing N N 81  
DG  "C5'" "H5'"  sing N N 82  
DG  "C5'" "H5''" sing N N 83  
DG  "C4'" "O4'"  sing N N 84  
DG  "C4'" "C3'"  sing N N 85  
DG  "C4'" "H4'"  sing N N 86  
DG  "O4'" "C1'"  sing N N 87  
DG  "C3'" "O3'"  sing N N 88  
DG  "C3'" "C2'"  sing N N 89  
DG  "C3'" "H3'"  sing N N 90  
DG  "O3'" "HO3'" sing N N 91  
DG  "C2'" "C1'"  sing N N 92  
DG  "C2'" "H2'"  sing N N 93  
DG  "C2'" "H2''" sing N N 94  
DG  "C1'" N9     sing N N 95  
DG  "C1'" "H1'"  sing N N 96  
DG  N9    C8     sing Y N 97  
DG  N9    C4     sing Y N 98  
DG  C8    N7     doub Y N 99  
DG  C8    H8     sing N N 100 
DG  N7    C5     sing Y N 101 
DG  C5    C6     sing N N 102 
DG  C5    C4     doub Y N 103 
DG  C6    O6     doub N N 104 
DG  C6    N1     sing N N 105 
DG  N1    C2     sing N N 106 
DG  N1    H1     sing N N 107 
DG  C2    N2     sing N N 108 
DG  C2    N3     doub N N 109 
DG  N2    H21    sing N N 110 
DG  N2    H22    sing N N 111 
DG  N3    C4     sing N N 112 
DT  OP3   P      sing N N 113 
DT  OP3   HOP3   sing N N 114 
DT  P     OP1    doub N N 115 
DT  P     OP2    sing N N 116 
DT  P     "O5'"  sing N N 117 
DT  OP2   HOP2   sing N N 118 
DT  "O5'" "C5'"  sing N N 119 
DT  "C5'" "C4'"  sing N N 120 
DT  "C5'" "H5'"  sing N N 121 
DT  "C5'" "H5''" sing N N 122 
DT  "C4'" "O4'"  sing N N 123 
DT  "C4'" "C3'"  sing N N 124 
DT  "C4'" "H4'"  sing N N 125 
DT  "O4'" "C1'"  sing N N 126 
DT  "C3'" "O3'"  sing N N 127 
DT  "C3'" "C2'"  sing N N 128 
DT  "C3'" "H3'"  sing N N 129 
DT  "O3'" "HO3'" sing N N 130 
DT  "C2'" "C1'"  sing N N 131 
DT  "C2'" "H2'"  sing N N 132 
DT  "C2'" "H2''" sing N N 133 
DT  "C1'" N1     sing N N 134 
DT  "C1'" "H1'"  sing N N 135 
DT  N1    C2     sing N N 136 
DT  N1    C6     sing N N 137 
DT  C2    O2     doub N N 138 
DT  C2    N3     sing N N 139 
DT  N3    C4     sing N N 140 
DT  N3    H3     sing N N 141 
DT  C4    O4     doub N N 142 
DT  C4    C5     sing N N 143 
DT  C5    C7     sing N N 144 
DT  C5    C6     doub N N 145 
DT  C7    H71    sing N N 146 
DT  C7    H72    sing N N 147 
DT  C7    H73    sing N N 148 
DT  C6    H6     sing N N 149 
HOH O     H1     sing N N 150 
HOH O     H2     sing N N 151 
SPD N1    C2     sing N N 152 
SPD N1    HN11   sing N N 153 
SPD N1    HN12   sing N N 154 
SPD C2    C3     sing N N 155 
SPD C2    H21    sing N N 156 
SPD C2    H22    sing N N 157 
SPD C3    C4     sing N N 158 
SPD C3    H31    sing N N 159 
SPD C3    H32    sing N N 160 
SPD C4    C5     sing N N 161 
SPD C4    H41    sing N N 162 
SPD C4    H42    sing N N 163 
SPD C5    N6     sing N N 164 
SPD C5    H51    sing N N 165 
SPD C5    H52    sing N N 166 
SPD N6    C7     sing N N 167 
SPD N6    HN6    sing N N 168 
SPD C7    C8     sing N N 169 
SPD C7    H71    sing N N 170 
SPD C7    H72    sing N N 171 
SPD C8    C9     sing N N 172 
SPD C8    H81    sing N N 173 
SPD C8    H82    sing N N 174 
SPD C9    N10    sing N N 175 
SPD C9    H91    sing N N 176 
SPD C9    H92    sing N N 177 
SPD N10   H101   sing N N 178 
SPD N10   H102   sing N N 179 
# 
_ndb_struct_conf_na.entry_id   6DY5 
_ndb_struct_conf_na.feature    'a-form double helix' 
# 
loop_
_ndb_struct_na_base_pair.model_number 
_ndb_struct_na_base_pair.i_label_asym_id 
_ndb_struct_na_base_pair.i_label_comp_id 
_ndb_struct_na_base_pair.i_label_seq_id 
_ndb_struct_na_base_pair.i_symmetry 
_ndb_struct_na_base_pair.j_label_asym_id 
_ndb_struct_na_base_pair.j_label_comp_id 
_ndb_struct_na_base_pair.j_label_seq_id 
_ndb_struct_na_base_pair.j_symmetry 
_ndb_struct_na_base_pair.shear 
_ndb_struct_na_base_pair.stretch 
_ndb_struct_na_base_pair.stagger 
_ndb_struct_na_base_pair.buckle 
_ndb_struct_na_base_pair.propeller 
_ndb_struct_na_base_pair.opening 
_ndb_struct_na_base_pair.pair_number 
_ndb_struct_na_base_pair.pair_name 
_ndb_struct_na_base_pair.i_auth_asym_id 
_ndb_struct_na_base_pair.i_auth_seq_id 
_ndb_struct_na_base_pair.i_PDB_ins_code 
_ndb_struct_na_base_pair.j_auth_asym_id 
_ndb_struct_na_base_pair.j_auth_seq_id 
_ndb_struct_na_base_pair.j_PDB_ins_code 
_ndb_struct_na_base_pair.hbond_type_28 
_ndb_struct_na_base_pair.hbond_type_12 
1 A DA 1  1_555 B DT 10 1_555 -0.210 -0.189 -0.295 -13.494 -9.985  4.041  1  A_DA0:DT17_B A 0 ? B 17 ? 20 1 
1 A DG 2  1_555 B DC 9  1_555 -0.250 -0.146 0.202  -3.220  -10.023 1.253  2  A_DG1:DC16_B A 1 ? B 16 ? 19 1 
1 A DG 3  1_555 B DC 8  1_555 -0.298 -0.069 -0.076 -14.293 -9.905  0.515  3  A_DG2:DC15_B A 2 ? B 15 ? 19 1 
1 A DG 4  1_555 B DC 7  1_555 -0.240 -0.080 -0.227 -7.165  -15.149 0.841  4  A_DG3:DC14_B A 3 ? B 14 ? 19 1 
1 A DA 5  1_555 B DT 6  1_555 0.008  -0.064 0.076  -1.360  -10.281 -1.316 5  A_DA4:DT13_B A 4 ? B 13 ? 20 1 
1 A DT 6  1_555 B DA 5  1_555 -0.041 -0.039 -0.043 13.033  -9.986  6.056  6  A_DT5:DA12_B A 5 ? B 12 ? 20 1 
1 A DC 7  1_555 B DG 4  1_555 0.418  -0.063 -0.175 10.678  -13.808 2.842  7  A_DC6:DG11_B A 6 ? B 11 ? 19 1 
1 A DC 8  1_555 B DG 3  1_555 0.387  -0.150 -0.023 -0.097  -5.311  -0.230 8  A_DC7:DG10_B A 7 ? B 10 ? 19 1 
1 A DC 9  1_555 B DG 2  1_555 0.281  -0.076 0.046  -1.573  -8.668  1.816  9  A_DC8:DG9_B  A 8 ? B 9  ? 19 1 
1 A DT 10 1_555 B DA 1  1_555 0.064  -0.123 0.009  15.543  4.159   -0.201 10 A_DT9:DA8_B  A 9 ? B 8  ? 20 1 
# 
loop_
_ndb_struct_na_base_pair_step.model_number 
_ndb_struct_na_base_pair_step.i_label_asym_id_1 
_ndb_struct_na_base_pair_step.i_label_comp_id_1 
_ndb_struct_na_base_pair_step.i_label_seq_id_1 
_ndb_struct_na_base_pair_step.i_symmetry_1 
_ndb_struct_na_base_pair_step.j_label_asym_id_1 
_ndb_struct_na_base_pair_step.j_label_comp_id_1 
_ndb_struct_na_base_pair_step.j_label_seq_id_1 
_ndb_struct_na_base_pair_step.j_symmetry_1 
_ndb_struct_na_base_pair_step.i_label_asym_id_2 
_ndb_struct_na_base_pair_step.i_label_comp_id_2 
_ndb_struct_na_base_pair_step.i_label_seq_id_2 
_ndb_struct_na_base_pair_step.i_symmetry_2 
_ndb_struct_na_base_pair_step.j_label_asym_id_2 
_ndb_struct_na_base_pair_step.j_label_comp_id_2 
_ndb_struct_na_base_pair_step.j_label_seq_id_2 
_ndb_struct_na_base_pair_step.j_symmetry_2 
_ndb_struct_na_base_pair_step.shift 
_ndb_struct_na_base_pair_step.slide 
_ndb_struct_na_base_pair_step.rise 
_ndb_struct_na_base_pair_step.tilt 
_ndb_struct_na_base_pair_step.roll 
_ndb_struct_na_base_pair_step.twist 
_ndb_struct_na_base_pair_step.x_displacement 
_ndb_struct_na_base_pair_step.y_displacement 
_ndb_struct_na_base_pair_step.helical_rise 
_ndb_struct_na_base_pair_step.inclination 
_ndb_struct_na_base_pair_step.tip 
_ndb_struct_na_base_pair_step.helical_twist 
_ndb_struct_na_base_pair_step.step_number 
_ndb_struct_na_base_pair_step.step_name 
_ndb_struct_na_base_pair_step.i_auth_asym_id_1 
_ndb_struct_na_base_pair_step.i_auth_seq_id_1 
_ndb_struct_na_base_pair_step.i_PDB_ins_code_1 
_ndb_struct_na_base_pair_step.j_auth_asym_id_1 
_ndb_struct_na_base_pair_step.j_auth_seq_id_1 
_ndb_struct_na_base_pair_step.j_PDB_ins_code_1 
_ndb_struct_na_base_pair_step.i_auth_asym_id_2 
_ndb_struct_na_base_pair_step.i_auth_seq_id_2 
_ndb_struct_na_base_pair_step.i_PDB_ins_code_2 
_ndb_struct_na_base_pair_step.j_auth_asym_id_2 
_ndb_struct_na_base_pair_step.j_auth_seq_id_2 
_ndb_struct_na_base_pair_step.j_PDB_ins_code_2 
1 A DA 1 1_555 B DT 10 1_555 A DG 2  1_555 B DC 9 1_555 0.847  -1.915 3.062 -1.065 2.802  22.791 -5.691 -2.461 2.767 7.052  2.681 
22.984 1 AA_DA0DG1:DC16DT17_BB A 0 ? B 17 ? A 1 ? B 16 ? 
1 A DG 2 1_555 B DC 9  1_555 A DG 3  1_555 B DC 8 1_555 0.127  -1.614 3.592 7.316  0.089  33.331 -2.767 1.063  3.535 0.153  
-12.568 34.102 2 AA_DG1DG2:DC15DC16_BB A 1 ? B 16 ? A 2 ? B 15 ? 
1 A DG 3 1_555 B DC 8  1_555 A DG 4  1_555 B DC 7 1_555 -0.514 -0.583 3.160 -2.029 13.456 35.065 -2.562 0.550  2.784 21.365 3.222 
37.536 3 AA_DG2DG3:DC14DC15_BB A 2 ? B 15 ? A 3 ? B 14 ? 
1 A DG 4 1_555 B DC 7  1_555 A DA 5  1_555 B DT 6 1_555 1.116  -1.578 3.180 2.453  17.227 23.778 -6.216 -1.757 1.763 36.238 -5.160 
29.391 4 AA_DG3DA4:DT13DC14_BB A 3 ? B 14 ? A 4 ? B 13 ? 
1 A DA 5 1_555 B DT 6  1_555 A DT 6  1_555 B DA 5 1_555 0.722  -0.972 2.971 1.455  6.320  31.361 -2.772 -1.077 2.757 11.538 -2.656 
32.008 5 AA_DA4DT5:DA12DT13_BB A 4 ? B 13 ? A 5 ? B 12 ? 
1 A DT 6 1_555 B DA 5  1_555 A DC 7  1_555 B DG 4 1_555 0.524  -2.185 3.179 3.493  11.489 27.410 -6.272 -0.397 2.157 22.903 -6.963 
29.879 6 AA_DT5DC6:DG11DA12_BB A 5 ? B 12 ? A 6 ? B 11 ? 
1 A DC 7 1_555 B DG 4  1_555 A DC 8  1_555 B DG 3 1_555 -0.339 -2.351 3.482 -1.267 8.559  33.874 -5.186 0.376  2.833 14.400 2.132 
34.930 7 AA_DC6DC7:DG10DG11_BB A 6 ? B 11 ? A 7 ? B 10 ? 
1 A DC 8 1_555 B DG 3  1_555 A DC 9  1_555 B DG 2 1_555 -0.392 -2.392 3.232 0.911  9.102  24.103 -7.549 1.098  2.181 20.860 -2.088 
25.756 8 AA_DC7DC8:DG9DG10_BB  A 7 ? B 10 ? A 8 ? B 9  ? 
1 A DC 9 1_555 B DG 2  1_555 A DT 10 1_555 B DA 1 1_555 -0.572 -1.834 3.146 -3.538 -3.503 27.690 -2.945 0.341  3.393 -7.246 7.318 
28.126 9 AA_DC8DT9:DA8DG9_BB   A 8 ? B 9  ? A 9 ? B 8  ? 
# 
_pdbx_audit_support.funding_organization   'Department of Defense (DOD, United States)' 
_pdbx_audit_support.country                'United States' 
_pdbx_audit_support.grant_number           PC150300P1 
_pdbx_audit_support.ordinal                1 
# 
_atom_sites.entry_id                    6DY5 
_atom_sites.fract_transf_matrix[1][1]   0.01011505 
_atom_sites.fract_transf_matrix[1][2]   -0.03007728 
_atom_sites.fract_transf_matrix[1][3]   -0.02286634 
_atom_sites.fract_transf_matrix[2][1]   0.01077331 
_atom_sites.fract_transf_matrix[2][2]   -0.01026192 
_atom_sites.fract_transf_matrix[2][3]   0.01826366 
_atom_sites.fract_transf_matrix[3][1]   -0.01728956 
_atom_sites.fract_transf_matrix[3][2]   -0.00950702 
_atom_sites.fract_transf_matrix[3][3]   0.00485694 
_atom_sites.fract_transf_vector[1]      -1.140333 
_atom_sites.fract_transf_vector[2]      0.030209 
_atom_sites.fract_transf_vector[3]      0.260176 
# 
loop_
_atom_type.symbol 
C  
N  
O  
P  
ZN 
# 
loop_
_atom_site.group_PDB 
_atom_site.id 
_atom_site.type_symbol 
_atom_site.label_atom_id 
_atom_site.label_alt_id 
_atom_site.label_comp_id 
_atom_site.label_asym_id 
_atom_site.label_entity_id 
_atom_site.label_seq_id 
_atom_site.pdbx_PDB_ins_code 
_atom_site.Cartn_x 
_atom_site.Cartn_y 
_atom_site.Cartn_z 
_atom_site.occupancy 
_atom_site.B_iso_or_equiv 
_atom_site.pdbx_formal_charge 
_atom_site.auth_seq_id 
_atom_site.auth_comp_id 
_atom_site.auth_asym_id 
_atom_site.auth_atom_id 
_atom_site.pdbx_PDB_model_num 
ATOM   1   O  "O5'" . DA  A 1 1  ? 1.526   1.100   -13.582 1.00 37.67  ? 0   DA  A "O5'" 1 
ATOM   2   C  "C5'" . DA  A 1 1  ? 0.947   2.143   -14.392 1.00 31.20  ? 0   DA  A "C5'" 1 
ATOM   3   C  "C4'" . DA  A 1 1  ? -0.532  2.309   -14.119 1.00 25.08  ? 0   DA  A "C4'" 1 
ATOM   4   O  "O4'" . DA  A 1 1  ? -1.290  1.116   -14.430 1.00 25.93  ? 0   DA  A "O4'" 1 
ATOM   5   C  "C3'" . DA  A 1 1  ? -0.898  2.629   -12.674 1.00 22.79  ? 0   DA  A "C3'" 1 
ATOM   6   O  "O3'" . DA  A 1 1  ? -0.624  4.005   -12.353 1.00 25.36  ? 0   DA  A "O3'" 1 
ATOM   7   C  "C2'" . DA  A 1 1  ? -2.362  2.231   -12.631 1.00 22.88  ? 0   DA  A "C2'" 1 
ATOM   8   C  "C1'" . DA  A 1 1  ? -2.391  0.986   -13.522 1.00 22.07  ? 0   DA  A "C1'" 1 
ATOM   9   N  N9    . DA  A 1 1  ? -2.251  -0.291  -12.813 1.00 21.56  ? 0   DA  A N9    1 
ATOM   10  C  C8    . DA  A 1 1  ? -1.091  -0.973  -12.526 1.00 23.89  ? 0   DA  A C8    1 
ATOM   11  N  N7    . DA  A 1 1  ? -1.283  -2.098  -11.883 1.00 23.82  ? 0   DA  A N7    1 
ATOM   12  C  C5    . DA  A 1 1  ? -2.658  -2.148  -11.702 1.00 24.15  ? 0   DA  A C5    1 
ATOM   13  C  C6    . DA  A 1 1  ? -3.499  -3.100  -11.091 1.00 20.53  ? 0   DA  A C6    1 
ATOM   14  N  N6    . DA  A 1 1  ? -3.053  -4.192  -10.468 1.00 23.32  ? 0   DA  A N6    1 
ATOM   15  N  N1    . DA  A 1 1  ? -4.831  -2.856  -11.090 1.00 22.58  ? 0   DA  A N1    1 
ATOM   16  C  C2    . DA  A 1 1  ? -5.276  -1.734  -11.677 1.00 20.19  ? 0   DA  A C2    1 
ATOM   17  N  N3    . DA  A 1 1  ? -4.585  -0.778  -12.304 1.00 23.27  ? 0   DA  A N3    1 
ATOM   18  C  C4    . DA  A 1 1  ? -3.267  -1.046  -12.276 1.00 20.07  ? 0   DA  A C4    1 
ATOM   19  P  P     . DG  A 1 2  ? -0.505  4.467   -10.824 1.00 26.19  ? 1   DG  A P     1 
ATOM   20  O  OP1   . DG  A 1 2  ? -0.234  5.936   -10.809 1.00 28.52  ? 1   DG  A OP1   1 
ATOM   21  O  OP2   . DG  A 1 2  ? 0.412   3.543   -10.114 1.00 28.24  ? 1   DG  A OP2   1 
ATOM   22  O  "O5'" . DG  A 1 2  ? -1.988  4.232   -10.299 1.00 26.06  ? 1   DG  A "O5'" 1 
ATOM   23  C  "C5'" . DG  A 1 2  ? -2.297  3.663   -9.014  1.00 25.87  ? 1   DG  A "C5'" 1 
ATOM   24  C  "C4'" . DG  A 1 2  ? -3.735  3.206   -9.023  1.00 22.87  ? 1   DG  A "C4'" 1 
ATOM   25  O  "O4'" . DG  A 1 2  ? -3.850  1.986   -9.801  1.00 22.95  ? 1   DG  A "O4'" 1 
ATOM   26  C  "C3'" . DG  A 1 2  ? -4.333  2.857   -7.669  1.00 18.38  ? 1   DG  A "C3'" 1 
ATOM   27  O  "O3'" . DG  A 1 2  ? -4.749  4.047   -6.975  1.00 21.64  ? 1   DG  A "O3'" 1 
ATOM   28  C  "C2'" . DG  A 1 2  ? -5.452  1.911   -8.067  1.00 18.07  ? 1   DG  A "C2'" 1 
ATOM   29  C  "C1'" . DG  A 1 2  ? -4.822  1.118   -9.217  1.00 19.98  ? 1   DG  A "C1'" 1 
ATOM   30  N  N9    . DG  A 1 2  ? -4.146  -0.094  -8.751  1.00 18.84  ? 1   DG  A N9    1 
ATOM   31  C  C8    . DG  A 1 2  ? -2.795  -0.342  -8.692  1.00 19.27  ? 1   DG  A C8    1 
ATOM   32  N  N7    . DG  A 1 2  ? -2.511  -1.509  -8.176  1.00 19.52  ? 1   DG  A N7    1 
ATOM   33  C  C5    . DG  A 1 2  ? -3.749  -2.063  -7.877  1.00 18.16  ? 1   DG  A C5    1 
ATOM   34  C  C6    . DG  A 1 2  ? -4.084  -3.317  -7.292  1.00 18.02  ? 1   DG  A C6    1 
ATOM   35  O  O6    . DG  A 1 2  ? -3.332  -4.233  -6.938  1.00 19.65  ? 1   DG  A O6    1 
ATOM   36  N  N1    . DG  A 1 2  ? -5.461  -3.476  -7.177  1.00 17.06  ? 1   DG  A N1    1 
ATOM   37  C  C2    . DG  A 1 2  ? -6.396  -2.544  -7.553  1.00 18.07  ? 1   DG  A C2    1 
ATOM   38  N  N2    . DG  A 1 2  ? -7.677  -2.874  -7.353  1.00 18.11  ? 1   DG  A N2    1 
ATOM   39  N  N3    . DG  A 1 2  ? -6.097  -1.377  -8.096  1.00 18.02  ? 1   DG  A N3    1 
ATOM   40  C  C4    . DG  A 1 2  ? -4.767  -1.205  -8.229  1.00 17.63  ? 1   DG  A C4    1 
ATOM   41  P  P     . DG  A 1 3  ? -4.789  4.089   -5.368  1.00 22.21  ? 2   DG  A P     1 
ATOM   42  O  OP1   . DG  A 1 3  ? -5.174  5.457   -4.953  1.00 26.83  ? 2   DG  A OP1   1 
ATOM   43  O  OP2   . DG  A 1 3  ? -3.551  3.483   -4.828  1.00 22.99  ? 2   DG  A OP2   1 
ATOM   44  O  "O5'" . DG  A 1 3  ? -5.989  3.112   -5.010  1.00 21.21  ? 2   DG  A "O5'" 1 
ATOM   45  C  "C5'" . DG  A 1 3  ? -7.311  3.387   -5.471  1.00 24.06  ? 2   DG  A "C5'" 1 
ATOM   46  C  "C4'" . DG  A 1 3  ? -8.208  2.215   -5.161  1.00 20.17  ? 2   DG  A "C4'" 1 
ATOM   47  O  "O4'" . DG  A 1 3  ? -7.692  1.028   -5.798  1.00 18.90  ? 2   DG  A "O4'" 1 
ATOM   48  C  "C3'" . DG  A 1 3  ? -8.311  1.831   -3.692  1.00 20.09  ? 2   DG  A "C3'" 1 
ATOM   49  O  "O3'" . DG  A 1 3  ? -9.278  2.636   -3.039  1.00 21.91  ? 2   DG  A "O3'" 1 
ATOM   50  C  "C2'" . DG  A 1 3  ? -8.781  0.396   -3.778  1.00 18.90  ? 2   DG  A "C2'" 1 
ATOM   51  C  "C1'" . DG  A 1 3  ? -7.966  -0.095  -4.959  1.00 18.87  ? 2   DG  A "C1'" 1 
ATOM   52  N  N9    . DG  A 1 3  ? -6.699  -0.720  -4.610  1.00 17.06  ? 2   DG  A N9    1 
ATOM   53  C  C8    . DG  A 1 3  ? -5.423  -0.223  -4.748  1.00 17.62  ? 2   DG  A C8    1 
ATOM   54  N  N7    . DG  A 1 3  ? -4.502  -1.065  -4.363  1.00 16.92  ? 2   DG  A N7    1 
ATOM   55  C  C5    . DG  A 1 3  ? -5.213  -2.207  -4.006  1.00 17.54  ? 2   DG  A C5    1 
ATOM   56  C  C6    . DG  A 1 3  ? -4.757  -3.484  -3.566  1.00 16.63  ? 2   DG  A C6    1 
ATOM   57  O  O6    . DG  A 1 3  ? -3.593  -3.883  -3.426  1.00 17.64  ? 2   DG  A O6    1 
ATOM   58  N  N1    . DG  A 1 3  ? -5.820  -4.326  -3.256  1.00 16.55  ? 2   DG  A N1    1 
ATOM   59  C  C2    . DG  A 1 3  ? -7.152  -3.991  -3.363  1.00 16.95  ? 2   DG  A C2    1 
ATOM   60  N  N2    . DG  A 1 3  ? -8.035  -4.934  -3.013  1.00 19.07  ? 2   DG  A N2    1 
ATOM   61  N  N3    . DG  A 1 3  ? -7.584  -2.838  -3.838  1.00 16.82  ? 2   DG  A N3    1 
ATOM   62  C  C4    . DG  A 1 3  ? -6.569  -1.995  -4.124  1.00 16.58  ? 2   DG  A C4    1 
ATOM   63  P  P     . DG  A 1 4  ? -9.239  2.816   -1.454  1.00 22.38  ? 3   DG  A P     1 
ATOM   64  O  OP1   . DG  A 1 4  ? -10.162 3.914   -1.125  1.00 25.99  ? 3   DG  A OP1   1 
ATOM   65  O  OP2   . DG  A 1 4  ? -7.830  2.886   -1.005  1.00 24.34  ? 3   DG  A OP2   1 
ATOM   66  O  "O5'" . DG  A 1 4  ? -9.812  1.435   -0.926  1.00 20.20  ? 3   DG  A "O5'" 1 
ATOM   67  C  "C5'" . DG  A 1 4  ? -11.184 1.065   -1.019  1.00 24.05  ? 3   DG  A "C5'" 1 
ATOM   68  C  "C4'" . DG  A 1 4  ? -11.378 -0.195  -0.213  1.00 21.03  ? 3   DG  A "C4'" 1 
ATOM   69  O  "O4'" . DG  A 1 4  ? -10.718 -1.312  -0.871  1.00 20.78  ? 3   DG  A "O4'" 1 
ATOM   70  C  "C3'" . DG  A 1 4  ? -10.783 -0.144  1.188   1.00 21.09  ? 3   DG  A "C3'" 1 
ATOM   71  O  "O3'" . DG  A 1 4  ? -11.710 0.475   2.103   1.00 22.80  ? 3   DG  A "O3'" 1 
ATOM   72  C  "C2'" . DG  A 1 4  ? -10.480 -1.602  1.470   1.00 20.12  ? 3   DG  A "C2'" 1 
ATOM   73  C  "C1'" . DG  A 1 4  ? -10.052 -2.124  0.096   1.00 20.10  ? 3   DG  A "C1'" 1 
ATOM   74  N  N9    . DG  A 1 4  ? -8.612  -2.068  -0.171  1.00 18.30  ? 3   DG  A N9    1 
ATOM   75  C  C8    . DG  A 1 4  ? -7.875  -0.984  -0.591  1.00 17.71  ? 3   DG  A C8    1 
ATOM   76  N  N7    . DG  A 1 4  ? -6.600  -1.244  -0.707  1.00 16.42  ? 3   DG  A N7    1 
ATOM   77  C  C5    . DG  A 1 4  ? -6.482  -2.564  -0.292  1.00 17.21  ? 3   DG  A C5    1 
ATOM   78  C  C6    . DG  A 1 4  ? -5.337  -3.403  -0.200  1.00 16.89  ? 3   DG  A C6    1 
ATOM   79  O  O6    . DG  A 1 4  ? -4.161  -3.138  -0.474  1.00 16.46  ? 3   DG  A O6    1 
ATOM   80  N  N1    . DG  A 1 4  ? -5.664  -4.659  0.294   1.00 17.03  ? 3   DG  A N1    1 
ATOM   81  C  C2    . DG  A 1 4  ? -6.934  -5.080  0.605   1.00 18.73  ? 3   DG  A C2    1 
ATOM   82  N  N2    . DG  A 1 4  ? -7.054  -6.359  1.012   1.00 21.08  ? 3   DG  A N2    1 
ATOM   83  N  N3    . DG  A 1 4  ? -8.011  -4.319  0.499   1.00 19.57  ? 3   DG  A N3    1 
ATOM   84  C  C4    . DG  A 1 4  ? -7.710  -3.075  0.071   1.00 17.80  ? 3   DG  A C4    1 
ATOM   85  P  P     . DA  A 1 5  ? -11.168 1.279   3.373   1.00 23.91  ? 4   DA  A P     1 
ATOM   86  O  OP1   . DA  A 1 5  ? -12.342 1.755   4.136   1.00 26.89  ? 4   DA  A OP1   1 
ATOM   87  O  OP2   . DA  A 1 5  ? -10.176 2.270   2.916   1.00 24.19  ? 4   DA  A OP2   1 
ATOM   88  O  "O5'" . DA  A 1 5  ? -10.402 0.133   4.165   1.00 24.06  ? 4   DA  A "O5'" 1 
ATOM   89  C  "C5'" . DA  A 1 5  ? -9.106  0.355   4.768   1.00 24.13  ? 4   DA  A "C5'" 1 
ATOM   90  C  "C4'" . DA  A 1 5  ? -8.536  -0.963  5.240   1.00 19.68  ? 4   DA  A "C4'" 1 
ATOM   91  O  "O4'" . DA  A 1 5  ? -8.066  -1.729  4.107   1.00 21.97  ? 4   DA  A "O4'" 1 
ATOM   92  C  "C3'" . DA  A 1 5  ? -7.329  -0.886  6.163   1.00 22.18  ? 4   DA  A "C3'" 1 
ATOM   93  O  "O3'" . DA  A 1 5  ? -7.774  -0.669  7.501   1.00 24.55  ? 4   DA  A "O3'" 1 
ATOM   94  C  "C2'" . DA  A 1 5  ? -6.720  -2.262  5.983   1.00 21.76  ? 4   DA  A "C2'" 1 
ATOM   95  C  "C1'" . DA  A 1 5  ? -6.928  -2.504  4.493   1.00 23.35  ? 4   DA  A "C1'" 1 
ATOM   96  N  N9    . DA  A 1 5  ? -5.796  -2.100  3.657   1.00 20.60  ? 4   DA  A N9    1 
ATOM   97  C  C8    . DA  A 1 5  ? -5.647  -0.942  2.931   1.00 18.28  ? 4   DA  A C8    1 
ATOM   98  N  N7    . DA  A 1 5  ? -4.499  -0.858  2.303   1.00 19.22  ? 4   DA  A N7    1 
ATOM   99  C  C5    . DA  A 1 5  ? -3.874  -2.065  2.585   1.00 18.80  ? 4   DA  A C5    1 
ATOM   100 C  C6    . DA  A 1 5  ? -2.620  -2.595  2.217   1.00 18.69  ? 4   DA  A C6    1 
ATOM   101 N  N6    . DA  A 1 5  ? -1.764  -1.978  1.401   1.00 19.12  ? 4   DA  A N6    1 
ATOM   102 N  N1    . DA  A 1 5  ? -2.285  -3.812  2.704   1.00 19.14  ? 4   DA  A N1    1 
ATOM   103 C  C2    . DA  A 1 5  ? -3.143  -4.433  3.524   1.00 19.27  ? 4   DA  A C2    1 
ATOM   104 N  N3    . DA  A 1 5  ? -4.343  -4.038  3.943   1.00 20.53  ? 4   DA  A N3    1 
ATOM   105 C  C4    . DA  A 1 5  ? -4.638  -2.817  3.459   1.00 19.24  ? 4   DA  A C4    1 
ATOM   106 P  P     . DT  A 1 6  ? -6.908  0.234   8.516   1.00 24.11  ? 5   DT  A P     1 
ATOM   107 O  OP1   . DT  A 1 6  ? -7.695  0.432   9.755   1.00 29.15  ? 5   DT  A OP1   1 
ATOM   108 O  OP2   . DT  A 1 6  ? -6.434  1.432   7.781   1.00 25.41  ? 5   DT  A OP2   1 
ATOM   109 O  "O5'" . DT  A 1 6  ? -5.667  -0.707  8.858   1.00 24.99  ? 5   DT  A "O5'" 1 
ATOM   110 C  "C5'" . DT  A 1 6  ? -5.860  -1.939  9.578   1.00 27.63  ? 5   DT  A "C5'" 1 
ATOM   111 C  "C4'" . DT  A 1 6  ? -4.609  -2.783  9.518   1.00 26.23  ? 5   DT  A "C4'" 1 
ATOM   112 O  "O4'" . DT  A 1 6  ? -4.327  -3.110  8.142   1.00 23.88  ? 5   DT  A "O4'" 1 
ATOM   113 C  "C3'" . DT  A 1 6  ? -3.339  -2.107  10.017  1.00 25.75  ? 5   DT  A "C3'" 1 
ATOM   114 O  "O3'" . DT  A 1 6  ? -3.242  -2.205  11.439  1.00 30.57  ? 5   DT  A "O3'" 1 
ATOM   115 C  "C2'" . DT  A 1 6  ? -2.255  -2.875  9.289   1.00 23.01  ? 5   DT  A "C2'" 1 
ATOM   116 C  "C1'" . DT  A 1 6  ? -2.916  -3.200  7.951   1.00 23.62  ? 5   DT  A "C1'" 1 
ATOM   117 N  N1    . DT  A 1 6  ? -2.530  -2.286  6.847   1.00 19.89  ? 5   DT  A N1    1 
ATOM   118 C  C2    . DT  A 1 6  ? -1.429  -2.637  6.093   1.00 19.94  ? 5   DT  A C2    1 
ATOM   119 O  O2    . DT  A 1 6  ? -0.791  -3.659  6.281   1.00 21.97  ? 5   DT  A O2    1 
ATOM   120 N  N3    . DT  A 1 6  ? -1.110  -1.745  5.097   1.00 18.96  ? 5   DT  A N3    1 
ATOM   121 C  C4    . DT  A 1 6  ? -1.744  -0.548  4.811   1.00 18.68  ? 5   DT  A C4    1 
ATOM   122 O  O4    . DT  A 1 6  ? -1.340  0.152   3.886   1.00 18.36  ? 5   DT  A O4    1 
ATOM   123 C  C5    . DT  A 1 6  ? -2.880  -0.237  5.653   1.00 19.59  ? 5   DT  A C5    1 
ATOM   124 C  C7    . DT  A 1 6  ? -3.632  1.037   5.419   1.00 20.58  ? 5   DT  A C7    1 
ATOM   125 C  C6    . DT  A 1 6  ? -3.203  -1.104  6.620   1.00 21.38  ? 5   DT  A C6    1 
ATOM   126 P  P     . DC  A 1 7  ? -2.323  -1.175  12.259  1.00 31.02  ? 6   DC  A P     1 
ATOM   127 O  OP1   . DC  A 1 7  ? -2.553  -1.415  13.703  1.00 35.48  ? 6   DC  A OP1   1 
ATOM   128 O  OP2   . DC  A 1 7  ? -2.530  0.190   11.716  1.00 31.31  ? 6   DC  A OP2   1 
ATOM   129 O  "O5'" . DC  A 1 7  ? -0.852  -1.636  11.866  1.00 29.71  ? 6   DC  A "O5'" 1 
ATOM   130 C  "C5'" . DC  A 1 7  ? 0.201   -0.691  11.609  1.00 26.58  ? 6   DC  A "C5'" 1 
ATOM   131 C  "C4'" . DC  A 1 7  ? 1.351   -1.408  10.945  1.00 22.87  ? 6   DC  A "C4'" 1 
ATOM   132 O  "O4'" . DC  A 1 7  ? 0.952   -1.808  9.610   1.00 25.86  ? 6   DC  A "O4'" 1 
ATOM   133 C  "C3'" . DC  A 1 7  ? 2.625   -0.598  10.738  1.00 24.02  ? 6   DC  A "C3'" 1 
ATOM   134 O  "O3'" . DC  A 1 7  ? 3.464   -0.599  11.899  1.00 25.88  ? 6   DC  A "O3'" 1 
ATOM   135 C  "C2'" . DC  A 1 7  ? 3.272   -1.340  9.586   1.00 22.55  ? 6   DC  A "C2'" 1 
ATOM   136 C  "C1'" . DC  A 1 7  ? 2.073   -1.742  8.733   1.00 26.33  ? 6   DC  A "C1'" 1 
ATOM   137 N  N1    . DC  A 1 7  ? 1.785   -0.758  7.672   1.00 22.86  ? 6   DC  A N1    1 
ATOM   138 C  C2    . DC  A 1 7  ? 2.647   -0.707  6.572   1.00 21.60  ? 6   DC  A C2    1 
ATOM   139 O  O2    . DC  A 1 7  ? 3.581   -1.524  6.502   1.00 22.79  ? 6   DC  A O2    1 
ATOM   140 N  N3    . DC  A 1 7  ? 2.421   0.206   5.595   1.00 22.87  ? 6   DC  A N3    1 
ATOM   141 C  C4    . DC  A 1 7  ? 1.397   1.058   5.703   1.00 22.82  ? 6   DC  A C4    1 
ATOM   142 N  N4    . DC  A 1 7  ? 1.208   1.938   4.718   1.00 24.62  ? 6   DC  A N4    1 
ATOM   143 C  C5    . DC  A 1 7  ? 0.501   1.022   6.811   1.00 23.34  ? 6   DC  A C5    1 
ATOM   144 C  C6    . DC  A 1 7  ? 0.731   0.107   7.765   1.00 23.15  ? 6   DC  A C6    1 
ATOM   145 P  P     . DC  A 1 8  ? 4.353   0.688   12.255  1.00 26.67  ? 7   DC  A P     1 
ATOM   146 O  OP1   . DC  A 1 8  ? 4.919   0.486   13.614  1.00 29.56  ? 7   DC  A OP1   1 
ATOM   147 O  OP2   . DC  A 1 8  ? 3.532   1.902   12.014  1.00 29.28  ? 7   DC  A OP2   1 
ATOM   148 O  "O5'" . DC  A 1 8  ? 5.509   0.647   11.166  1.00 22.73  ? 7   DC  A "O5'" 1 
ATOM   149 C  "C5'" . DC  A 1 8  ? 6.557   -0.319  11.272  1.00 24.43  ? 7   DC  A "C5'" 1 
ATOM   150 C  "C4'" . DC  A 1 8  ? 7.550   -0.097  10.158  1.00 22.15  ? 7   DC  A "C4'" 1 
ATOM   151 O  "O4'" . DC  A 1 8  ? 6.923   -0.300  8.870   1.00 24.02  ? 7   DC  A "O4'" 1 
ATOM   152 C  "C3'" . DC  A 1 8  ? 8.133   1.305   10.059  1.00 22.36  ? 7   DC  A "C3'" 1 
ATOM   153 O  "O3'" . DC  A 1 8  ? 9.177   1.505   11.002  1.00 21.14  ? 7   DC  A "O3'" 1 
ATOM   154 C  "C2'" . DC  A 1 8  ? 8.666   1.294   8.643   1.00 22.40  ? 7   DC  A "C2'" 1 
ATOM   155 C  "C1'" . DC  A 1 8  ? 7.581   0.524   7.908   1.00 25.04  ? 7   DC  A "C1'" 1 
ATOM   156 N  N1    . DC  A 1 8  ? 6.584   1.410   7.282   1.00 24.30  ? 7   DC  A N1    1 
ATOM   157 C  C2    . DC  A 1 8  ? 6.936   2.052   6.090   1.00 25.37  ? 7   DC  A C2    1 
ATOM   158 O  O2    . DC  A 1 8  ? 8.060   1.848   5.609   1.00 27.72  ? 7   DC  A O2    1 
ATOM   159 N  N3    . DC  A 1 8  ? 6.039   2.865   5.485   1.00 27.04  ? 7   DC  A N3    1 
ATOM   160 C  C4    . DC  A 1 8  ? 4.837   3.056   6.034   1.00 25.00  ? 7   DC  A C4    1 
ATOM   161 N  N4    . DC  A 1 8  ? 3.983   3.865   5.402   1.00 29.70  ? 7   DC  A N4    1 
ATOM   162 C  C5    . DC  A 1 8  ? 4.456   2.427   7.256   1.00 24.72  ? 7   DC  A C5    1 
ATOM   163 C  C6    . DC  A 1 8  ? 5.356   1.629   7.847   1.00 23.87  ? 7   DC  A C6    1 
ATOM   164 P  P     . DC  A 1 9  ? 9.580   2.963   11.481  1.00 22.21  ? 8   DC  A P     1 
ATOM   165 O  OP1   . DC  A 1 9  ? 10.649  2.801   12.503  1.00 26.23  ? 8   DC  A OP1   1 
ATOM   166 O  OP2   . DC  A 1 9  ? 8.349   3.731   11.817  1.00 24.91  ? 8   DC  A OP2   1 
ATOM   167 O  "O5'" . DC  A 1 9  ? 10.203  3.645   10.179  1.00 21.33  ? 8   DC  A "O5'" 1 
ATOM   168 C  "C5'" . DC  A 1 9  ? 11.516  3.290   9.694   1.00 22.85  ? 8   DC  A "C5'" 1 
ATOM   169 C  "C4'" . DC  A 1 9  ? 11.840  4.014   8.406   1.00 25.95  ? 8   DC  A "C4'" 1 
ATOM   170 O  "O4'" . DC  A 1 9  ? 10.809  3.812   7.416   1.00 29.80  ? 8   DC  A "O4'" 1 
ATOM   171 C  "C3'" . DC  A 1 9  ? 11.969  5.531   8.493   1.00 26.79  ? 8   DC  A "C3'" 1 
ATOM   172 O  "O3'" . DC  A 1 9  ? 13.243  5.939   9.009   1.00 28.78  ? 8   DC  A "O3'" 1 
ATOM   173 C  "C2'" . DC  A 1 9  ? 11.830  5.930   7.036   1.00 26.42  ? 8   DC  A "C2'" 1 
ATOM   174 C  "C1'" . DC  A 1 9  ? 10.875  4.884   6.471   1.00 28.20  ? 8   DC  A "C1'" 1 
ATOM   175 N  N1    . DC  A 1 9  ? 9.513   5.403   6.250   1.00 27.96  ? 8   DC  A N1    1 
ATOM   176 C  C2    . DC  A 1 9  ? 9.281   6.200   5.122   1.00 25.60  ? 8   DC  A C2    1 
ATOM   177 O  O2    . DC  A 1 9  ? 10.220  6.441   4.354   1.00 29.44  ? 8   DC  A O2    1 
ATOM   178 N  N3    . DC  A 1 9  ? 8.039   6.693   4.905   1.00 28.03  ? 8   DC  A N3    1 
ATOM   179 C  C4    . DC  A 1 9  ? 7.055   6.426   5.768   1.00 27.94  ? 8   DC  A C4    1 
ATOM   180 N  N4    . DC  A 1 9  ? 5.851   6.945   5.519   1.00 29.66  ? 8   DC  A N4    1 
ATOM   181 C  C5    . DC  A 1 9  ? 7.269   5.636   6.935   1.00 29.17  ? 8   DC  A C5    1 
ATOM   182 C  C6    . DC  A 1 9  ? 8.500   5.147   7.135   1.00 28.06  ? 8   DC  A C6    1 
ATOM   183 P  P     . DT  A 1 10 ? 13.544  7.492   9.445   1.00 28.85  ? 9   DT  A P     1 
ATOM   184 O  OP1   . DT  A 1 10 ? 14.805  7.520   10.203  1.00 32.33  ? 9   DT  A OP1   1 
ATOM   185 O  OP2   . DT  A 1 10 ? 12.314  8.089   10.022  1.00 25.44  ? 9   DT  A OP2   1 
ATOM   186 O  "O5'" . DT  A 1 10 ? 13.661  8.282   8.065   1.00 28.33  ? 9   DT  A "O5'" 1 
ATOM   187 C  "C5'" . DT  A 1 10 ? 14.797  8.260   7.205   1.00 27.25  ? 9   DT  A "C5'" 1 
ATOM   188 C  "C4'" . DT  A 1 10 ? 14.553  9.231   6.074   1.00 25.24  ? 9   DT  A "C4'" 1 
ATOM   189 O  "O4'" . DT  A 1 10 ? 13.319  8.898   5.409   1.00 27.07  ? 9   DT  A "O4'" 1 
ATOM   190 C  "C3'" . DT  A 1 10 ? 14.364  10.681  6.513   1.00 24.44  ? 9   DT  A "C3'" 1 
ATOM   191 O  "O3'" . DT  A 1 10 ? 15.617  11.350  6.652   1.00 22.15  ? 9   DT  A "O3'" 1 
ATOM   192 C  "C2'" . DT  A 1 10 ? 13.536  11.268  5.386   1.00 23.00  ? 9   DT  A "C2'" 1 
ATOM   193 C  "C1'" . DT  A 1 10 ? 12.768  10.077  4.829   1.00 23.15  ? 9   DT  A "C1'" 1 
ATOM   194 N  N1    . DT  A 1 10 ? 11.330  10.105  5.132   1.00 22.58  ? 9   DT  A N1    1 
ATOM   195 C  C2    . DT  A 1 10 ? 10.508  10.758  4.245   1.00 20.83  ? 9   DT  A C2    1 
ATOM   196 O  O2    . DT  A 1 10 ? 10.915  11.299  3.230   1.00 21.59  ? 9   DT  A O2    1 
ATOM   197 N  N3    . DT  A 1 10 ? 9.179   10.746  4.587   1.00 22.74  ? 9   DT  A N3    1 
ATOM   198 C  C4    . DT  A 1 10 ? 8.611   10.185  5.715   1.00 24.73  ? 9   DT  A C4    1 
ATOM   199 O  O4    . DT  A 1 10 ? 7.396   10.245  5.879   1.00 27.51  ? 9   DT  A O4    1 
ATOM   200 C  C5    . DT  A 1 10 ? 9.536   9.526   6.608   1.00 26.46  ? 9   DT  A C5    1 
ATOM   201 C  C7    . DT  A 1 10 ? 9.016   8.889   7.858   1.00 29.79  ? 9   DT  A C7    1 
ATOM   202 C  C6    . DT  A 1 10 ? 10.834  9.533   6.283   1.00 23.81  ? 9   DT  A C6    1 
ATOM   203 O  "O5'" . DA  B 1 1  ? 2.021   16.698  -0.432  1.00 51.19  ? 8   DA  B "O5'" 1 
ATOM   204 C  "C5'" . DA  B 1 1  ? 2.414   16.510  -1.802  1.00 39.19  ? 8   DA  B "C5'" 1 
ATOM   205 C  "C4'" . DA  B 1 1  ? 3.895   16.221  -1.920  1.00 28.33  ? 8   DA  B "C4'" 1 
ATOM   206 O  "O4'" . DA  B 1 1  ? 4.667   16.575  -0.744  1.00 30.73  ? 8   DA  B "O4'" 1 
ATOM   207 C  "C3'" . DA  B 1 1  ? 4.258   14.770  -2.201  1.00 27.01  ? 8   DA  B "C3'" 1 
ATOM   208 O  "O3'" . DA  B 1 1  ? 3.972   14.429  -3.571  1.00 28.24  ? 8   DA  B "O3'" 1 
ATOM   209 C  "C2'" . DA  B 1 1  ? 5.727   14.762  -1.821  1.00 28.78  ? 8   DA  B "C2'" 1 
ATOM   210 C  "C1'" . DA  B 1 1  ? 5.728   15.634  -0.570  1.00 28.70  ? 8   DA  B "C1'" 1 
ATOM   211 N  N9    . DA  B 1 1  ? 5.451   14.861  0.640   1.00 27.17  ? 8   DA  B N9    1 
ATOM   212 C  C8    . DA  B 1 1  ? 4.290   14.818  1.375   1.00 28.36  ? 8   DA  B C8    1 
ATOM   213 N  N7    . DA  B 1 1  ? 4.340   13.993  2.392   1.00 29.70  ? 8   DA  B N7    1 
ATOM   214 C  C5    . DA  B 1 1  ? 5.606   13.433  2.306   1.00 26.70  ? 8   DA  B C5    1 
ATOM   215 C  C6    . DA  B 1 1  ? 6.275   12.477  3.093   1.00 25.65  ? 8   DA  B C6    1 
ATOM   216 N  N6    . DA  B 1 1  ? 5.732   11.886  4.159   1.00 26.08  ? 8   DA  B N6    1 
ATOM   217 N  N1    . DA  B 1 1  ? 7.535   12.141  2.738   1.00 26.06  ? 8   DA  B N1    1 
ATOM   218 C  C2    . DA  B 1 1  ? 8.079   12.734  1.665   1.00 23.91  ? 8   DA  B C2    1 
ATOM   219 N  N3    . DA  B 1 1  ? 7.546   13.632  0.838   1.00 23.52  ? 8   DA  B N3    1 
ATOM   220 C  C4    . DA  B 1 1  ? 6.299   13.953  1.227   1.00 27.32  ? 8   DA  B C4    1 
ATOM   221 P  P     . DG  B 1 2  ? 3.787   12.889  -4.009  1.00 29.65  ? 9   DG  B P     1 
ATOM   222 O  OP1   . DG  B 1 2  ? 3.549   12.869  -5.474  1.00 29.92  ? 9   DG  B OP1   1 
ATOM   223 O  OP2   . DG  B 1 2  ? 2.796   12.277  -3.099  1.00 32.39  ? 9   DG  B OP2   1 
ATOM   224 O  "O5'" . DG  B 1 2  ? 5.200   12.236  -3.702  1.00 28.29  ? 9   DG  B "O5'" 1 
ATOM   225 C  "C5'" . DG  B 1 2  ? 6.374   12.692  -4.370  1.00 25.23  ? 9   DG  B "C5'" 1 
ATOM   226 C  "C4'" . DG  B 1 2  ? 7.577   11.994  -3.785  1.00 22.05  ? 9   DG  B "C4'" 1 
ATOM   227 O  "O4'" . DG  B 1 2  ? 7.677   12.236  -2.362  1.00 23.68  ? 9   DG  B "O4'" 1 
ATOM   228 C  "C3'" . DG  B 1 2  ? 7.547   10.481  -3.905  1.00 22.75  ? 9   DG  B "C3'" 1 
ATOM   229 O  "O3'" . DG  B 1 2  ? 7.887   10.091  -5.232  1.00 24.44  ? 9   DG  B "O3'" 1 
ATOM   230 C  "C2'" . DG  B 1 2  ? 8.550   10.078  -2.845  1.00 22.06  ? 9   DG  B "C2'" 1 
ATOM   231 C  "C1'" . DG  B 1 2  ? 8.236   11.078  -1.734  1.00 21.23  ? 9   DG  B "C1'" 1 
ATOM   232 N  N9    . DG  B 1 2  ? 7.285   10.572  -0.746  1.00 22.40  ? 9   DG  B N9    1 
ATOM   233 C  C8    . DG  B 1 2  ? 5.913   10.692  -0.722  1.00 22.90  ? 9   DG  B C8    1 
ATOM   234 N  N7    . DG  B 1 2  ? 5.362   10.075  0.291   1.00 26.03  ? 9   DG  B N7    1 
ATOM   235 C  C5    . DG  B 1 2  ? 6.435   9.517   0.975   1.00 24.65  ? 9   DG  B C5    1 
ATOM   236 C  C6    . DG  B 1 2  ? 6.469   8.746   2.169   1.00 24.94  ? 9   DG  B C6    1 
ATOM   237 O  O6    . DG  B 1 2  ? 5.527   8.379   2.882   1.00 25.92  ? 9   DG  B O6    1 
ATOM   238 N  N1    . DG  B 1 2  ? 7.769   8.372   2.500   1.00 23.18  ? 9   DG  B N1    1 
ATOM   239 C  C2    . DG  B 1 2  ? 8.895   8.717   1.795   1.00 21.10  ? 9   DG  B C2    1 
ATOM   240 N  N2    . DG  B 1 2  ? 10.062  8.257   2.273   1.00 22.26  ? 9   DG  B N2    1 
ATOM   241 N  N3    . DG  B 1 2  ? 8.878   9.444   0.691   1.00 22.11  ? 9   DG  B N3    1 
ATOM   242 C  C4    . DG  B 1 2  ? 7.626   9.812   0.344   1.00 20.26  ? 9   DG  B C4    1 
ATOM   243 P  P     . DG  B 1 3  ? 7.449   8.663   -5.790  1.00 26.04  ? 10  DG  B P     1 
ATOM   244 O  OP1   . DG  B 1 3  ? 7.817   8.640   -7.222  1.00 30.98  ? 10  DG  B OP1   1 
ATOM   245 O  OP2   . DG  B 1 3  ? 6.036   8.425   -5.413  1.00 27.84  ? 10  DG  B OP2   1 
ATOM   246 O  "O5'" . DG  B 1 3  ? 8.434   7.665   -5.035  1.00 24.17  ? 10  DG  B "O5'" 1 
ATOM   247 C  "C5'" . DG  B 1 3  ? 7.932   6.513   -4.337  1.00 24.54  ? 10  DG  B "C5'" 1 
ATOM   248 C  "C4'" . DG  B 1 3  ? 9.015   5.945   -3.451  1.00 23.46  ? 10  DG  B "C4'" 1 
ATOM   249 O  "O4'" . DG  B 1 3  ? 9.126   6.751   -2.257  1.00 25.16  ? 10  DG  B "O4'" 1 
ATOM   250 C  "C3'" . DG  B 1 3  ? 8.796   4.524   -2.942  1.00 26.30  ? 10  DG  B "C3'" 1 
ATOM   251 O  "O3'" . DG  B 1 3  ? 9.218   3.543   -3.900  1.00 30.49  ? 10  DG  B "O3'" 1 
ATOM   252 C  "C2'" . DG  B 1 3  ? 9.620   4.520   -1.666  1.00 24.98  ? 10  DG  B "C2'" 1 
ATOM   253 C  "C1'" . DG  B 1 3  ? 9.330   5.914   -1.115  1.00 25.84  ? 10  DG  B "C1'" 1 
ATOM   254 N  N9    . DG  B 1 3  ? 8.112   5.927   -0.304  1.00 24.70  ? 10  DG  B N9    1 
ATOM   255 C  C8    . DG  B 1 3  ? 6.911   6.524   -0.601  1.00 21.38  ? 10  DG  B C8    1 
ATOM   256 N  N7    . DG  B 1 3  ? 5.981   6.270   0.277   1.00 27.86  ? 10  DG  B N7    1 
ATOM   257 C  C5    . DG  B 1 3  ? 6.603   5.458   1.213   1.00 24.97  ? 10  DG  B C5    1 
ATOM   258 C  C6    . DG  B 1 3  ? 6.097   4.874   2.407   1.00 26.55  ? 10  DG  B C6    1 
ATOM   259 O  O6    . DG  B 1 3  ? 4.959   4.959   2.888   1.00 29.93  ? 10  DG  B O6    1 
ATOM   260 N  N1    . DG  B 1 3  ? 7.073   4.124   3.060   1.00 24.58  ? 10  DG  B N1    1 
ATOM   261 C  C2    . DG  B 1 3  ? 8.367   3.961   2.627   1.00 26.43  ? 10  DG  B C2    1 
ATOM   262 N  N2    . DG  B 1 3  ? 9.159   3.198   3.393   1.00 27.01  ? 10  DG  B N2    1 
ATOM   263 N  N3    . DG  B 1 3  ? 8.847   4.497   1.517   1.00 25.01  ? 10  DG  B N3    1 
ATOM   264 C  C4    . DG  B 1 3  ? 7.921   5.240   0.872   1.00 25.89  ? 10  DG  B C4    1 
ATOM   265 P  P     . DG  B 1 4  ? 8.414   2.163   -4.046  1.00 33.61  ? 11  DG  B P     1 
ATOM   266 O  OP1   . DG  B 1 4  ? 9.012   1.402   -5.180  1.00 34.98  ? 11  DG  B OP1   1 
ATOM   267 O  OP2   . DG  B 1 4  ? 6.964   2.476   -4.068  1.00 37.09  ? 11  DG  B OP2   1 
ATOM   268 O  "O5'" . DG  B 1 4  ? 8.732   1.420   -2.674  1.00 28.09  ? 11  DG  B "O5'" 1 
ATOM   269 C  "C5'" . DG  B 1 4  ? 10.042  0.909   -2.389  1.00 29.58  ? 11  DG  B "C5'" 1 
ATOM   270 C  "C4'" . DG  B 1 4  ? 10.059  0.233   -1.037  1.00 25.34  ? 11  DG  B "C4'" 1 
ATOM   271 O  "O4'" . DG  B 1 4  ? 9.689   1.174   -0.012  1.00 23.95  ? 11  DG  B "O4'" 1 
ATOM   272 C  "C3'" . DG  B 1 4  ? 9.068   -0.904  -0.844  1.00 23.14  ? 11  DG  B "C3'" 1 
ATOM   273 O  "O3'" . DG  B 1 4  ? 9.457   -2.143  -1.427  1.00 28.78  ? 11  DG  B "O3'" 1 
ATOM   274 C  "C2'" . DG  B 1 4  ? 9.006   -0.996  0.664   1.00 24.17  ? 11  DG  B "C2'" 1 
ATOM   275 C  "C1'" . DG  B 1 4  ? 8.994   0.479   1.040   1.00 24.03  ? 11  DG  B "C1'" 1 
ATOM   276 N  N9    . DG  B 1 4  ? 7.637   1.012   1.139   1.00 23.97  ? 11  DG  B N9    1 
ATOM   277 C  C8    . DG  B 1 4  ? 6.997   1.854   0.261   1.00 25.46  ? 11  DG  B C8    1 
ATOM   278 N  N7    . DG  B 1 4  ? 5.766   2.111   0.604   1.00 23.71  ? 11  DG  B N7    1 
ATOM   279 C  C5    . DG  B 1 4  ? 5.569   1.373   1.765   1.00 22.69  ? 11  DG  B C5    1 
ATOM   280 C  C6    . DG  B 1 4  ? 4.429   1.262   2.609   1.00 24.03  ? 11  DG  B C6    1 
ATOM   281 O  O6    . DG  B 1 4  ? 3.319   1.792   2.479   1.00 23.37  ? 11  DG  B O6    1 
ATOM   282 N  N1    . DG  B 1 4  ? 4.668   0.411   3.685   1.00 21.52  ? 11  DG  B N1    1 
ATOM   283 C  C2    . DG  B 1 4  ? 5.849   -0.250  3.920   1.00 21.63  ? 11  DG  B C2    1 
ATOM   284 N  N2    . DG  B 1 4  ? 5.887   -1.035  5.006   1.00 22.97  ? 11  DG  B N2    1 
ATOM   285 N  N3    . DG  B 1 4  ? 6.923   -0.138  3.155   1.00 23.75  ? 11  DG  B N3    1 
ATOM   286 C  C4    . DG  B 1 4  ? 6.716   0.689   2.108   1.00 23.05  ? 11  DG  B C4    1 
ATOM   287 P  P     . DA  B 1 5  ? 8.327   -3.165  -1.829  1.00 29.16  ? 12  DA  B P     1 
ATOM   288 O  OP1   . DA  B 1 5  ? 8.968   -4.267  -2.604  1.00 36.70  ? 12  DA  B OP1   1 
ATOM   289 O  OP2   . DA  B 1 5  ? 7.219   -2.390  -2.444  1.00 31.62  ? 12  DA  B OP2   1 
ATOM   290 O  "O5'" . DA  B 1 5  ? 7.779   -3.666  -0.420  1.00 24.27  ? 12  DA  B "O5'" 1 
ATOM   291 C  "C5'" . DA  B 1 5  ? 8.613   -4.444  0.451   1.00 25.39  ? 12  DA  B "C5'" 1 
ATOM   292 C  "C4'" . DA  B 1 5  ? 7.816   -4.931  1.637   1.00 21.09  ? 12  DA  B "C4'" 1 
ATOM   293 O  "O4'" . DA  B 1 5  ? 7.258   -3.809  2.350   1.00 21.65  ? 12  DA  B "O4'" 1 
ATOM   294 C  "C3'" . DA  B 1 5  ? 6.602   -5.784  1.299   1.00 19.93  ? 12  DA  B "C3'" 1 
ATOM   295 O  "O3'" . DA  B 1 5  ? 7.031   -7.126  1.060   1.00 24.16  ? 12  DA  B "O3'" 1 
ATOM   296 C  "C2'" . DA  B 1 5  ? 5.763   -5.646  2.551   1.00 21.83  ? 12  DA  B "C2'" 1 
ATOM   297 C  "C1'" . DA  B 1 5  ? 5.997   -4.188  2.914   1.00 21.06  ? 12  DA  B "C1'" 1 
ATOM   298 N  N9    . DA  B 1 5  ? 4.988   -3.238  2.448   1.00 18.62  ? 12  DA  B N9    1 
ATOM   299 C  C8    . DA  B 1 5  ? 5.094   -2.283  1.466   1.00 18.61  ? 12  DA  B C8    1 
ATOM   300 N  N7    . DA  B 1 5  ? 4.021   -1.542  1.335   1.00 19.50  ? 12  DA  B N7    1 
ATOM   301 C  C5    . DA  B 1 5  ? 3.160   -2.024  2.310   1.00 18.28  ? 12  DA  B C5    1 
ATOM   302 C  C6    . DA  B 1 5  ? 1.861   -1.647  2.697   1.00 17.09  ? 12  DA  B C6    1 
ATOM   303 N  N6    . DA  B 1 5  ? 1.174   -0.656  2.122   1.00 19.63  ? 12  DA  B N6    1 
ATOM   304 N  N1    . DA  B 1 5  ? 1.277   -2.344  3.698   1.00 18.44  ? 12  DA  B N1    1 
ATOM   305 C  C2    . DA  B 1 5  ? 1.967   -3.339  4.274   1.00 17.85  ? 12  DA  B C2    1 
ATOM   306 N  N3    . DA  B 1 5  ? 3.204   -3.764  4.018   1.00 18.15  ? 12  DA  B N3    1 
ATOM   307 C  C4    . DA  B 1 5  ? 3.745   -3.065  3.007   1.00 18.03  ? 12  DA  B C4    1 
ATOM   308 P  P     . DT  B 1 6  ? 6.362   -8.000  -0.092  1.00 25.95  ? 13  DT  B P     1 
ATOM   309 O  OP1   . DT  B 1 6  ? 7.273   -9.146  -0.370  1.00 30.68  ? 13  DT  B OP1   1 
ATOM   310 O  OP2   . DT  B 1 6  ? 5.981   -7.101  -1.201  1.00 26.92  ? 13  DT  B OP2   1 
ATOM   311 O  "O5'" . DT  B 1 6  ? 5.036   -8.549  0.596   1.00 22.96  ? 13  DT  B "O5'" 1 
ATOM   312 C  "C5'" . DT  B 1 6  ? 5.115   -9.460  1.704   1.00 26.19  ? 13  DT  B "C5'" 1 
ATOM   313 C  "C4'" . DT  B 1 6  ? 3.802   -9.518  2.451   1.00 22.65  ? 13  DT  B "C4'" 1 
ATOM   314 O  "O4'" . DT  B 1 6  ? 3.477   -8.229  3.017   1.00 22.48  ? 13  DT  B "O4'" 1 
ATOM   315 C  "C3'" . DT  B 1 6  ? 2.577   -9.877  1.619   1.00 21.21  ? 13  DT  B "C3'" 1 
ATOM   316 O  "O3'" . DT  B 1 6  ? 2.492   -11.287 1.388   1.00 23.78  ? 13  DT  B "O3'" 1 
ATOM   317 C  "C2'" . DT  B 1 6  ? 1.456   -9.375  2.502   1.00 21.59  ? 13  DT  B "C2'" 1 
ATOM   318 C  "C1'" . DT  B 1 6  ? 2.053   -8.094  3.060   1.00 22.64  ? 13  DT  B "C1'" 1 
ATOM   319 N  N1    . DT  B 1 6  ? 1.679   -6.868  2.320   1.00 19.99  ? 13  DT  B N1    1 
ATOM   320 C  C2    . DT  B 1 6  ? 0.498   -6.259  2.675   1.00 20.71  ? 13  DT  B C2    1 
ATOM   321 O  O2    . DT  B 1 6  ? -0.232  -6.686  3.554   1.00 25.75  ? 13  DT  B O2    1 
ATOM   322 N  N3    . DT  B 1 6  ? 0.205   -5.117  1.971   1.00 20.19  ? 13  DT  B N3    1 
ATOM   323 C  C4    . DT  B 1 6  ? 0.958   -4.544  0.965   1.00 19.55  ? 13  DT  B C4    1 
ATOM   324 O  O4    . DT  B 1 6  ? 0.565   -3.520  0.418   1.00 19.44  ? 13  DT  B O4    1 
ATOM   325 C  C5    . DT  B 1 6  ? 2.164   -5.262  0.609   1.00 18.01  ? 13  DT  B C5    1 
ATOM   326 C  C7    . DT  B 1 6  ? 3.042   -4.720  -0.474  1.00 22.67  ? 13  DT  B C7    1 
ATOM   327 C  C6    . DT  B 1 6  ? 2.459   -6.373  1.295   1.00 21.21  ? 13  DT  B C6    1 
ATOM   328 P  P     . DC  B 1 7  ? 1.673   -11.890 0.134   1.00 25.11  ? 14  DC  B P     1 
ATOM   329 O  OP1   . DC  B 1 7  ? 1.948   -13.355 0.092   1.00 28.93  ? 14  DC  B OP1   1 
ATOM   330 O  OP2   . DC  B 1 7  ? 1.929   -11.077 -1.074  1.00 26.49  ? 14  DC  B OP2   1 
ATOM   331 O  "O5'" . DC  B 1 7  ? 0.149   -11.697 0.543   1.00 24.59  ? 14  DC  B "O5'" 1 
ATOM   332 C  "C5'" . DC  B 1 7  ? -0.433  -12.466 1.602   1.00 27.20  ? 14  DC  B "C5'" 1 
ATOM   333 C  "C4'" . DC  B 1 7  ? -1.837  -11.980 1.864   1.00 24.68  ? 14  DC  B "C4'" 1 
ATOM   334 O  "O4'" . DC  B 1 7  ? -1.822  -10.603 2.300   1.00 24.19  ? 14  DC  B "O4'" 1 
ATOM   335 C  "C3'" . DC  B 1 7  ? -2.754  -11.968 0.648   1.00 23.41  ? 14  DC  B "C3'" 1 
ATOM   336 O  "O3'" . DC  B 1 7  ? -3.241  -13.278 0.381   1.00 26.76  ? 14  DC  B "O3'" 1 
ATOM   337 C  "C2'" . DC  B 1 7  ? -3.839  -11.009 1.093   1.00 23.08  ? 14  DC  B "C2'" 1 
ATOM   338 C  "C1'" . DC  B 1 7  ? -3.048  -9.988  1.899   1.00 22.77  ? 14  DC  B "C1'" 1 
ATOM   339 N  N1    . DC  B 1 7  ? -2.731  -8.741  1.183   1.00 20.81  ? 14  DC  B N1    1 
ATOM   340 C  C2    . DC  B 1 7  ? -3.683  -7.717  1.214   1.00 20.22  ? 14  DC  B C2    1 
ATOM   341 O  O2    . DC  B 1 7  ? -4.763  -7.924  1.787   1.00 21.30  ? 14  DC  B O2    1 
ATOM   342 N  N3    . DC  B 1 7  ? -3.418  -6.546  0.590   1.00 18.43  ? 14  DC  B N3    1 
ATOM   343 C  C4    . DC  B 1 7  ? -2.251  -6.371  -0.035  1.00 19.91  ? 14  DC  B C4    1 
ATOM   344 N  N4    . DC  B 1 7  ? -2.029  -5.195  -0.627  1.00 19.23  ? 14  DC  B N4    1 
ATOM   345 C  C5    . DC  B 1 7  ? -1.263  -7.400  -0.087  1.00 19.08  ? 14  DC  B C5    1 
ATOM   346 C  C6    . DC  B 1 7  ? -1.542  -8.558  0.531   1.00 21.95  ? 14  DC  B C6    1 
ATOM   347 P  P     . DC  B 1 8  ? -3.573  -13.719 -1.110  1.00 27.01  ? 15  DC  B P     1 
ATOM   348 O  OP1   . DC  B 1 8  ? -3.820  -15.180 -1.090  1.00 30.69  ? 15  DC  B OP1   1 
ATOM   349 O  OP2   . DC  B 1 8  ? -2.528  -13.189 -2.026  1.00 27.82  ? 15  DC  B OP2   1 
ATOM   350 O  "O5'" . DC  B 1 8  ? -4.961  -13.019 -1.434  1.00 24.18  ? 15  DC  B "O5'" 1 
ATOM   351 C  "C5'" . DC  B 1 8  ? -6.140  -13.326 -0.679  1.00 28.39  ? 15  DC  B "C5'" 1 
ATOM   352 C  "C4'" . DC  B 1 8  ? -7.229  -12.365 -1.086  1.00 26.96  ? 15  DC  B "C4'" 1 
ATOM   353 O  "O4'" . DC  B 1 8  ? -6.722  -11.018 -0.930  1.00 28.47  ? 15  DC  B "O4'" 1 
ATOM   354 C  "C3'" . DC  B 1 8  ? -7.654  -12.511 -2.550  1.00 30.29  ? 15  DC  B "C3'" 1 
ATOM   355 O  "O3'" . DC  B 1 8  ? -9.074  -12.527 -2.702  1.00 30.39  ? 15  DC  B "O3'" 1 
ATOM   356 C  "C2'" . DC  B 1 8  ? -7.035  -11.304 -3.230  1.00 27.19  ? 15  DC  B "C2'" 1 
ATOM   357 C  "C1'" . DC  B 1 8  ? -6.949  -10.271 -2.114  1.00 27.95  ? 15  DC  B "C1'" 1 
ATOM   358 N  N1    . DC  B 1 8  ? -5.823  -9.325  -2.304  1.00 26.36  ? 15  DC  B N1    1 
ATOM   359 C  C2    . DC  B 1 8  ? -6.079  -7.945  -2.420  1.00 21.26  ? 15  DC  B C2    1 
ATOM   360 O  O2    . DC  B 1 8  ? -7.243  -7.533  -2.294  1.00 22.97  ? 15  DC  B O2    1 
ATOM   361 N  N3    . DC  B 1 8  ? -5.046  -7.103  -2.685  1.00 19.08  ? 15  DC  B N3    1 
ATOM   362 C  C4    . DC  B 1 8  ? -3.812  -7.592  -2.850  1.00 18.40  ? 15  DC  B C4    1 
ATOM   363 N  N4    . DC  B 1 8  ? -2.822  -6.740  -3.125  1.00 19.23  ? 15  DC  B N4    1 
ATOM   364 C  C5    . DC  B 1 8  ? -3.530  -8.983  -2.723  1.00 20.34  ? 15  DC  B C5    1 
ATOM   365 C  C6    . DC  B 1 8  ? -4.555  -9.806  -2.474  1.00 25.71  ? 15  DC  B C6    1 
ATOM   366 P  P     . DC  B 1 9  ? -9.726  -12.710 -4.155  1.00 35.89  ? 16  DC  B P     1 
ATOM   367 O  OP1   . DC  B 1 9  ? -10.994 -13.466 -3.998  1.00 40.83  ? 16  DC  B OP1   1 
ATOM   368 O  OP2   . DC  B 1 9  ? -8.677  -13.232 -5.066  1.00 36.06  ? 16  DC  B OP2   1 
ATOM   369 O  "O5'" . DC  B 1 9  ? -10.047 -11.222 -4.613  1.00 28.29  ? 16  DC  B "O5'" 1 
ATOM   370 C  "C5'" . DC  B 1 9  ? -11.055 -10.457 -3.944  1.00 29.02  ? 16  DC  B "C5'" 1 
ATOM   371 C  "C4'" . DC  B 1 9  ? -11.091 -9.063  -4.519  1.00 26.89  ? 16  DC  B "C4'" 1 
ATOM   372 O  "O4'" . DC  B 1 9  ? -9.842  -8.414  -4.240  1.00 27.50  ? 16  DC  B "O4'" 1 
ATOM   373 C  "C3'" . DC  B 1 9  ? -11.211 -8.990  -6.034  1.00 29.44  ? 16  DC  B "C3'" 1 
ATOM   374 O  "O3'" . DC  B 1 9  ? -12.579 -8.978  -6.409  1.00 27.40  ? 16  DC  B "O3'" 1 
ATOM   375 C  "C2'" . DC  B 1 9  ? -10.593 -7.645  -6.363  1.00 30.71  ? 16  DC  B "C2'" 1 
ATOM   376 C  "C1'" . DC  B 1 9  ? -9.638  -7.397  -5.217  1.00 29.83  ? 16  DC  B "C1'" 1 
ATOM   377 N  N1    . DC  B 1 9  ? -8.211  -7.365  -5.570  1.00 24.80  ? 16  DC  B N1    1 
ATOM   378 C  C2    . DC  B 1 9  ? -7.688  -6.153  -6.021  1.00 21.38  ? 16  DC  B C2    1 
ATOM   379 O  O2    . DC  B 1 9  ? -8.462  -5.208  -6.215  1.00 22.60  ? 16  DC  B O2    1 
ATOM   380 N  N3    . DC  B 1 9  ? -6.365  -6.055  -6.277  1.00 20.22  ? 16  DC  B N3    1 
ATOM   381 C  C4    . DC  B 1 9  ? -5.568  -7.112  -6.085  1.00 19.25  ? 16  DC  B C4    1 
ATOM   382 N  N4    . DC  B 1 9  ? -4.270  -6.976  -6.364  1.00 22.26  ? 16  DC  B N4    1 
ATOM   383 C  C5    . DC  B 1 9  ? -6.079  -8.370  -5.641  1.00 21.71  ? 16  DC  B C5    1 
ATOM   384 C  C6    . DC  B 1 9  ? -7.392  -8.445  -5.379  1.00 23.66  ? 16  DC  B C6    1 
ATOM   385 P  P     . DT  B 1 10 ? -12.974 -9.051  -7.936  1.00 30.47  ? 17  DT  B P     1 
ATOM   386 O  OP1   . DT  B 1 10 ? -14.458 -9.053  -8.009  1.00 38.14  ? 17  DT  B OP1   1 
ATOM   387 O  OP2   . DT  B 1 10 ? -12.193 -10.135 -8.583  1.00 35.57  ? 17  DT  B OP2   1 
ATOM   388 O  "O5'" . DT  B 1 10 ? -12.334 -7.736  -8.578  1.00 33.15  ? 17  DT  B "O5'" 1 
ATOM   389 C  "C5'" . DT  B 1 10 ? -13.110 -6.560  -8.854  1.00 33.15  ? 17  DT  B "C5'" 1 
ATOM   390 C  "C4'" . DT  B 1 10 ? -12.338 -5.583  -9.716  1.00 25.88  ? 17  DT  B "C4'" 1 
ATOM   391 O  "O4'" . DT  B 1 10 ? -11.084 -5.203  -9.105  1.00 28.49  ? 17  DT  B "O4'" 1 
ATOM   392 C  "C3'" . DT  B 1 10 ? -11.939 -6.054  -11.108 1.00 28.39  ? 17  DT  B "C3'" 1 
ATOM   393 O  "O3'" . DT  B 1 10 ? -12.994 -5.908  -12.062 1.00 35.81  ? 17  DT  B "O3'" 1 
ATOM   394 C  "C2'" . DT  B 1 10 ? -10.834 -5.080  -11.469 1.00 28.34  ? 17  DT  B "C2'" 1 
ATOM   395 C  "C1'" . DT  B 1 10 ? -10.269 -4.631  -10.123 1.00 30.10  ? 17  DT  B "C1'" 1 
ATOM   396 N  N1    . DT  B 1 10 ? -8.885  -5.087  -9.932  1.00 23.59  ? 17  DT  B N1    1 
ATOM   397 C  C2    . DT  B 1 10 ? -7.892  -4.187  -10.236 1.00 23.08  ? 17  DT  B C2    1 
ATOM   398 O  O2    . DT  B 1 10 ? -8.114  -3.025  -10.533 1.00 28.46  ? 17  DT  B O2    1 
ATOM   399 N  N3    . DT  B 1 10 ? -6.618  -4.673  -10.090 1.00 22.11  ? 17  DT  B N3    1 
ATOM   400 C  C4    . DT  B 1 10 ? -6.250  -5.974  -9.794  1.00 20.29  ? 17  DT  B C4    1 
ATOM   401 O  O4    . DT  B 1 10 ? -5.062  -6.260  -9.701  1.00 25.88  ? 17  DT  B O4    1 
ATOM   402 C  C5    . DT  B 1 10 ? -7.348  -6.886  -9.555  1.00 22.56  ? 17  DT  B C5    1 
ATOM   403 C  C7    . DT  B 1 10 ? -7.051  -8.311  -9.202  1.00 23.24  ? 17  DT  B C7    1 
ATOM   404 C  C6    . DT  B 1 10 ? -8.595  -6.419  -9.698  1.00 21.93  ? 17  DT  B C6    1 
HETATM 405 C  C2    . SPD C 2 .  ? -12.849 5.856   4.569   1.00 33.00  ? 101 SPD A C2    1 
HETATM 406 C  C3    . SPD C 2 .  ? -11.946 5.348   5.689   1.00 31.07  ? 101 SPD A C3    1 
HETATM 407 C  C4    . SPD C 2 .  ? -12.594 4.139   6.351   1.00 31.33  ? 101 SPD A C4    1 
HETATM 408 C  C5    . SPD C 2 .  ? -11.631 3.192   7.048   1.00 29.33  ? 101 SPD A C5    1 
HETATM 409 N  N6    . SPD C 2 .  ? -12.380 2.004   7.414   1.00 31.58  ? 101 SPD A N6    1 
HETATM 410 C  C7    . SPD C 2 .  ? -11.733 0.771   7.746   1.00 31.67  ? 101 SPD A C7    1 
HETATM 411 C  C8    . SPD C 2 .  ? -11.348 0.758   9.208   1.00 30.88  ? 101 SPD A C8    1 
HETATM 412 C  C9    . SPD C 2 .  ? -10.221 -0.214  9.458   1.00 29.98  ? 101 SPD A C9    1 
HETATM 413 N  N10   . SPD C 2 .  ? -10.648 -1.454  10.021  1.00 33.57  ? 101 SPD A N10   1 
HETATM 414 ZN ZN    . ZN  D 3 .  ? -2.587  -0.394  -3.700  1.00 19.50  ? 102 ZN  A ZN    1 
HETATM 415 ZN ZN    . ZN  E 3 .  ? 3.299   9.604   0.314   1.00 28.70  ? 101 ZN  B ZN    1 
HETATM 416 ZN ZN    . ZN  F 3 .  ? 4.034   2.106   -1.183  0.20 18.83  ? 102 ZN  B ZN    1 
HETATM 417 O  O     . HOH G 4 .  ? 0.266   1.047   -9.211  1.00 28.88  ? 201 HOH A O     1 
HETATM 418 O  O     . HOH G 4 .  ? -10.552 4.547   1.507   1.00 36.89  ? 202 HOH A O     1 
HETATM 419 O  O     . HOH G 4 .  ? -2.040  1.411   9.350   1.00 32.93  ? 203 HOH A O     1 
HETATM 420 O  O     . HOH G 4 .  ? -1.764  -2.114  -4.366  1.00 19.50  ? 204 HOH A O     1 
HETATM 421 O  O     . HOH G 4 .  ? -3.825  1.278   0.759   1.00 35.26  ? 205 HOH A O     1 
HETATM 422 O  O     . HOH G 4 .  ? -5.525  1.166   -1.381  1.00 22.12  ? 206 HOH A O     1 
HETATM 423 O  O     . HOH G 4 .  ? 6.373   4.693   10.192  1.00 36.92  ? 207 HOH A O     1 
HETATM 424 O  O     . HOH G 4 .  ? -5.573  -5.784  5.658   1.00 30.61  ? 208 HOH A O     1 
HETATM 425 O  O     . HOH G 4 .  ? -1.609  2.637   2.758   1.00 37.04  ? 209 HOH A O     1 
HETATM 426 O  O     . HOH G 4 .  ? 16.868  11.019  9.076   1.00 33.98  ? 210 HOH A O     1 
HETATM 427 O  O     . HOH G 4 .  ? -4.291  3.005   8.517   1.00 32.94  ? 211 HOH A O     1 
HETATM 428 O  O     . HOH G 4 .  ? 2.695   2.727   -11.669 1.00 35.99  ? 212 HOH A O     1 
HETATM 429 O  O     . HOH G 4 .  ? 1.724   4.393   6.938   1.00 40.05  ? 213 HOH A O     1 
HETATM 430 O  O     . HOH G 4 .  ? -0.726  -5.085  -6.443  1.00 45.40  ? 214 HOH A O     1 
HETATM 431 O  O     . HOH G 4 .  ? -1.939  -6.184  6.603   1.00 36.27  ? 215 HOH A O     1 
HETATM 432 O  O     . HOH G 4 .  ? 2.378   4.460   -8.341  1.00 41.97  ? 216 HOH A O     1 
HETATM 433 O  O     . HOH G 4 .  ? -0.862  3.923   -5.527  1.00 39.68  ? 217 HOH A O     1 
HETATM 434 O  O     . HOH G 4 .  ? 1.616   6.876   -12.709 1.00 41.71  ? 218 HOH A O     1 
HETATM 435 O  O     . HOH G 4 .  ? 0.105   -2.534  -7.824  1.00 44.77  ? 219 HOH A O     1 
HETATM 436 O  O     . HOH G 4 .  ? 12.827  6.459   3.217   1.00 31.06  ? 220 HOH A O     1 
HETATM 437 O  O     . HOH G 4 .  ? -2.898  -0.958  -1.799  1.00 21.55  ? 221 HOH A O     1 
HETATM 438 O  O     . HOH G 4 .  ? -7.585  1.928   1.783   1.00 25.54  ? 222 HOH A O     1 
HETATM 439 O  O     . HOH G 4 .  ? -3.237  1.372   -2.938  1.00 20.67  ? 223 HOH A O     1 
HETATM 440 O  O     . HOH G 4 .  ? 9.585   0.898   14.368  1.00 45.99  ? 224 HOH A O     1 
HETATM 441 O  O     . HOH G 4 .  ? -7.880  0.281   -9.633  1.00 26.05  ? 225 HOH A O     1 
HETATM 442 O  O     . HOH G 4 .  ? -0.936  7.692   -8.586  1.00 45.37  ? 226 HOH A O     1 
HETATM 443 O  O     . HOH G 4 .  ? -2.232  0.419   -5.509  1.00 21.12  ? 227 HOH A O     1 
HETATM 444 O  O     . HOH G 4 .  ? 5.685   10.819  8.240   1.00 54.57  ? 228 HOH A O     1 
HETATM 445 O  O     . HOH G 4 .  ? 15.465  6.698   12.995  1.00 42.42  ? 229 HOH A O     1 
HETATM 446 O  O     . HOH G 4 .  ? -12.902 3.893   -2.341  1.00 47.49  ? 230 HOH A O     1 
HETATM 447 O  O     . HOH G 4 .  ? -1.406  0.711   0.111   1.00 33.70  ? 231 HOH A O     1 
HETATM 448 O  O     . HOH G 4 .  ? -14.551 2.500   2.223   1.00 95.72  ? 232 HOH A O     1 
HETATM 449 O  O     . HOH G 4 .  ? 0.187   -4.458  -10.426 1.00 48.92  ? 233 HOH A O     1 
HETATM 450 O  O     . HOH G 4 .  ? -8.640  3.402   10.347  1.00 45.37  ? 234 HOH A O     1 
HETATM 451 O  O     . HOH G 4 .  ? -0.859  4.273   5.358   1.00 37.52  ? 235 HOH A O     1 
HETATM 452 O  O     . HOH G 4 .  ? 10.224  5.973   13.293  1.00 96.03  ? 236 HOH A O     1 
HETATM 453 O  O     . HOH G 4 .  ? -6.263  -5.986  8.311   1.00 28.67  ? 237 HOH A O     1 
HETATM 454 O  O     . HOH G 4 .  ? -9.704  2.254   -8.429  1.00 34.26  ? 238 HOH A O     1 
HETATM 455 O  O     . HOH G 4 .  ? -12.686 1.649   -4.050  1.00 41.09  ? 239 HOH A O     1 
HETATM 456 O  O     . HOH G 4 .  ? -11.703 2.608   -6.334  1.00 40.03  ? 240 HOH A O     1 
HETATM 457 O  O     . HOH G 4 .  ? -0.205  3.059   -2.462  1.00 51.32  ? 241 HOH A O     1 
HETATM 458 O  O     . HOH G 4 .  ? -0.744  0.236   -3.111  1.00 22.23  ? 242 HOH A O     1 
HETATM 459 O  O     . HOH G 4 .  ? -11.357 5.477   -5.369  1.00 68.42  ? 243 HOH A O     1 
HETATM 460 O  O     . HOH G 4 .  ? 6.786   7.486   10.573  1.00 38.06  ? 244 HOH A O     1 
HETATM 461 O  O     . HOH G 4 .  ? 0.221   1.324   -6.469  1.00 43.14  ? 245 HOH A O     1 
HETATM 462 O  O     . HOH G 4 .  ? -5.336  4.428   10.842  1.00 84.91  ? 246 HOH A O     1 
HETATM 463 O  O     . HOH G 4 .  ? 3.839   4.906   -12.979 1.00 40.34  ? 247 HOH A O     1 
HETATM 464 O  O     . HOH G 4 .  ? -0.089  3.531   9.712   1.00 45.89  ? 248 HOH A O     1 
HETATM 465 O  O     . HOH G 4 .  ? -0.459  6.626   -6.253  1.00 56.46  ? 249 HOH A O     1 
HETATM 466 O  O     . HOH G 4 .  ? 12.177  0.911   16.492  1.00 118.45 ? 250 HOH A O     1 
HETATM 467 O  O     . HOH G 4 .  ? -6.671  6.321   7.777   1.00 86.31  ? 251 HOH A O     1 
HETATM 468 O  O     . HOH H 4 .  ? 3.958   -7.554  -2.897  1.00 33.20  ? 201 HOH B O     1 
HETATM 469 O  O     . HOH H 4 .  ? -5.323  -8.129  4.404   1.00 32.30  ? 202 HOH B O     1 
HETATM 470 O  O     . HOH H 4 .  ? 0.322   13.009  -2.332  1.00 51.39  ? 203 HOH B O     1 
HETATM 471 O  O     . HOH H 4 .  ? 4.935   8.122   -2.973  1.00 28.96  ? 204 HOH B O     1 
HETATM 472 O  O     . HOH H 4 .  ? -3.407  -8.383  -9.575  1.00 72.16  ? 205 HOH B O     1 
HETATM 473 O  O     . HOH H 4 .  ? -1.803  -8.351  4.992   1.00 27.75  ? 206 HOH B O     1 
HETATM 474 O  O     . HOH H 4 .  ? 11.575  4.782   1.156   1.00 29.83  ? 207 HOH B O     1 
HETATM 475 O  O     . HOH H 4 .  ? 2.985   11.490  0.398   1.00 26.45  ? 208 HOH B O     1 
HETATM 476 O  O     . HOH H 4 .  ? 1.706   -8.382  -1.695  1.00 26.73  ? 209 HOH B O     1 
HETATM 477 O  O     . HOH H 4 .  ? -2.915  -9.409  -6.399  1.00 37.60  ? 210 HOH B O     1 
HETATM 478 O  O     . HOH H 4 .  ? -13.033 -3.608  -13.642 1.00 44.64  ? 211 HOH B O     1 
HETATM 479 O  O     . HOH H 4 .  ? 3.232   9.857   2.287   1.00 32.61  ? 212 HOH B O     1 
HETATM 480 O  O     . HOH H 4 .  ? 5.312   0.634   -2.770  1.00 39.46  ? 213 HOH B O     1 
HETATM 481 O  O     . HOH H 4 .  ? -12.470 -13.118 -1.652  1.00 48.17  ? 214 HOH B O     1 
HETATM 482 O  O     . HOH H 4 .  ? 4.075   -11.103 -2.879  1.00 46.46  ? 215 HOH B O     1 
HETATM 483 O  O     . HOH H 4 .  ? -8.769  -0.950  -12.301 1.00 33.85  ? 216 HOH B O     1 
HETATM 484 O  O     . HOH H 4 .  ? -10.317 -9.367  -10.521 1.00 46.23  ? 217 HOH B O     1 
HETATM 485 O  O     . HOH H 4 .  ? 7.049   10.814  -8.832  1.00 39.52  ? 218 HOH B O     1 
HETATM 486 O  O     . HOH H 4 .  ? 1.080   -1.576  -1.592  1.00 29.55  ? 219 HOH B O     1 
HETATM 487 O  O     . HOH H 4 .  ? 3.482   7.632   0.215   1.00 28.64  ? 220 HOH B O     1 
HETATM 488 O  O     . HOH H 4 .  ? 7.366   -6.398  -3.627  1.00 44.06  ? 221 HOH B O     1 
HETATM 489 O  O     . HOH H 4 .  ? 3.193   0.181   -0.797  1.00 30.55  ? 222 HOH B O     1 
HETATM 490 O  O     . HOH H 4 .  ? 5.018   4.191   -5.284  1.00 43.12  ? 223 HOH B O     1 
HETATM 491 O  O     . HOH H 4 .  ? 4.942   14.659  -7.252  1.00 44.08  ? 224 HOH B O     1 
HETATM 492 O  O     . HOH H 4 .  ? -0.220  -4.855  -2.854  1.00 46.12  ? 225 HOH B O     1 
HETATM 493 O  O     . HOH H 4 .  ? 3.149   9.738   -1.675  1.00 26.26  ? 226 HOH B O     1 
HETATM 494 O  O     . HOH H 4 .  ? -7.371  -11.849 -7.321  1.00 55.65  ? 227 HOH B O     1 
HETATM 495 O  O     . HOH H 4 .  ? -3.476  -12.184 -4.663  1.00 39.64  ? 228 HOH B O     1 
HETATM 496 O  O     . HOH H 4 .  ? 8.462   -11.464 1.101   1.00 41.08  ? 229 HOH B O     1 
HETATM 497 O  O     . HOH H 4 .  ? 2.402   -14.354 2.881   1.00 53.91  ? 230 HOH B O     1 
HETATM 498 O  O     . HOH H 4 .  ? 10.053  -8.515  0.592   1.00 43.40  ? 231 HOH B O     1 
HETATM 499 O  O     . HOH H 4 .  ? 0.118   -7.266  -4.259  1.00 65.66  ? 232 HOH B O     1 
HETATM 500 O  O     . HOH H 4 .  ? -4.046  -12.148 4.784   1.00 39.33  ? 233 HOH B O     1 
HETATM 501 O  O     . HOH H 4 .  ? 3.997   5.548   -2.828  1.00 37.24  ? 234 HOH B O     1 
HETATM 502 O  O     . HOH H 4 .  ? -1.235  -13.022 5.182   1.00 54.72  ? 235 HOH B O     1 
HETATM 503 O  O     . HOH H 4 .  ? 5.353   17.267  -5.762  1.00 62.95  ? 236 HOH B O     1 
HETATM 504 O  O     . HOH H 4 .  ? 1.303   9.471   0.366   1.00 33.44  ? 237 HOH B O     1 
HETATM 505 O  O     . HOH H 4 .  ? 3.911   -13.978 -3.568  1.00 57.15  ? 238 HOH B O     1 
HETATM 506 O  O     . HOH H 4 .  ? -13.199 -1.732  -11.416 1.00 48.24  ? 239 HOH B O     1 
HETATM 507 O  O     . HOH H 4 .  ? 3.073   -3.046  -3.296  1.00 97.69  ? 240 HOH B O     1 
HETATM 508 O  O     . HOH H 4 .  ? -12.637 -16.594 -1.350  1.00 67.14  ? 241 HOH B O     1 
HETATM 509 O  O     . HOH H 4 .  ? -5.101  -11.046 -8.030  1.00 71.94  ? 242 HOH B O     1 
HETATM 510 O  O     . HOH H 4 .  ? 2.524   2.376   -2.729  1.00 48.04  ? 243 HOH B O     1 
HETATM 511 O  O     . HOH H 4 .  ? 1.427   6.036   -0.707  1.00 46.83  ? 244 HOH B O     1 
HETATM 512 O  O     . HOH H 4 .  ? 0.201   -10.706 -8.468  1.00 60.75  ? 245 HOH B O     1 
# 
loop_
_atom_site_anisotrop.id 
_atom_site_anisotrop.type_symbol 
_atom_site_anisotrop.pdbx_label_atom_id 
_atom_site_anisotrop.pdbx_label_alt_id 
_atom_site_anisotrop.pdbx_label_comp_id 
_atom_site_anisotrop.pdbx_label_asym_id 
_atom_site_anisotrop.pdbx_label_seq_id 
_atom_site_anisotrop.pdbx_PDB_ins_code 
_atom_site_anisotrop.U[1][1] 
_atom_site_anisotrop.U[2][2] 
_atom_site_anisotrop.U[3][3] 
_atom_site_anisotrop.U[1][2] 
_atom_site_anisotrop.U[1][3] 
_atom_site_anisotrop.U[2][3] 
_atom_site_anisotrop.pdbx_auth_seq_id 
_atom_site_anisotrop.pdbx_auth_comp_id 
_atom_site_anisotrop.pdbx_auth_asym_id 
_atom_site_anisotrop.pdbx_auth_atom_id 
1   O  "O5'" . DA  A 1  ? 0.4216 0.6095 0.4002 0.0673  0.0834  -0.0535 0   DA  A "O5'" 
2   C  "C5'" . DA  A 1  ? 0.3117 0.4429 0.4308 0.0029  0.1209  -0.1118 0   DA  A "C5'" 
3   C  "C4'" . DA  A 1  ? 0.3016 0.3504 0.3010 0.0131  0.0816  -0.0234 0   DA  A "C4'" 
4   O  "O4'" . DA  A 1  ? 0.3232 0.3547 0.3071 0.0059  0.0763  -0.0650 0   DA  A "O4'" 
5   C  "C3'" . DA  A 1  ? 0.3149 0.2623 0.2886 0.0382  0.0308  -0.0515 0   DA  A "C3'" 
6   O  "O3'" . DA  A 1  ? 0.3456 0.2830 0.3347 -0.0023 0.0232  -0.0600 0   DA  A "O3'" 
7   C  "C2'" . DA  A 1  ? 0.3173 0.2583 0.2935 0.0392  0.0343  -0.0552 0   DA  A "C2'" 
8   C  "C1'" . DA  A 1  ? 0.2792 0.2798 0.2793 0.0198  0.0373  -0.0648 0   DA  A "C1'" 
9   N  N9    . DA  A 1  ? 0.3137 0.2605 0.2448 0.0704  0.0830  -0.0999 0   DA  A N9    
10  C  C8    . DA  A 1  ? 0.3064 0.3329 0.2682 0.0637  0.0561  -0.0651 0   DA  A C8    
11  N  N7    . DA  A 1  ? 0.3364 0.3071 0.2612 0.1121  0.0460  -0.0675 0   DA  A N7    
12  C  C5    . DA  A 1  ? 0.3436 0.3268 0.2470 0.0823  0.0516  -0.0692 0   DA  A C5    
13  C  C6    . DA  A 1  ? 0.3744 0.1948 0.2105 0.0820  0.0420  -0.1547 0   DA  A C6    
14  N  N6    . DA  A 1  ? 0.4162 0.2624 0.2070 0.0920  0.0728  -0.0893 0   DA  A N6    
15  N  N1    . DA  A 1  ? 0.3804 0.2712 0.2061 0.1118  0.0801  -0.0980 0   DA  A N1    
16  C  C2    . DA  A 1  ? 0.3037 0.2257 0.2376 0.0545  0.0350  -0.1077 0   DA  A C2    
17  N  N3    . DA  A 1  ? 0.3075 0.3034 0.2733 0.0552  0.0663  -0.0549 0   DA  A N3    
18  C  C4    . DA  A 1  ? 0.3127 0.2553 0.1944 0.0523  0.0422  -0.1218 0   DA  A C4    
19  P  P     . DG  A 2  ? 0.3744 0.2879 0.3326 0.0103  -0.0010 -0.0572 1   DG  A P     
20  O  OP1   . DG  A 2  ? 0.3704 0.3007 0.4123 -0.0317 -0.0006 -0.0182 1   DG  A OP1   
21  O  OP2   . DG  A 2  ? 0.3504 0.3931 0.3294 0.0332  0.0052  -0.0350 1   DG  A OP2   
22  O  "O5'" . DG  A 2  ? 0.3666 0.3127 0.3106 -0.0212 -0.0084 -0.0338 1   DG  A "O5'" 
23  C  "C5'" . DG  A 2  ? 0.3533 0.3144 0.3151 -0.0146 -0.0008 -0.0245 1   DG  A "C5'" 
24  C  "C4'" . DG  A 2  ? 0.3395 0.2503 0.2791 0.0122  0.0113  -0.0432 1   DG  A "C4'" 
25  O  "O4'" . DG  A 2  ? 0.3475 0.2777 0.2467 0.0414  0.0755  -0.0746 1   DG  A "O4'" 
26  C  "C3'" . DG  A 2  ? 0.2893 0.1439 0.2651 0.0663  0.0192  -0.0902 1   DG  A "C3'" 
27  O  "O3'" . DG  A 2  ? 0.3663 0.1352 0.3208 0.0413  0.0743  -0.1049 1   DG  A "O3'" 
28  C  "C2'" . DG  A 2  ? 0.2853 0.1725 0.2286 0.0442  0.0354  -0.0719 1   DG  A "C2'" 
29  C  "C1'" . DG  A 2  ? 0.2907 0.2563 0.2119 0.0572  0.0419  -0.0763 1   DG  A "C1'" 
30  N  N9    . DG  A 2  ? 0.3175 0.1823 0.2158 0.0165  0.0322  -0.1098 1   DG  A N9    
31  C  C8    . DG  A 2  ? 0.3207 0.2123 0.1990 0.0144  0.0372  -0.0663 1   DG  A C8    
32  N  N7    . DG  A 2  ? 0.3207 0.2129 0.2080 0.0527  0.0494  -0.0799 1   DG  A N7    
33  C  C5    . DG  A 2  ? 0.3188 0.1899 0.1812 0.0458  0.0375  -0.1027 1   DG  A C5    
34  C  C6    . DG  A 2  ? 0.3087 0.2060 0.1696 0.0559  0.0436  -0.0855 1   DG  A C6    
35  O  O6    . DG  A 2  ? 0.3704 0.1901 0.1859 0.1007  0.0438  -0.1276 1   DG  A O6    
36  N  N1    . DG  A 2  ? 0.3195 0.1420 0.1866 0.0160  0.0344  -0.1106 1   DG  A N1    
37  C  C2    . DG  A 2  ? 0.3215 0.1626 0.2022 0.0275  0.0403  -0.1064 1   DG  A C2    
38  N  N2    . DG  A 2  ? 0.3218 0.1397 0.2263 0.0352  0.0452  -0.1126 1   DG  A N2    
39  N  N3    . DG  A 2  ? 0.3268 0.1535 0.2042 0.0113  0.0382  -0.1202 1   DG  A N3    
40  C  C4    . DG  A 2  ? 0.3215 0.1654 0.1830 0.0493  0.0474  -0.1194 1   DG  A C4    
41  P  P     . DG  A 3  ? 0.3658 0.1537 0.3243 0.0426  0.0513  -0.1199 2   DG  A P     
42  O  OP1   . DG  A 3  ? 0.4459 0.1362 0.4370 0.0271  0.0319  -0.1356 2   DG  A OP1   
43  O  OP2   . DG  A 3  ? 0.3572 0.1891 0.3272 0.0016  0.0149  -0.1032 2   DG  A OP2   
44  O  "O5'" . DG  A 3  ? 0.3464 0.1735 0.2857 0.0575  0.0674  -0.1330 2   DG  A "O5'" 
45  C  "C5'" . DG  A 3  ? 0.3318 0.2850 0.2972 0.0473  0.0542  -0.0406 2   DG  A "C5'" 
46  C  "C4'" . DG  A 3  ? 0.2874 0.2104 0.2685 0.1045  0.0836  -0.1037 2   DG  A "C4'" 
47  O  "O4'" . DG  A 3  ? 0.3031 0.1756 0.2395 0.0737  0.0686  -0.0996 2   DG  A "O4'" 
48  C  "C3'" . DG  A 3  ? 0.2469 0.2345 0.2817 0.0551  0.0728  -0.0735 2   DG  A "C3'" 
49  O  "O3'" . DG  A 3  ? 0.3251 0.2375 0.2697 0.0856  0.0808  -0.0940 2   DG  A "O3'" 
50  C  "C2'" . DG  A 3  ? 0.2657 0.2514 0.2009 0.0281  0.0520  -0.0587 2   DG  A "C2'" 
51  C  "C1'" . DG  A 3  ? 0.2627 0.2231 0.2311 0.0373  0.0509  -0.0792 2   DG  A "C1'" 
52  N  N9    . DG  A 3  ? 0.2773 0.1500 0.2206 0.0446  0.0558  -0.0928 2   DG  A N9    
53  C  C8    . DG  A 3  ? 0.2953 0.1682 0.2057 0.0227  0.0479  -0.0852 2   DG  A C8    
54  N  N7    . DG  A 3  ? 0.2935 0.1625 0.1866 0.0471  0.0452  -0.1328 2   DG  A N7    
55  C  C5    . DG  A 3  ? 0.3030 0.1863 0.1769 0.0296  0.0446  -0.1080 2   DG  A C5    
56  C  C6    . DG  A 3  ? 0.2897 0.1946 0.1474 0.0227  0.0194  -0.1122 2   DG  A C6    
57  O  O6    . DG  A 3  ? 0.3147 0.1290 0.2264 0.0428  0.0296  -0.1187 2   DG  A O6    
58  N  N1    . DG  A 3  ? 0.2996 0.1412 0.1877 0.0375  0.0288  -0.1264 2   DG  A N1    
59  C  C2    . DG  A 3  ? 0.2995 0.1613 0.1829 0.0119  0.0114  -0.1073 2   DG  A C2    
60  N  N2    . DG  A 3  ? 0.2810 0.2051 0.2382 0.0013  0.0150  -0.0725 2   DG  A N2    
61  N  N3    . DG  A 3  ? 0.2941 0.1689 0.1758 0.0392  0.0583  -0.1072 2   DG  A N3    
62  C  C4    . DG  A 3  ? 0.3094 0.1437 0.1769 0.0291  0.0399  -0.1144 2   DG  A C4    
63  P  P     . DG  A 4  ? 0.3602 0.2099 0.2802 0.0541  0.0883  -0.1537 3   DG  A P     
64  O  OP1   . DG  A 4  ? 0.4190 0.2527 0.3154 0.1004  0.1061  -0.1601 3   DG  A OP1   
65  O  OP2   . DG  A 4  ? 0.3568 0.2481 0.3195 0.0323  0.0808  -0.1683 3   DG  A OP2   
66  O  "O5'" . DG  A 4  ? 0.3303 0.2282 0.2089 0.0631  0.0735  -0.1473 3   DG  A "O5'" 
67  C  "C5'" . DG  A 4  ? 0.3591 0.2989 0.2556 -0.0021 0.0612  -0.1380 3   DG  A "C5'" 
68  C  "C4'" . DG  A 4  ? 0.2791 0.3036 0.2160 0.0440  0.0788  -0.1353 3   DG  A "C4'" 
69  O  "O4'" . DG  A 4  ? 0.3092 0.2735 0.2066 0.0296  0.0450  -0.1552 3   DG  A "O4'" 
70  C  "C3'" . DG  A 4  ? 0.2907 0.3030 0.2075 -0.0051 0.0755  -0.0967 3   DG  A "C3'" 
71  O  "O3'" . DG  A 4  ? 0.2759 0.3613 0.2291 0.0101  0.0534  -0.1424 3   DG  A "O3'" 
72  C  "C2'" . DG  A 4  ? 0.2340 0.3345 0.1956 0.0147  0.0636  -0.0826 3   DG  A "C2'" 
73  C  "C1'" . DG  A 4  ? 0.2655 0.2841 0.2137 -0.0093 0.0549  -0.1167 3   DG  A "C1'" 
74  N  N9    . DG  A 4  ? 0.2600 0.2300 0.2051 0.0319  0.0592  -0.1210 3   DG  A N9    
75  C  C8    . DG  A 4  ? 0.2815 0.1932 0.1981 0.0566  0.0598  -0.1116 3   DG  A C8    
76  N  N7    . DG  A 4  ? 0.2776 0.1862 0.1601 0.0385  0.0509  -0.1290 3   DG  A N7    
77  C  C5    . DG  A 4  ? 0.2837 0.1757 0.1943 0.0142  0.0363  -0.1197 3   DG  A C5    
78  C  C6    . DG  A 4  ? 0.2872 0.1677 0.1865 0.0037  0.0227  -0.1267 3   DG  A C6    
79  O  O6    . DG  A 4  ? 0.2865 0.1511 0.1876 0.0329  0.0297  -0.1332 3   DG  A O6    
80  N  N1    . DG  A 4  ? 0.2865 0.1663 0.1943 0.0163  0.0436  -0.1099 3   DG  A N1    
81  C  C2    . DG  A 4  ? 0.2879 0.1920 0.2316 0.0131  0.0566  -0.1139 3   DG  A C2    
82  N  N2    . DG  A 4  ? 0.3180 0.1939 0.2887 -0.0305 0.0282  -0.1029 3   DG  A N2    
83  N  N3    . DG  A 4  ? 0.2874 0.1979 0.2580 0.0054  0.0201  -0.0983 3   DG  A N3    
84  C  C4    . DG  A 4  ? 0.2849 0.1810 0.2101 0.0189  0.0416  -0.1304 3   DG  A C4    
85  P  P     . DA  A 5  ? 0.3010 0.3386 0.2686 0.0380  0.0604  -0.1813 4   DA  A P     
86  O  OP1   . DA  A 5  ? 0.3051 0.4319 0.2845 0.0044  0.1080  -0.1755 4   DA  A OP1   
87  O  OP2   . DA  A 5  ? 0.3381 0.3303 0.2504 0.0608  0.1017  -0.1658 4   DA  A OP2   
88  O  "O5'" . DA  A 5  ? 0.3225 0.3427 0.2489 0.0450  0.0508  -0.1601 4   DA  A "O5'" 
89  C  "C5'" . DA  A 5  ? 0.3040 0.3348 0.2780 0.0267  0.0395  -0.0573 4   DA  A "C5'" 
90  C  "C4'" . DA  A 5  ? 0.3056 0.2622 0.1798 -0.0057 0.0535  -0.1330 4   DA  A "C4'" 
91  O  "O4'" . DA  A 5  ? 0.3274 0.3183 0.1892 -0.0033 0.0515  -0.1625 4   DA  A "O4'" 
92  C  "C3'" . DA  A 5  ? 0.3055 0.3210 0.2160 -0.0062 0.0437  -0.0824 4   DA  A "C3'" 
93  O  "O3'" . DA  A 5  ? 0.3402 0.3715 0.2210 0.0241  0.0300  -0.1580 4   DA  A "O3'" 
94  C  "C2'" . DA  A 5  ? 0.3018 0.2987 0.2261 -0.0322 0.0027  -0.0726 4   DA  A "C2'" 
95  C  "C1'" . DA  A 5  ? 0.3217 0.3358 0.2296 -0.0177 0.0266  -0.1142 4   DA  A "C1'" 
96  N  N9    . DA  A 5  ? 0.3008 0.2405 0.2412 0.0008  0.0324  -0.1292 4   DA  A N9    
97  C  C8    . DA  A 5  ? 0.2879 0.1944 0.2123 0.0357  0.0440  -0.1658 4   DA  A C8    
98  N  N7    . DA  A 5  ? 0.2987 0.2160 0.2157 0.0367  0.0581  -0.1526 4   DA  A N7    
99  C  C5    . DA  A 5  ? 0.2954 0.1654 0.2533 0.0029  0.0255  -0.1706 4   DA  A C5    
100 C  C6    . DA  A 5  ? 0.2920 0.1794 0.2385 0.0208  0.0176  -0.1186 4   DA  A C6    
101 N  N6    . DA  A 5  ? 0.2968 0.1777 0.2516 0.0298  0.0242  -0.1071 4   DA  A N6    
102 N  N1    . DA  A 5  ? 0.3560 0.1731 0.1979 0.0215  0.0478  -0.1316 4   DA  A N1    
103 C  C2    . DA  A 5  ? 0.3063 0.1826 0.2430 0.0010  0.0097  -0.0927 4   DA  A C2    
104 N  N3    . DA  A 5  ? 0.3353 0.2225 0.2221 0.0084  0.0502  -0.1212 4   DA  A N3    
105 C  C4    . DA  A 5  ? 0.3224 0.1798 0.2286 -0.0068 0.0290  -0.1734 4   DA  A C4    
106 P  P     . DT  A 6  ? 0.3397 0.3543 0.2221 0.0486  0.0592  -0.1982 5   DT  A P     
107 O  OP1   . DT  A 6  ? 0.3769 0.4712 0.2593 0.0799  0.0747  -0.2178 5   DT  A OP1   
108 O  OP2   . DT  A 6  ? 0.3764 0.3315 0.2572 -0.0025 0.0476  -0.2162 5   DT  A OP2   
109 O  "O5'" . DT  A 6  ? 0.3637 0.3509 0.2347 0.0221  0.0289  -0.1599 5   DT  A "O5'" 
110 C  "C5'" . DT  A 6  ? 0.4197 0.3729 0.2571 0.0090  0.0171  -0.1349 5   DT  A "C5'" 
111 C  "C4'" . DT  A 6  ? 0.3662 0.3953 0.2348 -0.0202 0.0421  -0.0546 5   DT  A "C4'" 
112 O  "O4'" . DT  A 6  ? 0.3181 0.3473 0.2415 -0.0129 0.0275  -0.0894 5   DT  A "O4'" 
113 C  "C3'" . DT  A 6  ? 0.3521 0.3857 0.2408 0.0022  0.0317  -0.0552 5   DT  A "C3'" 
114 O  "O3'" . DT  A 6  ? 0.4217 0.5098 0.2299 0.0063  0.0118  -0.1176 5   DT  A "O3'" 
115 C  "C2'" . DT  A 6  ? 0.3167 0.2986 0.2589 -0.0115 0.0071  -0.0437 5   DT  A "C2'" 
116 C  "C1'" . DT  A 6  ? 0.3242 0.3271 0.2460 -0.0099 0.0407  -0.0951 5   DT  A "C1'" 
117 N  N1    . DT  A 6  ? 0.3098 0.2366 0.2090 0.0092  0.0396  -0.1428 5   DT  A N1    
118 C  C2    . DT  A 6  ? 0.2867 0.2288 0.2419 0.0146  0.0355  -0.1331 5   DT  A C2    
119 O  O2    . DT  A 6  ? 0.3289 0.2670 0.2388 0.0493  0.0814  -0.0894 5   DT  A O2    
120 N  N3    . DT  A 6  ? 0.3041 0.1905 0.2257 0.0092  0.0159  -0.1538 5   DT  A N3    
121 C  C4    . DT  A 6  ? 0.2661 0.2021 0.2416 0.0090  0.0355  -0.1300 5   DT  A C4    
122 O  O4    . DT  A 6  ? 0.2886 0.1519 0.2571 0.0392  0.0603  -0.1533 5   DT  A O4    
123 C  C5    . DT  A 6  ? 0.2853 0.2201 0.2389 0.0309  0.0429  -0.1192 5   DT  A C5    
124 C  C7    . DT  A 6  ? 0.2710 0.2187 0.2922 0.0191  0.0408  -0.0889 5   DT  A C7    
125 C  C6    . DT  A 6  ? 0.3327 0.2346 0.2449 -0.0028 -0.0048 -0.1066 5   DT  A C6    
126 P  P     . DC  A 7  ? 0.3980 0.5221 0.2583 0.0050  0.0112  -0.1167 6   DC  A P     
127 O  OP1   . DC  A 7  ? 0.4640 0.6170 0.2673 -0.0145 0.0111  -0.0814 6   DC  A OP1   
128 O  OP2   . DC  A 7  ? 0.5109 0.4751 0.2034 -0.0144 -0.0089 -0.1477 6   DC  A OP2   
129 O  "O5'" . DC  A 7  ? 0.4080 0.4412 0.2794 0.0020  0.0326  -0.1141 6   DC  A "O5'" 
130 C  "C5'" . DC  A 7  ? 0.3894 0.3885 0.2318 0.0320  0.0541  -0.0447 6   DC  A "C5'" 
131 C  "C4'" . DC  A 7  ? 0.3570 0.3114 0.2002 -0.0103 0.0098  -0.0848 6   DC  A "C4'" 
132 O  "O4'" . DC  A 7  ? 0.4145 0.3525 0.2155 -0.1015 0.0236  -0.1219 6   DC  A "O4'" 
133 C  "C3'" . DC  A 7  ? 0.3753 0.3320 0.2053 -0.0162 0.0298  -0.0728 6   DC  A "C3'" 
134 O  "O3'" . DC  A 7  ? 0.3811 0.3459 0.2561 0.0045  -0.0025 -0.1164 6   DC  A "O3'" 
135 C  "C2'" . DC  A 7  ? 0.3468 0.2903 0.2192 -0.0040 0.0283  -0.0558 6   DC  A "C2'" 
136 C  "C1'" . DC  A 7  ? 0.3681 0.3569 0.2752 -0.0549 0.0174  -0.0568 6   DC  A "C1'" 
137 N  N1    . DC  A 7  ? 0.3715 0.2975 0.1995 -0.0727 0.0216  -0.1228 6   DC  A N1    
138 C  C2    . DC  A 7  ? 0.3983 0.1891 0.2332 -0.0332 0.0624  -0.1403 6   DC  A C2    
139 O  O2    . DC  A 7  ? 0.3682 0.2573 0.2400 -0.0424 0.0297  -0.1096 6   DC  A O2    
140 N  N3    . DC  A 7  ? 0.3456 0.2847 0.2383 -0.0281 0.0364  -0.1020 6   DC  A N3    
141 C  C4    . DC  A 7  ? 0.3401 0.2456 0.2811 -0.0455 0.0196  -0.0730 6   DC  A C4    
142 N  N4    . DC  A 7  ? 0.3381 0.3280 0.2692 -0.0235 -0.0072 -0.0558 6   DC  A N4    
143 C  C5    . DC  A 7  ? 0.3045 0.2870 0.2952 -0.0442 0.0147  -0.0630 6   DC  A C5    
144 C  C6    . DC  A 7  ? 0.3527 0.2810 0.2459 -0.0750 0.0105  -0.0817 6   DC  A C6    
145 P  P     . DC  A 8  ? 0.3929 0.3690 0.2514 0.0161  0.0087  -0.1867 7   DC  A P     
146 O  OP1   . DC  A 8  ? 0.4144 0.4763 0.2321 0.0033  0.0255  -0.1625 7   DC  A OP1   
147 O  OP2   . DC  A 8  ? 0.3509 0.3668 0.3946 0.0556  0.0320  -0.2194 7   DC  A OP2   
148 O  "O5'" . DC  A 8  ? 0.3633 0.2382 0.2619 -0.0147 0.0077  -0.1538 7   DC  A "O5'" 
149 C  "C5'" . DC  A 8  ? 0.3857 0.2787 0.2637 0.0035  -0.0032 -0.1009 7   DC  A "C5'" 
150 C  "C4'" . DC  A 8  ? 0.3697 0.2136 0.2580 0.0013  -0.0136 -0.0722 7   DC  A "C4'" 
151 O  "O4'" . DC  A 8  ? 0.4419 0.2263 0.2445 -0.0733 -0.0072 -0.0882 7   DC  A "O4'" 
152 C  "C3'" . DC  A 8  ? 0.3619 0.2217 0.2659 0.0010  0.0085  -0.0628 7   DC  A "C3'" 
153 O  "O3'" . DC  A 8  ? 0.3567 0.1835 0.2628 0.0278  0.0170  -0.1151 7   DC  A "O3'" 
154 C  "C2'" . DC  A 8  ? 0.3446 0.2514 0.2549 -0.0396 -0.0038 -0.0646 7   DC  A "C2'" 
155 C  "C1'" . DC  A 8  ? 0.4126 0.3023 0.2364 -0.0891 -0.0035 -0.0712 7   DC  A "C1'" 
156 N  N1    . DC  A 8  ? 0.3754 0.3263 0.2213 -0.1186 -0.0177 -0.0781 7   DC  A N1    
157 C  C2    . DC  A 8  ? 0.3995 0.3403 0.2241 -0.0944 0.0092  -0.0679 7   DC  A C2    
158 O  O2    . DC  A 8  ? 0.3970 0.4043 0.2519 -0.1230 0.0060  -0.0856 7   DC  A O2    
159 N  N3    . DC  A 8  ? 0.3742 0.3836 0.2695 -0.1245 0.0019  -0.0095 7   DC  A N3    
160 C  C4    . DC  A 8  ? 0.3913 0.3240 0.2345 -0.0751 -0.0075 -0.0741 7   DC  A C4    
161 N  N4    . DC  A 8  ? 0.3960 0.3685 0.3637 -0.0823 -0.0081 0.0098  7   DC  A N4    
162 C  C5    . DC  A 8  ? 0.3550 0.3135 0.2705 -0.0692 0.0224  -0.0606 7   DC  A C5    
163 C  C6    . DC  A 8  ? 0.4014 0.2840 0.2215 -0.0794 -0.0078 -0.0858 7   DC  A C6    
164 P  P     . DC  A 9  ? 0.3667 0.2054 0.2718 0.0408  0.0138  -0.1659 8   DC  A P     
165 O  OP1   . DC  A 9  ? 0.4052 0.3223 0.2688 0.0316  0.0011  -0.1436 8   DC  A OP1   
166 O  OP2   . DC  A 9  ? 0.3663 0.1828 0.3970 0.0378  0.0069  -0.2030 8   DC  A OP2   
167 O  "O5'" . DC  A 9  ? 0.3138 0.2442 0.2524 0.0695  0.0091  -0.1439 8   DC  A "O5'" 
168 C  "C5'" . DC  A 9  ? 0.2946 0.2743 0.2992 0.0279  0.0164  -0.0714 8   DC  A "C5'" 
169 C  "C4'" . DC  A 9  ? 0.3651 0.2940 0.3268 -0.0510 -0.0113 -0.0413 8   DC  A "C4'" 
170 O  "O4'" . DC  A 9  ? 0.4962 0.3501 0.2858 -0.0986 -0.0567 -0.0433 8   DC  A "O4'" 
171 C  "C3'" . DC  A 9  ? 0.4115 0.2911 0.3152 -0.0569 -0.0164 -0.0406 8   DC  A "C3'" 
172 O  "O3'" . DC  A 9  ? 0.4064 0.3244 0.3625 -0.0756 -0.0305 0.0214  8   DC  A "O3'" 
173 C  "C2'" . DC  A 9  ? 0.3492 0.3070 0.3474 -0.0801 -0.0174 0.0045  8   DC  A "C2'" 
174 C  "C1'" . DC  A 9  ? 0.4431 0.3517 0.2764 -0.0863 -0.0480 -0.0439 8   DC  A "C1'" 
175 N  N1    . DC  A 9  ? 0.4169 0.3834 0.2620 -0.0855 -0.0102 -0.0350 8   DC  A N1    
176 C  C2    . DC  A 9  ? 0.4039 0.3883 0.1804 -0.0695 -0.0093 -0.0961 8   DC  A C2    
177 O  O2    . DC  A 9  ? 0.4162 0.4396 0.2627 -0.0824 0.0056  -0.0255 8   DC  A O2    
178 N  N3    . DC  A 9  ? 0.3947 0.4340 0.2361 -0.0774 -0.0257 -0.0228 8   DC  A N3    
179 C  C4    . DC  A 9  ? 0.3707 0.4303 0.2605 -0.1157 -0.0355 -0.0488 8   DC  A C4    
180 N  N4    . DC  A 9  ? 0.3760 0.4649 0.2859 -0.0898 -0.0174 -0.0186 8   DC  A N4    
181 C  C5    . DC  A 9  ? 0.4131 0.4295 0.2656 -0.1202 -0.0152 -0.0413 8   DC  A C5    
182 C  C6    . DC  A 9  ? 0.4435 0.4272 0.1952 -0.0841 -0.0050 -0.0864 8   DC  A C6    
183 P  P     . DT  A 10 ? 0.4635 0.3057 0.3267 -0.0041 -0.1180 0.0616  9   DT  A P     
184 O  OP1   . DT  A 10 ? 0.4559 0.3846 0.3878 0.0063  -0.1549 0.0730  9   DT  A OP1   
185 O  OP2   . DT  A 10 ? 0.4378 0.2894 0.2392 -0.1350 -0.0427 -0.0087 9   DT  A OP2   
186 O  "O5'" . DT  A 10 ? 0.3530 0.3365 0.3868 -0.1812 0.0427  0.1140  9   DT  A "O5'" 
187 C  "C5'" . DT  A 10 ? 0.3476 0.2947 0.3928 -0.0844 0.0198  0.0494  9   DT  A "C5'" 
188 C  "C4'" . DT  A 10 ? 0.3302 0.2777 0.3511 0.0001  0.0018  -0.0037 9   DT  A "C4'" 
189 O  "O4'" . DT  A 10 ? 0.3251 0.3351 0.3682 0.0070  0.0076  -0.0110 9   DT  A "O4'" 
190 C  "C3'" . DT  A 10 ? 0.3378 0.2784 0.3122 -0.0153 0.0115  -0.0051 9   DT  A "C3'" 
191 O  "O3'" . DT  A 10 ? 0.3358 0.2106 0.2948 0.0093  0.0181  -0.1168 9   DT  A "O3'" 
192 C  "C2'" . DT  A 10 ? 0.2962 0.2648 0.3129 -0.0115 0.0133  -0.0245 9   DT  A "C2'" 
193 C  "C1'" . DT  A 10 ? 0.2962 0.2923 0.2911 0.0020  0.0064  -0.0617 9   DT  A "C1'" 
194 N  N1    . DT  A 10 ? 0.3183 0.2970 0.2425 -0.0236 0.0256  -0.0679 9   DT  A N1    
195 C  C2    . DT  A 10 ? 0.3186 0.2146 0.2580 0.0171  0.0275  -0.1008 9   DT  A C2    
196 O  O2    . DT  A 10 ? 0.3279 0.2590 0.2333 0.0202  0.0247  -0.0978 9   DT  A O2    
197 N  N3    . DT  A 10 ? 0.3083 0.3362 0.2192 -0.0212 0.0154  -0.0643 9   DT  A N3    
198 C  C4    . DT  A 10 ? 0.3107 0.3719 0.2568 -0.0383 0.0243  -0.0364 9   DT  A C4    
199 O  O4    . DT  A 10 ? 0.3143 0.4796 0.2513 -0.0206 0.0273  -0.0658 9   DT  A O4    
200 C  C5    . DT  A 10 ? 0.2985 0.4107 0.2959 -0.0441 0.0208  -0.0141 9   DT  A C5    
201 C  C7    . DT  A 10 ? 0.3801 0.4363 0.3155 -0.0237 0.0150  0.0334  9   DT  A C7    
202 C  C6    . DT  A 10 ? 0.2919 0.3414 0.2712 -0.0111 0.0045  -0.0050 9   DT  A C6    
203 O  "O5'" . DA  B 1  ? 0.5333 0.8064 0.6052 0.0103  0.0783  -0.0246 8   DA  B "O5'" 
204 C  "C5'" . DA  B 1  ? 0.3842 0.5622 0.5426 0.0620  -0.0183 0.0218  8   DA  B "C5'" 
205 C  "C4'" . DA  B 1  ? 0.4077 0.2976 0.3709 0.0818  0.0379  -0.0230 8   DA  B "C4'" 
206 O  "O4'" . DA  B 1  ? 0.4162 0.3988 0.3524 0.1061  0.0590  -0.0562 8   DA  B "O4'" 
207 C  "C3'" . DA  B 1  ? 0.3621 0.3105 0.3534 0.0597  0.0579  -0.0633 8   DA  B "C3'" 
208 O  "O3'" . DA  B 1  ? 0.3961 0.3563 0.3206 0.1232  0.0592  -0.0289 8   DA  B "O3'" 
209 C  "C2'" . DA  B 1  ? 0.3835 0.3670 0.3427 0.0483  0.0154  -0.0173 8   DA  B "C2'" 
210 C  "C1'" . DA  B 1  ? 0.3351 0.3988 0.3566 0.0485  0.0145  -0.0360 8   DA  B "C1'" 
211 N  N9    . DA  B 1  ? 0.3272 0.3687 0.3360 0.0877  0.0770  -0.0701 8   DA  B N9    
212 C  C8    . DA  B 1  ? 0.3178 0.4166 0.3430 0.0737  0.0685  -0.0361 8   DA  B C8    
213 N  N7    . DA  B 1  ? 0.3303 0.4887 0.3092 0.0956  0.0543  -0.0278 8   DA  B N7    
214 C  C5    . DA  B 1  ? 0.2964 0.3902 0.3276 0.0359  0.0332  -0.0539 8   DA  B C5    
215 C  C6    . DA  B 1  ? 0.3522 0.3439 0.2782 0.0370  0.0187  -0.1000 8   DA  B C6    
216 N  N6    . DA  B 1  ? 0.3541 0.3416 0.2953 0.0320  -0.0005 -0.0719 8   DA  B N6    
217 N  N1    . DA  B 1  ? 0.3163 0.3683 0.3054 -0.0051 0.0183  -0.0550 8   DA  B N1    
218 C  C2    . DA  B 1  ? 0.3413 0.2885 0.2787 0.0160  0.0198  -0.0894 8   DA  B C2    
219 N  N3    . DA  B 1  ? 0.3216 0.2560 0.3157 0.0471  0.0319  -0.1122 8   DA  B N3    
220 C  C4    . DA  B 1  ? 0.3052 0.4025 0.3302 0.0435  0.0407  -0.0423 8   DA  B C4    
221 P  P     . DG  B 2  ? 0.3858 0.3819 0.3587 0.0914  0.0554  -0.0374 9   DG  B P     
222 O  OP1   . DG  B 2  ? 0.3988 0.3914 0.3464 0.0441  0.0488  -0.0833 9   DG  B OP1   
223 O  OP2   . DG  B 2  ? 0.3581 0.4868 0.3856 0.0331  0.0137  0.0201  9   DG  B OP2   
224 O  "O5'" . DG  B 2  ? 0.3215 0.4029 0.3501 0.0087  0.0167  -0.0587 9   DG  B "O5'" 
225 C  "C5'" . DG  B 2  ? 0.3221 0.3223 0.3140 0.0354  0.0357  -0.0777 9   DG  B "C5'" 
226 C  "C4'" . DG  B 2  ? 0.3328 0.2715 0.2332 0.0205  0.0423  -0.0769 9   DG  B "C4'" 
227 O  "O4'" . DG  B 2  ? 0.3543 0.3173 0.2279 -0.0078 0.0303  -0.0557 9   DG  B "O4'" 
228 C  "C3'" . DG  B 2  ? 0.3563 0.2796 0.2284 -0.0396 0.0284  -0.0738 9   DG  B "C3'" 
229 O  "O3'" . DG  B 2  ? 0.4460 0.2718 0.2106 -0.0054 0.0052  -0.0761 9   DG  B "O3'" 
230 C  "C2'" . DG  B 2  ? 0.3455 0.3099 0.1829 -0.0059 0.0576  -0.0769 9   DG  B "C2'" 
231 C  "C1'" . DG  B 2  ? 0.2987 0.3176 0.1901 0.0097  0.0294  -0.0849 9   DG  B "C1'" 
232 N  N9    . DG  B 2  ? 0.3148 0.3100 0.2260 -0.0241 0.0250  -0.0728 9   DG  B N9    
233 C  C8    . DG  B 2  ? 0.3275 0.3113 0.2313 0.0594  0.0379  -0.0781 9   DG  B C8    
234 N  N7    . DG  B 2  ? 0.3357 0.3990 0.2541 0.0111  0.0527  -0.0636 9   DG  B N7    
235 C  C5    . DG  B 2  ? 0.3422 0.3433 0.2510 -0.0078 0.0422  -0.0875 9   DG  B C5    
236 C  C6    . DG  B 2  ? 0.3305 0.3231 0.2939 -0.0150 0.0285  -0.0546 9   DG  B C6    
237 O  O6    . DG  B 2  ? 0.3430 0.3458 0.2960 -0.0071 0.0514  -0.0697 9   DG  B O6    
238 N  N1    . DG  B 2  ? 0.3128 0.3493 0.2188 -0.0564 0.0259  -0.0620 9   DG  B N1    
239 C  C2    . DG  B 2  ? 0.2970 0.2691 0.2357 -0.0252 0.0224  -0.0796 9   DG  B C2    
240 N  N2    . DG  B 2  ? 0.3183 0.2995 0.2279 -0.0283 0.0100  -0.0635 9   DG  B N2    
241 N  N3    . DG  B 2  ? 0.3321 0.2812 0.2266 -0.0156 0.0146  -0.0763 9   DG  B N3    
242 C  C4    . DG  B 2  ? 0.3375 0.2472 0.1849 0.0278  0.0440  -0.1290 9   DG  B C4    
243 P  P     . DG  B 3  ? 0.4409 0.2904 0.2580 -0.0317 0.0018  -0.0958 10  DG  B P     
244 O  OP1   . DG  B 3  ? 0.5687 0.3752 0.2330 -0.0968 -0.0108 -0.0732 10  DG  B OP1   
245 O  OP2   . DG  B 3  ? 0.4435 0.3769 0.2373 -0.0699 -0.0274 -0.0522 10  DG  B OP2   
246 O  "O5'" . DG  B 3  ? 0.4310 0.2725 0.2148 -0.0322 0.0172  -0.1141 10  DG  B "O5'" 
247 C  "C5'" . DG  B 3  ? 0.3777 0.3058 0.2487 0.0014  0.0280  -0.0512 10  DG  B "C5'" 
248 C  "C4'" . DG  B 3  ? 0.3717 0.3002 0.2194 -0.0716 -0.0183 -0.0538 10  DG  B "C4'" 
249 O  "O4'" . DG  B 3  ? 0.3980 0.3024 0.2555 -0.0589 0.0145  -0.0914 10  DG  B "O4'" 
250 C  "C3'" . DG  B 3  ? 0.3947 0.3162 0.2882 -0.0666 -0.0272 -0.0208 10  DG  B "C3'" 
251 O  "O3'" . DG  B 3  ? 0.5719 0.2876 0.2990 -0.1024 -0.0631 -0.0442 10  DG  B "O3'" 
252 C  "C2'" . DG  B 3  ? 0.3663 0.2836 0.2991 -0.0674 -0.0244 -0.0440 10  DG  B "C2'" 
253 C  "C1'" . DG  B 3  ? 0.3891 0.2917 0.3010 -0.0399 0.0000  -0.0468 10  DG  B "C1'" 
254 N  N9    . DG  B 3  ? 0.3618 0.2928 0.2838 -0.0409 -0.0294 -0.0312 10  DG  B N9    
255 C  C8    . DG  B 3  ? 0.4205 0.1747 0.2170 0.0218  -0.0009 -0.1094 10  DG  B C8    
256 N  N7    . DG  B 3  ? 0.4301 0.3646 0.2640 -0.0265 -0.0086 -0.0266 10  DG  B N7    
257 C  C5    . DG  B 3  ? 0.4270 0.2731 0.2485 -0.0004 0.0014  -0.0775 10  DG  B C5    
258 C  C6    . DG  B 3  ? 0.4374 0.2103 0.3608 -0.0171 0.0371  -0.0107 10  DG  B C6    
259 O  O6    . DG  B 3  ? 0.4303 0.4129 0.2940 -0.0438 0.0023  -0.0247 10  DG  B O6    
260 N  N1    . DG  B 3  ? 0.4169 0.2962 0.2208 -0.0158 0.0133  -0.0697 10  DG  B N1    
261 C  C2    . DG  B 3  ? 0.3664 0.3304 0.3074 -0.0854 -0.0240 -0.0099 10  DG  B C2    
262 N  N2    . DG  B 3  ? 0.3528 0.3807 0.2925 -0.0696 -0.0310 -0.0279 10  DG  B N2    
263 N  N3    . DG  B 3  ? 0.3831 0.2988 0.2684 -0.0281 0.0021  -0.0479 10  DG  B N3    
264 C  C4    . DG  B 3  ? 0.3914 0.2820 0.3103 -0.0594 -0.0169 -0.0178 10  DG  B C4    
265 P  P     . DG  B 4  ? 0.6317 0.3184 0.3268 -0.1458 -0.0833 -0.0547 11  DG  B P     
266 O  OP1   . DG  B 4  ? 0.5741 0.4412 0.3137 -0.1184 -0.1062 -0.0463 11  DG  B OP1   
267 O  OP2   . DG  B 4  ? 0.6076 0.3996 0.4019 -0.1525 -0.1118 -0.0017 11  DG  B OP2   
268 O  "O5'" . DG  B 4  ? 0.4317 0.2818 0.3537 -0.0179 -0.0032 -0.0616 11  DG  B "O5'" 
269 C  "C5'" . DG  B 4  ? 0.4184 0.3467 0.3589 -0.0255 -0.0116 -0.0066 11  DG  B "C5'" 
270 C  "C4'" . DG  B 4  ? 0.3335 0.3265 0.3024 0.0038  0.0191  -0.0617 11  DG  B "C4'" 
271 O  "O4'" . DG  B 4  ? 0.3125 0.2620 0.3353 0.0017  0.0458  -0.0500 11  DG  B "O4'" 
272 C  "C3'" . DG  B 4  ? 0.3113 0.2645 0.3031 0.0632  0.0478  -0.0117 11  DG  B "C3'" 
273 O  "O3'" . DG  B 4  ? 0.4514 0.2798 0.3620 0.0430  0.0735  -0.0604 11  DG  B "O3'" 
274 C  "C2'" . DG  B 4  ? 0.3198 0.3070 0.2916 0.0026  0.0331  -0.0504 11  DG  B "C2'" 
275 C  "C1'" . DG  B 4  ? 0.3139 0.2995 0.2993 0.0325  0.0532  -0.0348 11  DG  B "C1'" 
276 N  N9    . DG  B 4  ? 0.3403 0.2769 0.2934 0.0456  0.0809  -0.0619 11  DG  B N9    
277 C  C8    . DG  B 4  ? 0.3227 0.2939 0.3504 -0.0143 0.0447  -0.0209 11  DG  B C8    
278 N  N7    . DG  B 4  ? 0.3771 0.2471 0.2763 0.0416  0.0795  -0.0969 11  DG  B N7    
279 C  C5    . DG  B 4  ? 0.3674 0.1704 0.3243 0.0412  0.0637  -0.0760 11  DG  B C5    
280 C  C6    . DG  B 4  ? 0.3238 0.3096 0.2796 0.0028  0.0082  -0.0614 11  DG  B C6    
281 O  O6    . DG  B 4  ? 0.3316 0.2767 0.2794 0.0195  0.0339  -0.0693 11  DG  B O6    
282 N  N1    . DG  B 4  ? 0.3090 0.2287 0.2797 -0.0240 0.0258  -0.0802 11  DG  B N1    
283 C  C2    . DG  B 4  ? 0.3091 0.3053 0.2074 -0.0319 -0.0141 -0.0853 11  DG  B C2    
284 N  N2    . DG  B 4  ? 0.3212 0.3090 0.2425 -0.0129 0.0159  -0.0538 11  DG  B N2    
285 N  N3    . DG  B 4  ? 0.3610 0.2706 0.2706 -0.0209 0.0419  -0.0705 11  DG  B N3    
286 C  C4    . DG  B 4  ? 0.3052 0.3030 0.2675 0.0019  0.0361  -0.0645 11  DG  B C4    
287 P  P     . DA  B 5  ? 0.4909 0.3314 0.2854 0.0092  0.0485  -0.0603 12  DA  B P     
288 O  OP1   . DA  B 5  ? 0.5522 0.4841 0.3580 0.0892  0.1650  -0.0790 12  DA  B OP1   
289 O  OP2   . DA  B 5  ? 0.5330 0.3318 0.3365 -0.0229 0.0085  -0.0015 12  DA  B OP2   
290 O  "O5'" . DA  B 5  ? 0.3759 0.2888 0.2573 0.0562  0.0403  -0.0839 12  DA  B "O5'" 
291 C  "C5'" . DA  B 5  ? 0.3196 0.3369 0.3079 0.0356  0.0411  -0.0289 12  DA  B "C5'" 
292 C  "C4'" . DA  B 5  ? 0.2929 0.2065 0.3019 0.0663  0.0217  -0.0342 12  DA  B "C4'" 
293 O  "O4'" . DA  B 5  ? 0.2871 0.2533 0.2820 0.0537  0.0577  -0.0603 12  DA  B "O4'" 
294 C  "C3'" . DA  B 5  ? 0.3165 0.1789 0.2618 0.0569  0.0291  -0.0702 12  DA  B "C3'" 
295 O  "O3'" . DA  B 5  ? 0.3427 0.2044 0.3706 0.1128  0.0281  -0.0660 12  DA  B "O3'" 
296 C  "C2'" . DA  B 5  ? 0.2935 0.2444 0.2912 0.0357  0.0488  -0.0172 12  DA  B "C2'" 
297 C  "C1'" . DA  B 5  ? 0.2941 0.2465 0.2595 0.0530  0.0420  -0.0283 12  DA  B "C1'" 
298 N  N9    . DA  B 5  ? 0.2862 0.2247 0.1965 0.0687  0.0604  -0.0939 12  DA  B N9    
299 C  C8    . DA  B 5  ? 0.2917 0.2014 0.2138 0.0506  0.0637  -0.1069 12  DA  B C8    
300 N  N7    . DA  B 5  ? 0.2847 0.1879 0.2682 0.0363  0.0556  -0.0930 12  DA  B N7    
301 C  C5    . DA  B 5  ? 0.2773 0.1673 0.2498 0.0293  0.0353  -0.0839 12  DA  B C5    
302 C  C6    . DA  B 5  ? 0.2800 0.1572 0.2121 0.0253  0.0216  -0.1147 12  DA  B C6    
303 N  N6    . DA  B 5  ? 0.2569 0.2106 0.2781 0.0232  0.0224  -0.0539 12  DA  B N6    
304 N  N1    . DA  B 5  ? 0.2707 0.1881 0.2416 0.0278  0.0442  -0.1069 12  DA  B N1    
305 C  C2    . DA  B 5  ? 0.2683 0.1968 0.2130 0.0235  0.0553  -0.0965 12  DA  B C2    
306 N  N3    . DA  B 5  ? 0.2682 0.1644 0.2569 0.0161  0.0523  -0.1037 12  DA  B N3    
307 C  C4    . DA  B 5  ? 0.2677 0.1668 0.2505 0.0435  0.0542  -0.0913 12  DA  B C4    
308 P  P     . DT  B 6  ? 0.3796 0.2737 0.3326 0.0889  0.0880  -0.1198 13  DT  B P     
309 O  OP1   . DT  B 6  ? 0.4212 0.3246 0.4198 0.1345  0.0963  -0.1280 13  DT  B OP1   
310 O  OP2   . DT  B 6  ? 0.4119 0.3079 0.3031 0.0605  0.1004  -0.1063 13  DT  B OP2   
311 O  "O5'" . DT  B 6  ? 0.3576 0.2513 0.2633 0.0849  0.0354  -0.1215 13  DT  B "O5'" 
312 C  "C5'" . DT  B 6  ? 0.3600 0.3074 0.3275 0.0283  0.0062  -0.0482 13  DT  B "C5'" 
313 C  "C4'" . DT  B 6  ? 0.3732 0.1940 0.2931 0.0561  0.0143  -0.0586 13  DT  B "C4'" 
314 O  "O4'" . DT  B 6  ? 0.3697 0.2058 0.2786 0.0219  0.0075  -0.0927 13  DT  B "O4'" 
315 C  "C3'" . DT  B 6  ? 0.3221 0.1613 0.3222 0.0279  0.0370  -0.0267 13  DT  B "C3'" 
316 O  "O3'" . DT  B 6  ? 0.3980 0.1687 0.3366 0.0510  0.0025  -0.0724 13  DT  B "O3'" 
317 C  "C2'" . DT  B 6  ? 0.3046 0.2375 0.2778 0.0201  0.0152  -0.0371 13  DT  B "C2'" 
318 C  "C1'" . DT  B 6  ? 0.3636 0.2329 0.2637 0.0408  0.0258  -0.0706 13  DT  B "C1'" 
319 N  N1    . DT  B 6  ? 0.3243 0.2126 0.2226 0.0529  0.0528  -0.0946 13  DT  B N1    
320 C  C2    . DT  B 6  ? 0.3460 0.2152 0.2256 0.0597  0.0656  -0.1183 13  DT  B C2    
321 O  O2    . DT  B 6  ? 0.4831 0.2836 0.2117 -0.0160 0.0707  -0.1042 13  DT  B O2    
322 N  N3    . DT  B 6  ? 0.3365 0.1749 0.2556 0.0286  0.0628  -0.1140 13  DT  B N3    
323 C  C4    . DT  B 6  ? 0.3205 0.1838 0.2384 0.0553  0.0484  -0.0983 13  DT  B C4    
324 O  O4    . DT  B 6  ? 0.3197 0.1737 0.2449 0.0403  0.0375  -0.0943 13  DT  B O4    
325 C  C5    . DT  B 6  ? 0.3124 0.1729 0.1989 0.0415  0.0382  -0.1334 13  DT  B C5    
326 C  C7    . DT  B 6  ? 0.2965 0.2726 0.2922 0.0240  0.0253  -0.0240 13  DT  B C7    
327 C  C6    . DT  B 6  ? 0.3667 0.1981 0.2409 0.0161  0.0496  -0.0875 13  DT  B C6    
328 P  P     . DC  B 7  ? 0.4074 0.1947 0.3520 0.0449  0.0167  -0.1211 14  DC  B P     
329 O  OP1   . DC  B 7  ? 0.4121 0.2188 0.4681 0.1068  0.0335  -0.1162 14  DC  B OP1   
330 O  OP2   . DC  B 7  ? 0.4595 0.2116 0.3351 0.0332  0.0408  -0.1397 14  DC  B OP2   
331 O  "O5'" . DC  B 7  ? 0.3954 0.1770 0.3618 0.0305  0.0147  -0.0958 14  DC  B "O5'" 
332 C  "C5'" . DC  B 7  ? 0.3968 0.2983 0.3383 0.0090  -0.0241 -0.0488 14  DC  B "C5'" 
333 C  "C4'" . DC  B 7  ? 0.3980 0.1820 0.3577 -0.0230 -0.0031 -0.0454 14  DC  B "C4'" 
334 O  "O4'" . DC  B 7  ? 0.4411 0.1899 0.2879 -0.0023 -0.0082 -0.0535 14  DC  B "O4'" 
335 C  "C3'" . DC  B 7  ? 0.4278 0.1514 0.3102 -0.0064 0.0150  -0.0591 14  DC  B "C3'" 
336 O  "O3'" . DC  B 7  ? 0.4718 0.1492 0.3958 0.0029  -0.0369 -0.0826 14  DC  B "O3'" 
337 C  "C2'" . DC  B 7  ? 0.3744 0.1951 0.3074 -0.0062 -0.0100 -0.0396 14  DC  B "C2'" 
338 C  "C1'" . DC  B 7  ? 0.3968 0.2239 0.2443 0.0114  0.0208  -0.0843 14  DC  B "C1'" 
339 N  N1    . DC  B 7  ? 0.3547 0.1684 0.2673 0.0339  0.0354  -0.1180 14  DC  B N1    
340 C  C2    . DC  B 7  ? 0.3397 0.1637 0.2646 0.0264  0.0497  -0.0911 14  DC  B C2    
341 O  O2    . DC  B 7  ? 0.3576 0.1679 0.2834 0.0093  0.0604  -0.0688 14  DC  B O2    
342 N  N3    . DC  B 7  ? 0.3056 0.1755 0.2188 0.0032  0.0470  -0.1115 14  DC  B N3    
343 C  C4    . DC  B 7  ? 0.2934 0.2264 0.2367 0.0309  0.0428  -0.0696 14  DC  B C4    
344 N  N4    . DC  B 7  ? 0.2699 0.2000 0.2606 0.0241  0.0562  -0.1014 14  DC  B N4    
345 C  C5    . DC  B 7  ? 0.3045 0.2016 0.2186 0.0223  0.0516  -0.1054 14  DC  B C5    
346 C  C6    . DC  B 7  ? 0.3792 0.1866 0.2682 0.0198  0.0322  -0.0965 14  DC  B C6    
347 P  P     . DC  B 8  ? 0.4615 0.1827 0.3818 0.0404  0.0454  -0.1317 15  DC  B P     
348 O  OP1   . DC  B 8  ? 0.6011 0.1584 0.4064 0.0872  0.0199  -0.1011 15  DC  B OP1   
349 O  OP2   . DC  B 8  ? 0.4682 0.2644 0.3242 0.0101  0.0288  -0.1415 15  DC  B OP2   
350 O  "O5'" . DC  B 8  ? 0.4756 0.1702 0.2726 -0.0066 -0.0069 -0.1398 15  DC  B "O5'" 
351 C  "C5'" . DC  B 8  ? 0.4297 0.2927 0.3560 0.0149  0.0003  -0.0884 15  DC  B "C5'" 
352 C  "C4'" . DC  B 8  ? 0.4105 0.2268 0.3868 -0.0603 -0.0105 -0.0178 15  DC  B "C4'" 
353 O  "O4'" . DC  B 8  ? 0.4387 0.1855 0.4574 -0.0154 0.0065  -0.0294 15  DC  B "O4'" 
354 C  "C3'" . DC  B 8  ? 0.4692 0.2854 0.3960 -0.0321 -0.0301 0.0056  15  DC  B "C3'" 
355 O  "O3'" . DC  B 8  ? 0.4792 0.2115 0.4638 -0.0403 -0.0504 -0.0272 15  DC  B "O3'" 
356 C  "C2'" . DC  B 8  ? 0.4041 0.2539 0.3750 -0.0354 -0.0333 -0.0388 15  DC  B "C2'" 
357 C  "C1'" . DC  B 8  ? 0.4325 0.2008 0.4286 -0.0482 -0.0277 -0.0502 15  DC  B "C1'" 
358 N  N1    . DC  B 8  ? 0.4266 0.1865 0.3885 -0.0384 0.0020  -0.0329 15  DC  B N1    
359 C  C2    . DC  B 8  ? 0.3365 0.1883 0.2827 -0.0049 0.0295  -0.0948 15  DC  B C2    
360 O  O2    . DC  B 8  ? 0.3501 0.2038 0.3186 0.0076  0.0365  -0.0702 15  DC  B O2    
361 N  N3    . DC  B 8  ? 0.3092 0.1533 0.2625 0.0275  0.0273  -0.1226 15  DC  B N3    
362 C  C4    . DC  B 8  ? 0.3135 0.1513 0.2342 0.0465  0.0184  -0.1240 15  DC  B C4    
363 N  N4    . DC  B 8  ? 0.3224 0.1711 0.2372 0.0554  0.0568  -0.1403 15  DC  B N4    
364 C  C5    . DC  B 8  ? 0.3677 0.1485 0.2565 0.0609  -0.0043 -0.1421 15  DC  B C5    
365 C  C6    . DC  B 8  ? 0.4214 0.2574 0.2980 -0.0117 -0.0208 -0.0649 15  DC  B C6    
366 P  P     . DC  B 9  ? 0.5614 0.2764 0.5257 -0.0308 -0.0929 -0.0991 16  DC  B P     
367 O  OP1   . DC  B 9  ? 0.6733 0.3892 0.4888 -0.1820 -0.1334 -0.0838 16  DC  B OP1   
368 O  OP2   . DC  B 9  ? 0.6275 0.2776 0.4652 0.1010  -0.1203 -0.1265 16  DC  B OP2   
369 O  "O5'" . DC  B 9  ? 0.4409 0.2657 0.3681 -0.0733 -0.0344 -0.0892 16  DC  B "O5'" 
370 C  "C5'" . DC  B 9  ? 0.4682 0.2529 0.3813 -0.0562 -0.0054 -0.0667 16  DC  B "C5'" 
371 C  "C4'" . DC  B 9  ? 0.4290 0.2269 0.3658 -0.0609 0.0026  -0.0951 16  DC  B "C4'" 
372 O  "O4'" . DC  B 9  ? 0.4604 0.2849 0.2992 -0.1142 0.0248  -0.1024 16  DC  B "O4'" 
373 C  "C3'" . DC  B 9  ? 0.4897 0.2430 0.3858 -0.0554 -0.0560 -0.0712 16  DC  B "C3'" 
374 O  "O3'" . DC  B 9  ? 0.4857 0.2156 0.3398 0.0146  -0.0456 -0.1180 16  DC  B "O3'" 
375 C  "C2'" . DC  B 9  ? 0.4269 0.3320 0.4074 -0.0689 -0.0035 0.0081  16  DC  B "C2'" 
376 C  "C1'" . DC  B 9  ? 0.4525 0.2416 0.4392 -0.1004 -0.0090 -0.0351 16  DC  B "C1'" 
377 N  N1    . DC  B 9  ? 0.4516 0.1965 0.2941 -0.0384 -0.0231 -0.0604 16  DC  B N1    
378 C  C2    . DC  B 9  ? 0.3956 0.1678 0.2488 -0.0117 0.0137  -0.0903 16  DC  B C2    
379 O  O2    . DC  B 9  ? 0.3795 0.2189 0.2600 0.0213  0.0165  -0.0915 16  DC  B O2    
380 N  N3    . DC  B 9  ? 0.3886 0.1724 0.2071 0.0612  0.0399  -0.1311 16  DC  B N3    
381 C  C4    . DC  B 9  ? 0.3894 0.1525 0.1893 0.0343  0.0167  -0.1184 16  DC  B C4    
382 N  N4    . DC  B 9  ? 0.4002 0.2194 0.2263 0.0257  0.0422  -0.1077 16  DC  B N4    
383 C  C5    . DC  B 9  ? 0.4209 0.1896 0.2144 0.0027  0.0130  -0.1017 16  DC  B C5    
384 C  C6    . DC  B 9  ? 0.4281 0.2132 0.2576 -0.0329 -0.0117 -0.0786 16  DC  B C6    
385 P  P     . DT  B 10 ? 0.5197 0.3133 0.3246 -0.0605 -0.0274 -0.1406 17  DT  B P     
386 O  OP1   . DT  B 10 ? 0.5202 0.4749 0.4538 -0.1029 -0.0634 -0.0304 17  DT  B OP1   
387 O  OP2   . DT  B 10 ? 0.6750 0.3886 0.2879 0.0292  0.0055  -0.1807 17  DT  B OP2   
388 O  "O5'" . DT  B 10 ? 0.5214 0.2933 0.4445 -0.0615 -0.0569 -0.1057 17  DT  B "O5'" 
389 C  "C5'" . DT  B 10 ? 0.4556 0.3549 0.4490 -0.0461 -0.0390 -0.0540 17  DT  B "C5'" 
390 C  "C4'" . DT  B 10 ? 0.4560 0.2155 0.3118 -0.0135 -0.0406 -0.1585 17  DT  B "C4'" 
391 O  "O4'" . DT  B 10 ? 0.4942 0.2393 0.3490 -0.0528 -0.0835 -0.1240 17  DT  B "O4'" 
392 C  "C3'" . DT  B 10 ? 0.4380 0.3311 0.3096 0.0293  0.0172  -0.1019 17  DT  B "C3'" 
393 O  "O3'" . DT  B 10 ? 0.6392 0.4445 0.2769 -0.0108 -0.0682 -0.0559 17  DT  B "O3'" 
394 C  "C2'" . DT  B 10 ? 0.4451 0.3394 0.2923 0.0195  -0.0179 -0.0792 17  DT  B "C2'" 
395 C  "C1'" . DT  B 10 ? 0.4900 0.3231 0.3303 0.0171  -0.0359 -0.1173 17  DT  B "C1'" 
396 N  N1    . DT  B 10 ? 0.5250 0.1438 0.2273 0.0186  -0.0769 -0.1266 17  DT  B N1    
397 C  C2    . DT  B 10 ? 0.4710 0.1896 0.2164 0.0390  -0.0183 -0.1659 17  DT  B C2    
398 O  O2    . DT  B 10 ? 0.5676 0.2279 0.2856 0.0553  -0.0347 -0.1140 17  DT  B O2    
399 N  N3    . DT  B 10 ? 0.4651 0.1429 0.2321 0.0391  0.0412  -0.1026 17  DT  B N3    
400 C  C4    . DT  B 10 ? 0.4392 0.1532 0.1787 0.0717  0.0492  -0.1198 17  DT  B C4    
401 O  O4    . DT  B 10 ? 0.4678 0.2499 0.2656 0.1086  0.0698  -0.0869 17  DT  B O4    
402 C  C5    . DT  B 10 ? 0.4454 0.2014 0.2101 0.0354  -0.0070 -0.0845 17  DT  B C5    
403 C  C7    . DT  B 10 ? 0.3855 0.2204 0.2769 0.0431  0.0086  -0.0580 17  DT  B C7    
404 C  C6    . DT  B 10 ? 0.4238 0.1243 0.2849 0.0097  -0.0080 -0.1439 17  DT  B C6    
405 C  C2    . SPD C .  ? 0.4561 0.4071 0.3904 0.0939  0.0173  -0.0222 101 SPD A C2    
406 C  C3    . SPD C .  ? 0.4058 0.4052 0.3694 0.0083  0.0154  -0.0157 101 SPD A C3    
407 C  C4    . SPD C .  ? 0.4121 0.4191 0.3590 0.0070  0.0082  -0.0127 101 SPD A C4    
408 C  C5    . SPD C .  ? 0.3955 0.3809 0.3379 -0.0038 0.0292  -0.0218 101 SPD A C5    
409 N  N6    . SPD C .  ? 0.4106 0.3810 0.4081 -0.0110 0.0363  -0.0294 101 SPD A N6    
410 C  C7    . SPD C .  ? 0.4231 0.3893 0.3909 -0.0122 0.0267  -0.0016 101 SPD A C7    
411 C  C8    . SPD C .  ? 0.3783 0.3802 0.4145 0.0169  -0.0051 -0.0178 101 SPD A C8    
412 C  C9    . SPD C .  ? 0.3778 0.3977 0.3634 0.0317  0.0120  -0.0445 101 SPD A C9    
413 N  N10   . SPD C .  ? 0.4086 0.4360 0.4307 0.0034  0.0126  -0.0181 101 SPD A N10   
414 ZN ZN    . ZN  D .  ? 0.3189 0.1810 0.2407 0.0222  0.0473  -0.1254 102 ZN  A ZN    
415 ZN ZN    . ZN  E .  ? 0.3494 0.4008 0.3402 0.0327  0.0429  -0.0960 101 ZN  B ZN    
416 ZN ZN    . ZN  F .  ? 0.3138 0.1612 0.2405 0.0189  0.0061  -0.1133 102 ZN  B ZN    
417 O  O     . HOH G .  ? 0.3331 0.3577 0.4062 0.0207  0.0285  -0.0493 201 HOH A O     
418 O  O     . HOH G .  ? 0.4904 0.3865 0.5244 0.0814  0.0490  -0.2782 202 HOH A O     
419 O  O     . HOH G .  ? 0.4443 0.4138 0.3930 -0.0451 0.0048  -0.1953 203 HOH A O     
420 O  O     . HOH G .  ? 0.3131 0.1721 0.2555 0.0314  0.0273  -0.1003 204 HOH A O     
421 O  O     . HOH G .  ? 0.4344 0.4611 0.4440 -0.0564 -0.0487 0.0040  205 HOH A O     
422 O  O     . HOH G .  ? 0.3524 0.2236 0.2643 0.0309  0.0721  -0.1423 206 HOH A O     
423 O  O     . HOH G .  ? 0.6823 0.4244 0.2959 0.2239  -0.0123 -0.1602 207 HOH A O     
424 O  O     . HOH G .  ? 0.5734 0.3336 0.2558 -0.0165 0.0922  -0.1539 208 HOH A O     
425 O  O     . HOH G .  ? 0.4796 0.3552 0.5726 0.1394  0.0058  -0.0446 209 HOH A O     
426 O  O     . HOH G .  ? 0.5080 0.4413 0.3419 -0.0197 -0.0668 0.0113  210 HOH A O     
427 O  O     . HOH G .  ? 0.4291 0.4218 0.4003 -0.0345 -0.0138 -0.1636 211 HOH A O     
428 O  O     . HOH G .  ? 0.4711 0.5055 0.3906 0.0084  -0.0429 -0.0671 212 HOH A O     
429 O  O     . HOH G .  ? 0.5571 0.3764 0.5880 -0.0504 0.0342  -0.1049 213 HOH A O     
430 O  O     . HOH G .  ? 0.5016 0.3708 0.8525 0.0529  -0.0696 -0.2084 214 HOH A O     
431 O  O     . HOH G .  ? 0.5593 0.3242 0.4943 -0.0049 0.1046  -0.1007 215 HOH A O     
432 O  O     . HOH G .  ? 0.5652 0.6599 0.3693 0.0180  -0.1491 -0.1751 216 HOH A O     
433 O  O     . HOH G .  ? 0.4348 0.4139 0.6586 0.0686  0.0123  -0.0177 217 HOH A O     
434 O  O     . HOH G .  ? 0.5480 0.7035 0.3329 -0.1352 0.0501  -0.0424 218 HOH A O     
435 O  O     . HOH G .  ? 0.4072 0.3951 0.8987 0.0521  -0.0560 0.0291  219 HOH A O     
436 O  O     . HOH G .  ? 0.4916 0.3230 0.3655 -0.0704 -0.0634 0.0159  220 HOH A O     
437 O  O     . HOH G .  ? 0.3519 0.1840 0.2828 0.0123  0.0462  -0.1230 221 HOH A O     
438 O  O     . HOH G .  ? 0.3523 0.2454 0.3724 0.0448  0.1165  -0.1184 222 HOH A O     
439 O  O     . HOH G .  ? 0.3332 0.1741 0.2780 0.0213  0.0241  -0.1224 223 HOH A O     
440 O  O     . HOH G .  ? 0.8252 0.5225 0.3993 0.0275  -0.0676 -0.1692 224 HOH A O     
441 O  O     . HOH G .  ? 0.3988 0.1966 0.3942 0.0314  0.0417  -0.1049 225 HOH A O     
442 O  O     . HOH G .  ? 0.8545 0.3994 0.4697 0.0356  -0.1311 -0.0843 226 HOH A O     
443 O  O     . HOH G .  ? 0.3308 0.2455 0.2260 0.0739  0.0631  -0.1263 227 HOH A O     
444 O  O     . HOH G .  ? 0.5593 1.0308 0.4832 -0.0051 0.1867  0.1832  228 HOH A O     
445 O  O     . HOH G .  ? 0.5813 0.5172 0.5130 -0.0056 0.0952  -0.2102 229 HOH A O     
446 O  O     . HOH G .  ? 0.7654 0.3217 0.7169 0.1709  -0.1854 -0.1390 230 HOH A O     
447 O  O     . HOH G .  ? 0.5270 0.3504 0.4029 0.0059  -0.0486 -0.0943 231 HOH A O     
448 O  O     . HOH G .  ? 1.4440 0.9121 1.2809 0.4242  0.7695  0.4404  232 HOH A O     
449 O  O     . HOH G .  ? 0.4045 0.7789 0.6753 0.2529  0.0576  -0.2671 233 HOH A O     
450 O  O     . HOH G .  ? 0.5646 0.5642 0.5947 -0.0381 0.1528  -0.2733 234 HOH A O     
451 O  O     . HOH G .  ? 0.5401 0.4260 0.4592 0.0071  0.0731  -0.1591 235 HOH A O     
452 O  O     . HOH G .  ? 1.7920 0.6600 1.1967 0.1284  0.1860  -0.5517 236 HOH A O     
453 O  O     . HOH G .  ? 0.4317 0.4070 0.2504 0.0449  0.0323  -0.1420 237 HOH A O     
454 O  O     . HOH G .  ? 0.5611 0.5032 0.2374 0.1330  0.1165  -0.0425 238 HOH A O     
455 O  O     . HOH G .  ? 0.5862 0.5152 0.4596 -0.0986 -0.0116 -0.2448 239 HOH A O     
456 O  O     . HOH G .  ? 0.5221 0.4441 0.5547 0.0434  -0.0039 -0.0831 240 HOH A O     
457 O  O     . HOH G .  ? 0.6298 0.4701 0.8496 -0.0812 -0.2099 -0.1423 241 HOH A O     
458 O  O     . HOH G .  ? 0.3029 0.2072 0.3346 0.0402  0.0447  -0.1141 242 HOH A O     
459 O  O     . HOH G .  ? 0.7954 0.7628 1.0414 0.3370  0.1990  0.0181  243 HOH A O     
460 O  O     . HOH G .  ? 0.5510 0.5018 0.3933 -0.0979 0.0588  -0.1792 244 HOH A O     
461 O  O     . HOH G .  ? 0.4404 0.7815 0.4169 -0.1293 0.0114  0.1183  245 HOH A O     
462 O  O     . HOH G .  ? 0.9016 1.2705 1.0540 -0.0830 0.3761  -0.7920 246 HOH A O     
463 O  O     . HOH G .  ? 0.6043 0.4394 0.4888 0.1371  0.0432  -0.1919 247 HOH A O     
464 O  O     . HOH G .  ? 0.6203 0.4238 0.6995 0.0340  -0.1420 -0.3484 248 HOH A O     
465 O  O     . HOH G .  ? 0.9376 0.5395 0.6680 -0.0310 0.0203  -0.0876 249 HOH A O     
466 O  O     . HOH G .  ? 2.4926 1.0779 0.9298 0.4437  0.0321  -0.3864 250 HOH A O     
467 O  O     . HOH G .  ? 1.4301 0.8714 0.9779 0.2790  0.3487  -0.4241 251 HOH A O     
468 O  O     . HOH H .  ? 0.4581 0.3840 0.4192 0.1235  0.0702  -0.1410 201 HOH B O     
469 O  O     . HOH H .  ? 0.5215 0.4150 0.2908 -0.0060 0.0254  -0.1261 202 HOH B O     
470 O  O     . HOH H .  ? 0.4589 0.7889 0.7048 0.2836  0.0999  -0.0146 203 HOH B O     
471 O  O     . HOH H .  ? 0.4302 0.3813 0.2886 -0.0720 -0.0285 -0.0397 204 HOH B O     
472 O  O     . HOH H .  ? 1.3353 0.6508 0.7557 0.4401  0.1498  -0.1861 205 HOH B O     
473 O  O     . HOH H .  ? 0.4917 0.2415 0.3209 -0.0239 0.0616  -0.0836 206 HOH B O     
474 O  O     . HOH H .  ? 0.4624 0.3541 0.3168 -0.1104 -0.0410 -0.0152 207 HOH B O     
475 O  O     . HOH H .  ? 0.2571 0.4391 0.3086 0.0571  0.0476  -0.2012 208 HOH B O     
476 O  O     . HOH H .  ? 0.3965 0.2655 0.3535 0.1623  0.0402  -0.1287 209 HOH B O     
477 O  O     . HOH H .  ? 0.6280 0.3690 0.4318 0.1139  0.0784  -0.2043 210 HOH B O     
478 O  O     . HOH H .  ? 0.6041 0.6199 0.4720 -0.1752 -0.1146 0.1511  211 HOH B O     
479 O  O     . HOH H .  ? 0.4262 0.5104 0.3024 -0.0272 0.0495  0.0247  212 HOH B O     
480 O  O     . HOH H .  ? 0.6118 0.4349 0.4523 -0.1013 -0.0107 -0.1651 213 HOH B O     
481 O  O     . HOH H .  ? 0.6827 0.5744 0.5730 -0.0433 0.1784  -0.1329 214 HOH B O     
482 O  O     . HOH H .  ? 0.5535 0.6092 0.6025 0.1405  0.0744  -0.2892 215 HOH B O     
483 O  O     . HOH H .  ? 0.4581 0.2498 0.5781 0.0755  -0.1618 -0.0477 216 HOH B O     
484 O  O     . HOH H .  ? 0.7617 0.4697 0.5249 0.0650  0.1363  -0.1686 217 HOH B O     
485 O  O     . HOH H .  ? 0.6821 0.4695 0.3498 -0.1303 -0.0989 0.0176  218 HOH B O     
486 O  O     . HOH H .  ? 0.4534 0.3204 0.3488 0.0789  0.1030  -0.0128 219 HOH B O     
487 O  O     . HOH H .  ? 0.4026 0.3544 0.3309 0.0943  0.0541  -0.0773 220 HOH B O     
488 O  O     . HOH H .  ? 0.6058 0.6751 0.3931 -0.1581 0.0912  -0.2075 221 HOH B O     
489 O  O     . HOH H .  ? 0.4128 0.3411 0.4065 -0.0075 -0.0093 -0.0055 222 HOH B O     
490 O  O     . HOH H .  ? 0.6017 0.4524 0.5841 -0.1358 -0.1759 0.0114  223 HOH B O     
491 O  O     . HOH H .  ? 0.4608 0.7014 0.5125 0.0863  -0.0335 0.1014  224 HOH B O     
492 O  O     . HOH H .  ? 0.3316 1.0823 0.3382 0.0292  0.0782  0.1145  225 HOH B O     
493 O  O     . HOH H .  ? 0.4147 0.2434 0.3393 -0.0156 0.0208  -0.1171 226 HOH B O     
494 O  O     . HOH H .  ? 0.9336 0.5040 0.6766 -0.0585 0.1529  -0.1630 227 HOH B O     
495 O  O     . HOH H .  ? 0.5833 0.4031 0.5195 0.1128  0.0189  -0.2667 228 HOH B O     
496 O  O     . HOH H .  ? 0.6372 0.4441 0.4795 0.0957  -0.0709 -0.1976 229 HOH B O     
497 O  O     . HOH H .  ? 1.0803 0.4233 0.5446 0.1173  -0.3174 -0.1227 230 HOH B O     
498 O  O     . HOH H .  ? 0.6405 0.6093 0.3989 0.3262  -0.0842 -0.1773 231 HOH B O     
499 O  O     . HOH H .  ? 0.7444 0.9336 0.8165 0.4500  -0.0609 -0.1267 232 HOH B O     
500 O  O     . HOH H .  ? 0.5554 0.3895 0.5494 0.0996  0.0964  -0.0646 233 HOH B O     
501 O  O     . HOH H .  ? 0.6128 0.2715 0.5305 -0.0324 -0.0598 -0.0089 234 HOH B O     
502 O  O     . HOH H .  ? 1.0484 0.7435 0.2869 -0.4215 0.0050  0.0620  235 HOH B O     
503 O  O     . HOH H .  ? 1.0768 0.7853 0.5298 0.1060  0.1956  -0.0056 236 HOH B O     
504 O  O     . HOH H .  ? 0.3553 0.4192 0.4958 -0.0947 -0.0380 -0.0934 237 HOH B O     
505 O  O     . HOH H .  ? 0.8981 0.7599 0.5132 0.0485  0.1324  -0.1515 238 HOH B O     
506 O  O     . HOH H .  ? 0.4295 0.9279 0.4752 -0.1646 0.0755  -0.0189 239 HOH B O     
507 O  O     . HOH H .  ? 2.3350 0.6774 0.6990 0.0766  -0.2574 0.0756  240 HOH B O     
508 O  O     . HOH H .  ? 0.7941 0.9462 0.8107 -0.1313 0.1516  0.0121  241 HOH B O     
509 O  O     . HOH H .  ? 1.3000 0.3686 1.0647 0.3628  0.2951  -0.1738 242 HOH B O     
510 O  O     . HOH H .  ? 0.4791 0.3809 0.9653 0.0307  -0.0839 -0.2635 243 HOH B O     
511 O  O     . HOH H .  ? 0.4580 0.5698 0.7515 0.0719  0.0250  -0.0616 244 HOH B O     
512 O  O     . HOH H .  ? 0.6428 1.0218 0.6436 -0.0151 0.1038  -0.2922 245 HOH B O     
# 
